data_2HKV
# 
_entry.id   2HKV 
# 
_audit_conform.dict_name       mmcif_pdbx.dic 
_audit_conform.dict_version    5.397 
_audit_conform.dict_location   http://mmcif.pdb.org/dictionaries/ascii/mmcif_pdbx.dic 
# 
loop_
_database_2.database_id 
_database_2.database_code 
_database_2.pdbx_database_accession 
_database_2.pdbx_DOI 
PDB   2HKV         pdb_00002hkv 10.2210/pdb2hkv/pdb 
RCSB  RCSB038462   ?            ?                   
WWPDB D_1000038462 ?            ?                   
# 
loop_
_pdbx_audit_revision_history.ordinal 
_pdbx_audit_revision_history.data_content_type 
_pdbx_audit_revision_history.major_revision 
_pdbx_audit_revision_history.minor_revision 
_pdbx_audit_revision_history.revision_date 
1 'Structure model' 1 0 2006-08-15 
2 'Structure model' 1 1 2008-05-01 
3 'Structure model' 1 2 2011-07-13 
4 'Structure model' 1 3 2016-12-14 
5 'Structure model' 1 4 2017-10-18 
6 'Structure model' 1 5 2023-01-25 
7 'Structure model' 1 6 2024-10-30 
# 
_pdbx_audit_revision_details.ordinal             1 
_pdbx_audit_revision_details.revision_ordinal    1 
_pdbx_audit_revision_details.data_content_type   'Structure model' 
_pdbx_audit_revision_details.provider            repository 
_pdbx_audit_revision_details.type                'Initial release' 
_pdbx_audit_revision_details.description         ? 
_pdbx_audit_revision_details.details             ? 
# 
loop_
_pdbx_audit_revision_group.ordinal 
_pdbx_audit_revision_group.revision_ordinal 
_pdbx_audit_revision_group.data_content_type 
_pdbx_audit_revision_group.group 
1  2 'Structure model' 'Version format compliance' 
2  3 'Structure model' Advisory                    
3  3 'Structure model' 'Derived calculations'      
4  3 'Structure model' 'Source and taxonomy'       
5  3 'Structure model' 'Version format compliance' 
6  4 'Structure model' Other                       
7  5 'Structure model' 'Refinement description'    
8  6 'Structure model' 'Database references'       
9  6 'Structure model' 'Derived calculations'      
10 7 'Structure model' 'Data collection'           
11 7 'Structure model' 'Structure summary'         
# 
loop_
_pdbx_audit_revision_category.ordinal 
_pdbx_audit_revision_category.revision_ordinal 
_pdbx_audit_revision_category.data_content_type 
_pdbx_audit_revision_category.category 
1  5 'Structure model' software                  
2  6 'Structure model' database_2                
3  6 'Structure model' pdbx_struct_conn_angle    
4  6 'Structure model' struct_conn               
5  6 'Structure model' struct_ref_seq_dif        
6  6 'Structure model' struct_site               
7  7 'Structure model' chem_comp_atom            
8  7 'Structure model' chem_comp_bond            
9  7 'Structure model' pdbx_entry_details        
10 7 'Structure model' pdbx_modification_feature 
# 
loop_
_pdbx_audit_revision_item.ordinal 
_pdbx_audit_revision_item.revision_ordinal 
_pdbx_audit_revision_item.data_content_type 
_pdbx_audit_revision_item.item 
1  5 'Structure model' '_software.classification'                    
2  5 'Structure model' '_software.name'                              
3  6 'Structure model' '_database_2.pdbx_DOI'                        
4  6 'Structure model' '_database_2.pdbx_database_accession'         
5  6 'Structure model' '_pdbx_struct_conn_angle.ptnr1_auth_comp_id'  
6  6 'Structure model' '_pdbx_struct_conn_angle.ptnr1_auth_seq_id'   
7  6 'Structure model' '_pdbx_struct_conn_angle.ptnr1_label_asym_id' 
8  6 'Structure model' '_pdbx_struct_conn_angle.ptnr1_label_atom_id' 
9  6 'Structure model' '_pdbx_struct_conn_angle.ptnr1_label_comp_id' 
10 6 'Structure model' '_pdbx_struct_conn_angle.ptnr1_label_seq_id'  
11 6 'Structure model' '_pdbx_struct_conn_angle.ptnr3_auth_comp_id'  
12 6 'Structure model' '_pdbx_struct_conn_angle.ptnr3_auth_seq_id'   
13 6 'Structure model' '_pdbx_struct_conn_angle.ptnr3_label_asym_id' 
14 6 'Structure model' '_pdbx_struct_conn_angle.ptnr3_label_atom_id' 
15 6 'Structure model' '_pdbx_struct_conn_angle.ptnr3_label_comp_id' 
16 6 'Structure model' '_pdbx_struct_conn_angle.ptnr3_label_seq_id'  
17 6 'Structure model' '_pdbx_struct_conn_angle.value'               
18 6 'Structure model' '_struct_conn.pdbx_dist_value'                
19 6 'Structure model' '_struct_conn.pdbx_leaving_atom_flag'         
20 6 'Structure model' '_struct_conn.ptnr1_auth_comp_id'             
21 6 'Structure model' '_struct_conn.ptnr1_auth_seq_id'              
22 6 'Structure model' '_struct_conn.ptnr1_label_asym_id'            
23 6 'Structure model' '_struct_conn.ptnr1_label_atom_id'            
24 6 'Structure model' '_struct_conn.ptnr1_label_comp_id'            
25 6 'Structure model' '_struct_conn.ptnr1_label_seq_id'             
26 6 'Structure model' '_struct_conn.ptnr2_auth_comp_id'             
27 6 'Structure model' '_struct_conn.ptnr2_auth_seq_id'              
28 6 'Structure model' '_struct_conn.ptnr2_label_asym_id'            
29 6 'Structure model' '_struct_conn.ptnr2_label_atom_id'            
30 6 'Structure model' '_struct_conn.ptnr2_label_comp_id'            
31 6 'Structure model' '_struct_conn.ptnr2_label_seq_id'             
32 6 'Structure model' '_struct_ref_seq_dif.details'                 
33 6 'Structure model' '_struct_site.pdbx_auth_asym_id'              
34 6 'Structure model' '_struct_site.pdbx_auth_comp_id'              
35 6 'Structure model' '_struct_site.pdbx_auth_seq_id'               
# 
_pdbx_database_status.SG_entry                        Y 
_pdbx_database_status.entry_id                        2HKV 
_pdbx_database_status.deposit_site                    RCSB 
_pdbx_database_status.process_site                    RCSB 
_pdbx_database_status.recvd_initial_deposition_date   2006-07-05 
_pdbx_database_status.status_code                     REL 
_pdbx_database_status.status_code_sf                  REL 
_pdbx_database_status.status_code_mr                  ? 
_pdbx_database_status.status_code_cs                  ? 
_pdbx_database_status.methods_development_category    ? 
_pdbx_database_status.pdb_format_compatible           Y 
_pdbx_database_status.status_code_nmr_data            ? 
# 
_pdbx_database_related.db_name        TargetDB 
_pdbx_database_related.db_id          361006 
_pdbx_database_related.details        . 
_pdbx_database_related.content_type   unspecified 
# 
_audit_author.name           'Joint Center for Structural Genomics (JCSG)' 
_audit_author.pdbx_ordinal   1 
# 
_citation.id                        primary 
_citation.title                     
'Crystal structure of conserved hypothetical protein  RBL00553 (ZP_00537729.1) from EXIGUOBACTERIUM SP. 255-15 at 1.70 A resolution' 
_citation.journal_abbrev            'To be published' 
_citation.journal_volume            ? 
_citation.page_first                ? 
_citation.page_last                 ? 
_citation.year                      ? 
_citation.journal_id_ASTM           ? 
_citation.country                   ? 
_citation.journal_id_ISSN           ? 
_citation.journal_id_CSD            0353 
_citation.book_publisher            ? 
_citation.pdbx_database_id_PubMed   ? 
_citation.pdbx_database_id_DOI      ? 
# 
_citation_author.citation_id        primary 
_citation_author.name               'Joint Center for Structural Genomics (JCSG)' 
_citation_author.ordinal            1 
_citation_author.identifier_ORCID   ? 
# 
loop_
_entity.id 
_entity.type 
_entity.src_method 
_entity.pdbx_description 
_entity.formula_weight 
_entity.pdbx_number_of_molecules 
_entity.pdbx_ec 
_entity.pdbx_mutation 
_entity.pdbx_fragment 
_entity.details 
1 polymer     man 'Hypothetical protein' 17371.043 1  ? ? ? ? 
2 non-polymer syn 'NICKEL (II) ION'      58.693    1  ? ? ? ? 
3 non-polymer syn 'CHLORIDE ION'         35.453    3  ? ? ? ? 
4 water       nat water                  18.015    65 ? ? ? ? 
# 
_entity_poly.entity_id                      1 
_entity_poly.type                           'polypeptide(L)' 
_entity_poly.nstd_linkage                   no 
_entity_poly.nstd_monomer                   yes 
_entity_poly.pdbx_seq_one_letter_code       
;G(MSE)TDWQQALDRHVGVGVRTTRDLIRLIQPEDWDKRPISGKRSVYEVAVHLAVLLEADLRIATGATADE(MSE)AQF
YAVPVLPEQLVDRLDQSWQYYQDRL(MSE)ADFSTETTYWGVTDSTTGWLLEAAVHLYHHRSQLLDYLNLLGYDIKLDLF
E
;
_entity_poly.pdbx_seq_one_letter_code_can   
;GMTDWQQALDRHVGVGVRTTRDLIRLIQPEDWDKRPISGKRSVYEVAVHLAVLLEADLRIATGATADEMAQFYAVPVLPE
QLVDRLDQSWQYYQDRLMADFSTETTYWGVTDSTTGWLLEAAVHLYHHRSQLLDYLNLLGYDIKLDLFE
;
_entity_poly.pdbx_strand_id                 A 
_entity_poly.pdbx_target_identifier         361006 
# 
loop_
_pdbx_entity_nonpoly.entity_id 
_pdbx_entity_nonpoly.name 
_pdbx_entity_nonpoly.comp_id 
2 'NICKEL (II) ION' NI  
3 'CHLORIDE ION'    CL  
4 water             HOH 
# 
loop_
_entity_poly_seq.entity_id 
_entity_poly_seq.num 
_entity_poly_seq.mon_id 
_entity_poly_seq.hetero 
1 1   GLY n 
1 2   MSE n 
1 3   THR n 
1 4   ASP n 
1 5   TRP n 
1 6   GLN n 
1 7   GLN n 
1 8   ALA n 
1 9   LEU n 
1 10  ASP n 
1 11  ARG n 
1 12  HIS n 
1 13  VAL n 
1 14  GLY n 
1 15  VAL n 
1 16  GLY n 
1 17  VAL n 
1 18  ARG n 
1 19  THR n 
1 20  THR n 
1 21  ARG n 
1 22  ASP n 
1 23  LEU n 
1 24  ILE n 
1 25  ARG n 
1 26  LEU n 
1 27  ILE n 
1 28  GLN n 
1 29  PRO n 
1 30  GLU n 
1 31  ASP n 
1 32  TRP n 
1 33  ASP n 
1 34  LYS n 
1 35  ARG n 
1 36  PRO n 
1 37  ILE n 
1 38  SER n 
1 39  GLY n 
1 40  LYS n 
1 41  ARG n 
1 42  SER n 
1 43  VAL n 
1 44  TYR n 
1 45  GLU n 
1 46  VAL n 
1 47  ALA n 
1 48  VAL n 
1 49  HIS n 
1 50  LEU n 
1 51  ALA n 
1 52  VAL n 
1 53  LEU n 
1 54  LEU n 
1 55  GLU n 
1 56  ALA n 
1 57  ASP n 
1 58  LEU n 
1 59  ARG n 
1 60  ILE n 
1 61  ALA n 
1 62  THR n 
1 63  GLY n 
1 64  ALA n 
1 65  THR n 
1 66  ALA n 
1 67  ASP n 
1 68  GLU n 
1 69  MSE n 
1 70  ALA n 
1 71  GLN n 
1 72  PHE n 
1 73  TYR n 
1 74  ALA n 
1 75  VAL n 
1 76  PRO n 
1 77  VAL n 
1 78  LEU n 
1 79  PRO n 
1 80  GLU n 
1 81  GLN n 
1 82  LEU n 
1 83  VAL n 
1 84  ASP n 
1 85  ARG n 
1 86  LEU n 
1 87  ASP n 
1 88  GLN n 
1 89  SER n 
1 90  TRP n 
1 91  GLN n 
1 92  TYR n 
1 93  TYR n 
1 94  GLN n 
1 95  ASP n 
1 96  ARG n 
1 97  LEU n 
1 98  MSE n 
1 99  ALA n 
1 100 ASP n 
1 101 PHE n 
1 102 SER n 
1 103 THR n 
1 104 GLU n 
1 105 THR n 
1 106 THR n 
1 107 TYR n 
1 108 TRP n 
1 109 GLY n 
1 110 VAL n 
1 111 THR n 
1 112 ASP n 
1 113 SER n 
1 114 THR n 
1 115 THR n 
1 116 GLY n 
1 117 TRP n 
1 118 LEU n 
1 119 LEU n 
1 120 GLU n 
1 121 ALA n 
1 122 ALA n 
1 123 VAL n 
1 124 HIS n 
1 125 LEU n 
1 126 TYR n 
1 127 HIS n 
1 128 HIS n 
1 129 ARG n 
1 130 SER n 
1 131 GLN n 
1 132 LEU n 
1 133 LEU n 
1 134 ASP n 
1 135 TYR n 
1 136 LEU n 
1 137 ASN n 
1 138 LEU n 
1 139 LEU n 
1 140 GLY n 
1 141 TYR n 
1 142 ASP n 
1 143 ILE n 
1 144 LYS n 
1 145 LEU n 
1 146 ASP n 
1 147 LEU n 
1 148 PHE n 
1 149 GLU n 
# 
_entity_src_gen.entity_id                          1 
_entity_src_gen.pdbx_src_id                        1 
_entity_src_gen.pdbx_alt_source_flag               sample 
_entity_src_gen.pdbx_seq_type                      ? 
_entity_src_gen.pdbx_beg_seq_num                   ? 
_entity_src_gen.pdbx_end_seq_num                   ? 
_entity_src_gen.gene_src_common_name               ? 
_entity_src_gen.gene_src_genus                     Exiguobacterium 
_entity_src_gen.pdbx_gene_src_gene                 ZP_00537729.1 
_entity_src_gen.gene_src_species                   'Exiguobacterium sibiricum' 
_entity_src_gen.gene_src_strain                    255-15 
_entity_src_gen.gene_src_tissue                    ? 
_entity_src_gen.gene_src_tissue_fraction           ? 
_entity_src_gen.gene_src_details                   ? 
_entity_src_gen.pdbx_gene_src_fragment             ? 
_entity_src_gen.pdbx_gene_src_scientific_name      'Exiguobacterium sibiricum' 
_entity_src_gen.pdbx_gene_src_ncbi_taxonomy_id     262543 
_entity_src_gen.pdbx_gene_src_variant              ? 
_entity_src_gen.pdbx_gene_src_cell_line            ? 
_entity_src_gen.pdbx_gene_src_atcc                 ? 
_entity_src_gen.pdbx_gene_src_organ                ? 
_entity_src_gen.pdbx_gene_src_organelle            ? 
_entity_src_gen.pdbx_gene_src_cell                 ? 
_entity_src_gen.pdbx_gene_src_cellular_location    ? 
_entity_src_gen.host_org_common_name               ? 
_entity_src_gen.pdbx_host_org_scientific_name      'Escherichia coli' 
_entity_src_gen.pdbx_host_org_ncbi_taxonomy_id     562 
_entity_src_gen.host_org_genus                     Escherichia 
_entity_src_gen.pdbx_host_org_gene                 ? 
_entity_src_gen.pdbx_host_org_organ                ? 
_entity_src_gen.host_org_species                   ? 
_entity_src_gen.pdbx_host_org_tissue               ? 
_entity_src_gen.pdbx_host_org_tissue_fraction      ? 
_entity_src_gen.pdbx_host_org_strain               ? 
_entity_src_gen.pdbx_host_org_variant              ? 
_entity_src_gen.pdbx_host_org_cell_line            ? 
_entity_src_gen.pdbx_host_org_atcc                 ? 
_entity_src_gen.pdbx_host_org_culture_collection   ? 
_entity_src_gen.pdbx_host_org_cell                 ? 
_entity_src_gen.pdbx_host_org_organelle            ? 
_entity_src_gen.pdbx_host_org_cellular_location    ? 
_entity_src_gen.pdbx_host_org_vector_type          Plasmid 
_entity_src_gen.pdbx_host_org_vector               ? 
_entity_src_gen.host_org_details                   ? 
_entity_src_gen.expression_system_id               ? 
_entity_src_gen.plasmid_name                       ? 
_entity_src_gen.plasmid_details                    ? 
_entity_src_gen.pdbx_description                   ? 
# 
loop_
_chem_comp.id 
_chem_comp.type 
_chem_comp.mon_nstd_flag 
_chem_comp.name 
_chem_comp.pdbx_synonyms 
_chem_comp.formula 
_chem_comp.formula_weight 
ALA 'L-peptide linking' y ALANINE           ? 'C3 H7 N O2'     89.093  
ARG 'L-peptide linking' y ARGININE          ? 'C6 H15 N4 O2 1' 175.209 
ASN 'L-peptide linking' y ASPARAGINE        ? 'C4 H8 N2 O3'    132.118 
ASP 'L-peptide linking' y 'ASPARTIC ACID'   ? 'C4 H7 N O4'     133.103 
CL  non-polymer         . 'CHLORIDE ION'    ? 'Cl -1'          35.453  
GLN 'L-peptide linking' y GLUTAMINE         ? 'C5 H10 N2 O3'   146.144 
GLU 'L-peptide linking' y 'GLUTAMIC ACID'   ? 'C5 H9 N O4'     147.129 
GLY 'peptide linking'   y GLYCINE           ? 'C2 H5 N O2'     75.067  
HIS 'L-peptide linking' y HISTIDINE         ? 'C6 H10 N3 O2 1' 156.162 
HOH non-polymer         . WATER             ? 'H2 O'           18.015  
ILE 'L-peptide linking' y ISOLEUCINE        ? 'C6 H13 N O2'    131.173 
LEU 'L-peptide linking' y LEUCINE           ? 'C6 H13 N O2'    131.173 
LYS 'L-peptide linking' y LYSINE            ? 'C6 H15 N2 O2 1' 147.195 
MET 'L-peptide linking' y METHIONINE        ? 'C5 H11 N O2 S'  149.211 
MSE 'L-peptide linking' n SELENOMETHIONINE  ? 'C5 H11 N O2 Se' 196.106 
NI  non-polymer         . 'NICKEL (II) ION' ? 'Ni 2'           58.693  
PHE 'L-peptide linking' y PHENYLALANINE     ? 'C9 H11 N O2'    165.189 
PRO 'L-peptide linking' y PROLINE           ? 'C5 H9 N O2'     115.130 
SER 'L-peptide linking' y SERINE            ? 'C3 H7 N O3'     105.093 
THR 'L-peptide linking' y THREONINE         ? 'C4 H9 N O3'     119.119 
TRP 'L-peptide linking' y TRYPTOPHAN        ? 'C11 H12 N2 O2'  204.225 
TYR 'L-peptide linking' y TYROSINE          ? 'C9 H11 N O3'    181.189 
VAL 'L-peptide linking' y VALINE            ? 'C5 H11 N O2'    117.146 
# 
loop_
_pdbx_poly_seq_scheme.asym_id 
_pdbx_poly_seq_scheme.entity_id 
_pdbx_poly_seq_scheme.seq_id 
_pdbx_poly_seq_scheme.mon_id 
_pdbx_poly_seq_scheme.ndb_seq_num 
_pdbx_poly_seq_scheme.pdb_seq_num 
_pdbx_poly_seq_scheme.auth_seq_num 
_pdbx_poly_seq_scheme.pdb_mon_id 
_pdbx_poly_seq_scheme.auth_mon_id 
_pdbx_poly_seq_scheme.pdb_strand_id 
_pdbx_poly_seq_scheme.pdb_ins_code 
_pdbx_poly_seq_scheme.hetero 
A 1 1   GLY 1   0   0   GLY GLY A . n 
A 1 2   MSE 2   1   1   MSE MSE A . n 
A 1 3   THR 3   2   2   THR THR A . n 
A 1 4   ASP 4   3   3   ASP ASP A . n 
A 1 5   TRP 5   4   4   TRP TRP A . n 
A 1 6   GLN 6   5   5   GLN GLN A . n 
A 1 7   GLN 7   6   6   GLN GLN A . n 
A 1 8   ALA 8   7   7   ALA ALA A . n 
A 1 9   LEU 9   8   8   LEU LEU A . n 
A 1 10  ASP 10  9   9   ASP ASP A . n 
A 1 11  ARG 11  10  10  ARG ARG A . n 
A 1 12  HIS 12  11  11  HIS HIS A . n 
A 1 13  VAL 13  12  12  VAL VAL A . n 
A 1 14  GLY 14  13  13  GLY GLY A . n 
A 1 15  VAL 15  14  14  VAL VAL A . n 
A 1 16  GLY 16  15  15  GLY GLY A . n 
A 1 17  VAL 17  16  16  VAL VAL A . n 
A 1 18  ARG 18  17  17  ARG ARG A . n 
A 1 19  THR 19  18  18  THR THR A . n 
A 1 20  THR 20  19  19  THR THR A . n 
A 1 21  ARG 21  20  20  ARG ARG A . n 
A 1 22  ASP 22  21  21  ASP ASP A . n 
A 1 23  LEU 23  22  22  LEU LEU A . n 
A 1 24  ILE 24  23  23  ILE ILE A . n 
A 1 25  ARG 25  24  24  ARG ARG A . n 
A 1 26  LEU 26  25  25  LEU LEU A . n 
A 1 27  ILE 27  26  26  ILE ILE A . n 
A 1 28  GLN 28  27  27  GLN GLN A . n 
A 1 29  PRO 29  28  28  PRO PRO A . n 
A 1 30  GLU 30  29  29  GLU GLU A . n 
A 1 31  ASP 31  30  30  ASP ASP A . n 
A 1 32  TRP 32  31  31  TRP TRP A . n 
A 1 33  ASP 33  32  32  ASP ASP A . n 
A 1 34  LYS 34  33  33  LYS LYS A . n 
A 1 35  ARG 35  34  34  ARG ARG A . n 
A 1 36  PRO 36  35  35  PRO PRO A . n 
A 1 37  ILE 37  36  36  ILE ILE A . n 
A 1 38  SER 38  37  37  SER SER A . n 
A 1 39  GLY 39  38  38  GLY GLY A . n 
A 1 40  LYS 40  39  39  LYS LYS A . n 
A 1 41  ARG 41  40  40  ARG ARG A . n 
A 1 42  SER 42  41  41  SER SER A . n 
A 1 43  VAL 43  42  42  VAL VAL A . n 
A 1 44  TYR 44  43  43  TYR TYR A . n 
A 1 45  GLU 45  44  44  GLU GLU A . n 
A 1 46  VAL 46  45  45  VAL VAL A . n 
A 1 47  ALA 47  46  46  ALA ALA A . n 
A 1 48  VAL 48  47  47  VAL VAL A . n 
A 1 49  HIS 49  48  48  HIS HIS A . n 
A 1 50  LEU 50  49  49  LEU LEU A . n 
A 1 51  ALA 51  50  50  ALA ALA A . n 
A 1 52  VAL 52  51  51  VAL VAL A . n 
A 1 53  LEU 53  52  52  LEU LEU A . n 
A 1 54  LEU 54  53  53  LEU LEU A . n 
A 1 55  GLU 55  54  54  GLU GLU A . n 
A 1 56  ALA 56  55  55  ALA ALA A . n 
A 1 57  ASP 57  56  56  ASP ASP A . n 
A 1 58  LEU 58  57  57  LEU LEU A . n 
A 1 59  ARG 59  58  58  ARG ARG A . n 
A 1 60  ILE 60  59  59  ILE ILE A . n 
A 1 61  ALA 61  60  60  ALA ALA A . n 
A 1 62  THR 62  61  61  THR THR A . n 
A 1 63  GLY 63  62  62  GLY GLY A . n 
A 1 64  ALA 64  63  63  ALA ALA A . n 
A 1 65  THR 65  64  64  THR THR A . n 
A 1 66  ALA 66  65  65  ALA ALA A . n 
A 1 67  ASP 67  66  66  ASP ASP A . n 
A 1 68  GLU 68  67  67  GLU GLU A . n 
A 1 69  MSE 69  68  68  MSE MSE A . n 
A 1 70  ALA 70  69  69  ALA ALA A . n 
A 1 71  GLN 71  70  70  GLN GLN A . n 
A 1 72  PHE 72  71  71  PHE PHE A . n 
A 1 73  TYR 73  72  72  TYR TYR A . n 
A 1 74  ALA 74  73  73  ALA ALA A . n 
A 1 75  VAL 75  74  74  VAL VAL A . n 
A 1 76  PRO 76  75  75  PRO PRO A . n 
A 1 77  VAL 77  76  76  VAL VAL A . n 
A 1 78  LEU 78  77  77  LEU LEU A . n 
A 1 79  PRO 79  78  78  PRO PRO A . n 
A 1 80  GLU 80  79  79  GLU GLU A . n 
A 1 81  GLN 81  80  80  GLN GLN A . n 
A 1 82  LEU 82  81  81  LEU LEU A . n 
A 1 83  VAL 83  82  82  VAL VAL A . n 
A 1 84  ASP 84  83  83  ASP ASP A . n 
A 1 85  ARG 85  84  84  ARG ARG A . n 
A 1 86  LEU 86  85  85  LEU LEU A . n 
A 1 87  ASP 87  86  86  ASP ASP A . n 
A 1 88  GLN 88  87  87  GLN GLN A . n 
A 1 89  SER 89  88  88  SER SER A . n 
A 1 90  TRP 90  89  89  TRP TRP A . n 
A 1 91  GLN 91  90  90  GLN GLN A . n 
A 1 92  TYR 92  91  91  TYR TYR A . n 
A 1 93  TYR 93  92  92  TYR TYR A . n 
A 1 94  GLN 94  93  93  GLN GLN A . n 
A 1 95  ASP 95  94  94  ASP ASP A . n 
A 1 96  ARG 96  95  95  ARG ARG A . n 
A 1 97  LEU 97  96  96  LEU LEU A . n 
A 1 98  MSE 98  97  97  MSE MSE A . n 
A 1 99  ALA 99  98  98  ALA ALA A . n 
A 1 100 ASP 100 99  99  ASP ASP A . n 
A 1 101 PHE 101 100 100 PHE PHE A . n 
A 1 102 SER 102 101 101 SER SER A . n 
A 1 103 THR 103 102 102 THR THR A . n 
A 1 104 GLU 104 103 103 GLU GLU A . n 
A 1 105 THR 105 104 104 THR THR A . n 
A 1 106 THR 106 105 105 THR THR A . n 
A 1 107 TYR 107 106 106 TYR TYR A . n 
A 1 108 TRP 108 107 107 TRP TRP A . n 
A 1 109 GLY 109 108 108 GLY GLY A . n 
A 1 110 VAL 110 109 109 VAL VAL A . n 
A 1 111 THR 111 110 110 THR THR A . n 
A 1 112 ASP 112 111 111 ASP ASP A . n 
A 1 113 SER 113 112 112 SER SER A . n 
A 1 114 THR 114 113 113 THR THR A . n 
A 1 115 THR 115 114 114 THR THR A . n 
A 1 116 GLY 116 115 115 GLY GLY A . n 
A 1 117 TRP 117 116 116 TRP TRP A . n 
A 1 118 LEU 118 117 117 LEU LEU A . n 
A 1 119 LEU 119 118 118 LEU LEU A . n 
A 1 120 GLU 120 119 119 GLU GLU A . n 
A 1 121 ALA 121 120 120 ALA ALA A . n 
A 1 122 ALA 122 121 121 ALA ALA A . n 
A 1 123 VAL 123 122 122 VAL VAL A . n 
A 1 124 HIS 124 123 123 HIS HIS A . n 
A 1 125 LEU 125 124 124 LEU LEU A . n 
A 1 126 TYR 126 125 125 TYR TYR A . n 
A 1 127 HIS 127 126 126 HIS HIS A . n 
A 1 128 HIS 128 127 127 HIS HIS A . n 
A 1 129 ARG 129 128 128 ARG ARG A . n 
A 1 130 SER 130 129 129 SER SER A . n 
A 1 131 GLN 131 130 130 GLN GLN A . n 
A 1 132 LEU 132 131 131 LEU LEU A . n 
A 1 133 LEU 133 132 132 LEU LEU A . n 
A 1 134 ASP 134 133 133 ASP ASP A . n 
A 1 135 TYR 135 134 134 TYR TYR A . n 
A 1 136 LEU 136 135 135 LEU LEU A . n 
A 1 137 ASN 137 136 136 ASN ASN A . n 
A 1 138 LEU 138 137 137 LEU LEU A . n 
A 1 139 LEU 139 138 138 LEU LEU A . n 
A 1 140 GLY 140 139 139 GLY GLY A . n 
A 1 141 TYR 141 140 140 TYR TYR A . n 
A 1 142 ASP 142 141 141 ASP ASP A . n 
A 1 143 ILE 143 142 142 ILE ILE A . n 
A 1 144 LYS 144 143 143 LYS LYS A . n 
A 1 145 LEU 145 144 144 LEU LEU A . n 
A 1 146 ASP 146 145 145 ASP ASP A . n 
A 1 147 LEU 147 146 146 LEU LEU A . n 
A 1 148 PHE 148 147 147 PHE PHE A . n 
A 1 149 GLU 149 148 ?   ?   ?   A . n 
# 
loop_
_pdbx_nonpoly_scheme.asym_id 
_pdbx_nonpoly_scheme.entity_id 
_pdbx_nonpoly_scheme.mon_id 
_pdbx_nonpoly_scheme.ndb_seq_num 
_pdbx_nonpoly_scheme.pdb_seq_num 
_pdbx_nonpoly_scheme.auth_seq_num 
_pdbx_nonpoly_scheme.pdb_mon_id 
_pdbx_nonpoly_scheme.auth_mon_id 
_pdbx_nonpoly_scheme.pdb_strand_id 
_pdbx_nonpoly_scheme.pdb_ins_code 
B 2 NI  1  149 1  NI  NI  A . 
C 3 CL  1  150 2  CL  CL  A . 
D 3 CL  1  151 3  CL  CL  A . 
E 3 CL  1  152 4  CL  CL  A . 
F 4 HOH 1  153 5  HOH HOH A . 
F 4 HOH 2  154 6  HOH HOH A . 
F 4 HOH 3  155 7  HOH HOH A . 
F 4 HOH 4  156 8  HOH HOH A . 
F 4 HOH 5  157 9  HOH HOH A . 
F 4 HOH 6  158 10 HOH HOH A . 
F 4 HOH 7  159 11 HOH HOH A . 
F 4 HOH 8  160 12 HOH HOH A . 
F 4 HOH 9  161 13 HOH HOH A . 
F 4 HOH 10 162 14 HOH HOH A . 
F 4 HOH 11 163 15 HOH HOH A . 
F 4 HOH 12 164 16 HOH HOH A . 
F 4 HOH 13 165 17 HOH HOH A . 
F 4 HOH 14 166 18 HOH HOH A . 
F 4 HOH 15 167 19 HOH HOH A . 
F 4 HOH 16 168 20 HOH HOH A . 
F 4 HOH 17 169 21 HOH HOH A . 
F 4 HOH 18 170 22 HOH HOH A . 
F 4 HOH 19 171 23 HOH HOH A . 
F 4 HOH 20 172 24 HOH HOH A . 
F 4 HOH 21 173 25 HOH HOH A . 
F 4 HOH 22 174 26 HOH HOH A . 
F 4 HOH 23 175 27 HOH HOH A . 
F 4 HOH 24 176 28 HOH HOH A . 
F 4 HOH 25 177 29 HOH HOH A . 
F 4 HOH 26 178 30 HOH HOH A . 
F 4 HOH 27 179 31 HOH HOH A . 
F 4 HOH 28 180 32 HOH HOH A . 
F 4 HOH 29 181 33 HOH HOH A . 
F 4 HOH 30 182 34 HOH HOH A . 
F 4 HOH 31 183 35 HOH HOH A . 
F 4 HOH 32 184 36 HOH HOH A . 
F 4 HOH 33 185 37 HOH HOH A . 
F 4 HOH 34 186 38 HOH HOH A . 
F 4 HOH 35 187 39 HOH HOH A . 
F 4 HOH 36 188 40 HOH HOH A . 
F 4 HOH 37 189 41 HOH HOH A . 
F 4 HOH 38 190 42 HOH HOH A . 
F 4 HOH 39 191 43 HOH HOH A . 
F 4 HOH 40 192 44 HOH HOH A . 
F 4 HOH 41 193 45 HOH HOH A . 
F 4 HOH 42 194 46 HOH HOH A . 
F 4 HOH 43 195 47 HOH HOH A . 
F 4 HOH 44 196 48 HOH HOH A . 
F 4 HOH 45 197 49 HOH HOH A . 
F 4 HOH 46 198 50 HOH HOH A . 
F 4 HOH 47 199 51 HOH HOH A . 
F 4 HOH 48 200 52 HOH HOH A . 
F 4 HOH 49 201 53 HOH HOH A . 
F 4 HOH 50 202 54 HOH HOH A . 
F 4 HOH 51 203 55 HOH HOH A . 
F 4 HOH 52 204 56 HOH HOH A . 
F 4 HOH 53 205 57 HOH HOH A . 
F 4 HOH 54 206 58 HOH HOH A . 
F 4 HOH 55 207 59 HOH HOH A . 
F 4 HOH 56 208 60 HOH HOH A . 
F 4 HOH 57 209 61 HOH HOH A . 
F 4 HOH 58 210 62 HOH HOH A . 
F 4 HOH 59 211 63 HOH HOH A . 
F 4 HOH 60 212 64 HOH HOH A . 
F 4 HOH 61 213 65 HOH HOH A . 
F 4 HOH 62 214 66 HOH HOH A . 
F 4 HOH 63 215 67 HOH HOH A . 
F 4 HOH 64 216 68 HOH HOH A . 
F 4 HOH 65 217 69 HOH HOH A . 
# 
loop_
_pdbx_unobs_or_zero_occ_atoms.id 
_pdbx_unobs_or_zero_occ_atoms.PDB_model_num 
_pdbx_unobs_or_zero_occ_atoms.polymer_flag 
_pdbx_unobs_or_zero_occ_atoms.occupancy_flag 
_pdbx_unobs_or_zero_occ_atoms.auth_asym_id 
_pdbx_unobs_or_zero_occ_atoms.auth_comp_id 
_pdbx_unobs_or_zero_occ_atoms.auth_seq_id 
_pdbx_unobs_or_zero_occ_atoms.PDB_ins_code 
_pdbx_unobs_or_zero_occ_atoms.auth_atom_id 
_pdbx_unobs_or_zero_occ_atoms.label_alt_id 
_pdbx_unobs_or_zero_occ_atoms.label_asym_id 
_pdbx_unobs_or_zero_occ_atoms.label_comp_id 
_pdbx_unobs_or_zero_occ_atoms.label_seq_id 
_pdbx_unobs_or_zero_occ_atoms.label_atom_id 
1  1 Y 1 A GLN 27  ? OE1 ? A GLN 28  OE1 
2  1 Y 1 A GLN 27  ? NE2 ? A GLN 28  NE2 
3  1 Y 1 A ASP 99  ? OD1 ? A ASP 100 OD1 
4  1 Y 1 A ASP 99  ? OD2 ? A ASP 100 OD2 
5  1 Y 1 A SER 101 ? OG  ? A SER 102 OG  
6  1 Y 1 A GLU 103 ? CD  ? A GLU 104 CD  
7  1 Y 1 A GLU 103 ? OE1 ? A GLU 104 OE1 
8  1 Y 1 A GLU 103 ? OE2 ? A GLU 104 OE2 
9  1 Y 1 A LYS 143 ? CE  ? A LYS 144 CE  
10 1 Y 1 A LYS 143 ? NZ  ? A LYS 144 NZ  
# 
loop_
_software.name 
_software.version 
_software.date 
_software.type 
_software.contact_author 
_software.contact_author_email 
_software.classification 
_software.location 
_software.language 
_software.citation_id 
_software.pdbx_ordinal 
MolProbity  3beta29  ?                package 'D.C. & J.S. Richardson lab' molprobity@kinemage.biochem.duke.edu 'model building'  
http://kinemage.biochem.duke.edu/molprobity/                       ?          ? 1 
REFMAC      5.2.0019 ?                program 'Murshudov, G.N.'            ccp4@dl.ac.uk                        refinement        
http://www.ccp4.ac.uk/main.html                                    Fortran_77 ? 2 
XSCALE      .        ?                package 'Wolfgang Kabsch'            ?                                    'data scaling'    
http://www.mpimf-heidelberg.mpg.de/~kabsch/xds/xscale_program.html ?          ? 3 
PDB_EXTRACT 2.000    'April. 3, 2006' package PDB                          sw-help@rcsb.rutgers.edu             'data extraction' 
http://pdb.rutgers.edu/software/                                   C++        ? 4 
SOLVE       .        ?                ?       ?                            ?                                    phasing           
?                                                                  ?          ? 5 
# 
_cell.entry_id           2HKV 
_cell.length_a           45.020 
_cell.length_b           45.020 
_cell.length_c           131.180 
_cell.angle_alpha        90.000 
_cell.angle_beta         90.000 
_cell.angle_gamma        120.000 
_cell.pdbx_unique_axis   ? 
_cell.Z_PDB              6 
_cell.length_a_esd       ? 
_cell.length_b_esd       ? 
_cell.length_c_esd       ? 
_cell.angle_alpha_esd    ? 
_cell.angle_beta_esd     ? 
_cell.angle_gamma_esd    ? 
# 
_symmetry.entry_id                         2HKV 
_symmetry.Int_Tables_number                154 
_symmetry.space_group_name_H-M             'P 32 2 1' 
_symmetry.pdbx_full_space_group_name_H-M   ? 
_symmetry.cell_setting                     ? 
_symmetry.space_group_name_Hall            ? 
# 
_exptl.crystals_number   1 
_exptl.method            'X-RAY DIFFRACTION' 
_exptl.entry_id          2HKV 
# 
loop_
_exptl_crystal.id 
_exptl_crystal.density_percent_sol 
_exptl_crystal.density_Matthews 
_exptl_crystal.description 
_exptl_crystal.density_meas 
_exptl_crystal.F_000 
_exptl_crystal.preparation 
1 42.07 2.21 ? ? ? ? 
2 ?     ?    ? ? ? ? 
# 
loop_
_exptl_crystal_grow.crystal_id 
_exptl_crystal_grow.method 
_exptl_crystal_grow.pH 
_exptl_crystal_grow.temp 
_exptl_crystal_grow.pdbx_details 
_exptl_crystal_grow.temp_details 
_exptl_crystal_grow.pdbx_pH_range 
1 'VAPOR DIFFUSION,SITTING DROP,NANODROP' ? 277 
'20.0% PEG-3350, 0.2M MgSO4,, VAPOR DIFFUSION,SITTING DROP,NANODROP, temperature 277K' ? . 
2 'VAPOR DIFFUSION,SITTING DROP,NANODROP' ? 293 
'20.0% PEG-3350, 0.2M MgSO4,, VAPOR DIFFUSION,SITTING DROP,NANODROP, temperature 293K' ? . 
# 
loop_
_diffrn.id 
_diffrn.ambient_temp 
_diffrn.ambient_temp_details 
_diffrn.crystal_id 
1 100 ? 1 
2 100 ? 2 
# 
loop_
_diffrn_detector.diffrn_id 
_diffrn_detector.detector 
_diffrn_detector.type 
_diffrn_detector.details 
_diffrn_detector.pdbx_collection_date 
1 CCD 'MARMOSAIC 325 mm CCD' 'Flat collimating mirror, toroid focusing mirror' 2006-06-17 
2 CCD 'MARMOSAIC 325 mm CCD' 'Flat collimating mirror, toroid focusing mirror' 2006-06-17 
# 
loop_
_diffrn_radiation.diffrn_id 
_diffrn_radiation.pdbx_monochromatic_or_laue_m_l 
_diffrn_radiation.monochromator 
_diffrn_radiation.pdbx_diffrn_protocol 
_diffrn_radiation.wavelength_id 
_diffrn_radiation.pdbx_scattering_type 
1 M 'Double crystal monochromator' 'SINGLE WAVELENGTH' 1 x-ray 
2 M 'Double crystal monochromator' MAD                 2 x-ray 
# 
loop_
_diffrn_radiation_wavelength.id 
_diffrn_radiation_wavelength.wavelength 
_diffrn_radiation_wavelength.wt 
1 0.97925 1.0 
2 0.92522 1.0 
3 0.97934 1.0 
# 
loop_
_diffrn_source.diffrn_id 
_diffrn_source.source 
_diffrn_source.pdbx_synchrotron_beamline 
_diffrn_source.type 
_diffrn_source.pdbx_wavelength_list 
_diffrn_source.pdbx_wavelength 
_diffrn_source.pdbx_synchrotron_site 
1 SYNCHROTRON BL9-2 'SSRL BEAMLINE BL9-2' 0.97925            ? SSRL 
2 SYNCHROTRON BL9-2 'SSRL BEAMLINE BL9-2' '0.92522, 0.97934' ? SSRL 
# 
_reflns.entry_id                     2HKV 
_reflns.d_resolution_high            1.700 
_reflns.d_resolution_low             25.094 
_reflns.number_obs                   17704 
_reflns.pdbx_Rmerge_I_obs            0.115 
_reflns.pdbx_netI_over_sigmaI        9.580 
_reflns.percent_possible_obs         99.8 
_reflns.B_iso_Wilson_estimate        37.034 
_reflns.observed_criterion_sigma_F   ? 
_reflns.observed_criterion_sigma_I   ? 
_reflns.number_all                   ? 
_reflns.pdbx_Rsym_value              ? 
_reflns.pdbx_redundancy              9.38 
_reflns.R_free_details               ? 
_reflns.limit_h_max                  ? 
_reflns.limit_h_min                  ? 
_reflns.limit_k_max                  ? 
_reflns.limit_k_min                  ? 
_reflns.limit_l_max                  ? 
_reflns.limit_l_min                  ? 
_reflns.observed_criterion_F_max     ? 
_reflns.observed_criterion_F_min     ? 
_reflns.pdbx_chi_squared             ? 
_reflns.pdbx_scaling_rejects         ? 
_reflns.pdbx_ordinal                 1 
_reflns.pdbx_diffrn_id               1,2 
# 
loop_
_reflns_shell.d_res_high 
_reflns_shell.d_res_low 
_reflns_shell.number_measured_obs 
_reflns_shell.number_measured_all 
_reflns_shell.number_unique_obs 
_reflns_shell.Rmerge_I_obs 
_reflns_shell.meanI_over_sigI_obs 
_reflns_shell.pdbx_Rsym_value 
_reflns_shell.pdbx_chi_squared 
_reflns_shell.pdbx_redundancy 
_reflns_shell.percent_possible_obs 
_reflns_shell.number_unique_all 
_reflns_shell.percent_possible_all 
_reflns_shell.pdbx_ordinal 
_reflns_shell.pdbx_diffrn_id 
1.70 1.76 10939 ? ? 0.97  1.99 ? ? 7.01 ? 1533 99.8   1 1,2 
1.76 1.83 11534 ? ? 0.732 2.8  ? ? ?    ? 1600 92.50  2 1,2 
1.83 1.91 11264 ? ? 0.571 3.4  ? ? ?    ? 1565 93.50  3 1,2 
1.91 2.02 13211 ? ? 0.375 5.2  ? ? ?    ? 1849 97.00  4 1,2 
2.02 2.14 11687 ? ? 0.262 7.0  ? ? ?    ? 1643 98.60  5 1,2 
2.14 2.31 18428 ? ? 0.226 10.1 ? ? ?    ? 1781 99.40  6 1,2 
2.31 2.54 21841 ? ? 0.187 12.9 ? ? ?    ? 1748 99.80  7 1,2 
2.54 2.90 21615 ? ? 0.152 14.6 ? ? ?    ? 1752 99.90  8 1,2 
2.90 25.1 22091 ? ? 0.115 17.0 ? ? ?    ? 1825 100.00 9 1,2 
# 
_refine.entry_id                                 2HKV 
_refine.ls_d_res_high                            1.700 
_refine.ls_d_res_low                             25.094 
_refine.pdbx_ls_sigma_F                          0.00 
_refine.ls_percent_reflns_obs                    99.860 
_refine.ls_number_reflns_obs                     17699 
_refine.pdbx_ls_cross_valid_method               THROUGHOUT 
_refine.pdbx_R_Free_selection_details            RANDOM 
_refine.details                                  
;1. HYDROGENS HAVE BEEN ADDED IN THE RIDING POSITIONS 
 2. A MET-INHIBITION PROTOCOL WAS USED FOR SELENOMETHIONINE INCORPORATION 
 DURING PROTEIN EXPRESSION.  THE OCCUPANCY OF THE SE ATOMS IN THE MSE 
 RESIDUES WAS REDUCED TO 0.7 TO ACCOUNT FOR THE REDUCED SCATTERING POWER 
 DUE TO PARTIAL S-MET INCORPORATION. 
 3. ATOM RECORDS CONTAIN RESIDUAL B FACTORS ONLY. 
 4. THE ASSIGNMENT OF THE METAL AS PREDOMINATELY NICKEL IS BASED ON 
 BOTH X-RAY FLUORECENCE METAL SCAN AND DIFFERENCE MAPS (ABOVE AND BELOW 
 NICKEL AND ZINC EDGES). 
 5. THE ASSIGNMENT OF CHLORIDES ARE BASED ON DIFFERENCE DENSITY. 
 6. THE DISORDER ON TWO-FOLD BY RESIDUE 4 INDICATED THAT THE SPACE 
 GROUP IS NOT STRICTLY P3221 BUT P32, REFINEMENT IN P3221 RESULTS 
 ONLY ~1% INCREASE IN RFACTOR AND RFREE COMPARED TO P32, THUS 
 THE SPACE GROUP WAS ASSIGNED AS HIGHER SYMMETRY P3221. 
 7. THE EXPERIMENTAL PHASES ARE FROM A DIFFERENT CRYSTAL, THEY ARE 
 USED AS RESTRAINTS IN REFINEMENT. 
 8. DENSITY FOR RESIDUE 99 IS POOR.
;
_refine.ls_R_factor_all                          0.185 
_refine.ls_R_factor_R_work                       0.181 
_refine.ls_R_factor_R_free                       0.227 
_refine.ls_percent_reflns_R_free                 7.700 
_refine.ls_number_reflns_R_free                  1361 
_refine.B_iso_mean                               33.948 
_refine.aniso_B[1][1]                            -0.630 
_refine.aniso_B[2][2]                            -0.630 
_refine.aniso_B[3][3]                            0.950 
_refine.aniso_B[1][2]                            -0.320 
_refine.aniso_B[1][3]                            0.000 
_refine.aniso_B[2][3]                            0.000 
_refine.correlation_coeff_Fo_to_Fc               0.970 
_refine.correlation_coeff_Fo_to_Fc_free          0.959 
_refine.pdbx_overall_ESU_R                       0.107 
_refine.pdbx_overall_ESU_R_Free                  0.111 
_refine.overall_SU_ML                            0.106 
_refine.overall_SU_B                             6.318 
_refine.solvent_model_details                    'BABINET MODEL WITH MASK' 
_refine.pdbx_solvent_vdw_probe_radii             1.200 
_refine.pdbx_solvent_ion_probe_radii             0.800 
_refine.pdbx_solvent_shrinkage_radii             0.800 
_refine.pdbx_method_to_determine_struct          MAD 
_refine.pdbx_stereochemistry_target_values       'MAXIMUM LIKELIHOOD WITH PHASES' 
_refine.pdbx_ls_sigma_I                          ? 
_refine.ls_number_reflns_all                     ? 
_refine.ls_R_factor_obs                          0.18514 
_refine.ls_redundancy_reflns_obs                 ? 
_refine.pdbx_data_cutoff_high_absF               ? 
_refine.pdbx_data_cutoff_low_absF                ? 
_refine.ls_number_parameters                     ? 
_refine.ls_number_restraints                     ? 
_refine.ls_R_factor_R_free_error                 ? 
_refine.ls_R_factor_R_free_error_details         ? 
_refine.pdbx_starting_model                      ? 
_refine.pdbx_stereochem_target_val_spec_case     ? 
_refine.solvent_model_param_bsol                 ? 
_refine.solvent_model_param_ksol                 ? 
_refine.occupancy_max                            ? 
_refine.occupancy_min                            ? 
_refine.pdbx_isotropic_thermal_model             ? 
_refine.B_iso_min                                ? 
_refine.B_iso_max                                ? 
_refine.overall_SU_R_Cruickshank_DPI             ? 
_refine.overall_SU_R_free                        ? 
_refine.pdbx_data_cutoff_high_rms_absF           ? 
_refine.ls_wR_factor_R_free                      ? 
_refine.ls_wR_factor_R_work                      ? 
_refine.overall_FOM_free_R_set                   ? 
_refine.overall_FOM_work_R_set                   ? 
_refine.pdbx_refine_id                           'X-RAY DIFFRACTION' 
_refine.pdbx_TLS_residual_ADP_flag               'LIKELY RESIDUAL' 
_refine.pdbx_diffrn_id                           1 
_refine.pdbx_overall_phase_error                 ? 
_refine.pdbx_overall_SU_R_free_Cruickshank_DPI   ? 
_refine.pdbx_overall_SU_R_Blow_DPI               ? 
_refine.pdbx_overall_SU_R_free_Blow_DPI          ? 
# 
_refine_hist.pdbx_refine_id                   'X-RAY DIFFRACTION' 
_refine_hist.cycle_id                         LAST 
_refine_hist.pdbx_number_atoms_protein        1197 
_refine_hist.pdbx_number_atoms_nucleic_acid   0 
_refine_hist.pdbx_number_atoms_ligand         4 
_refine_hist.number_atoms_solvent             65 
_refine_hist.number_atoms_total               1266 
_refine_hist.d_res_high                       1.700 
_refine_hist.d_res_low                        25.094 
# 
loop_
_refine_ls_restr.type 
_refine_ls_restr.number 
_refine_ls_restr.dev_ideal 
_refine_ls_restr.dev_ideal_target 
_refine_ls_restr.weight 
_refine_ls_restr.pdbx_refine_id 
_refine_ls_restr.pdbx_restraint_function 
r_bond_refined_d         1245 0.018  0.022  ? 'X-RAY DIFFRACTION' ? 
r_bond_other_d           810  0.001  0.020  ? 'X-RAY DIFFRACTION' ? 
r_angle_refined_deg      1704 1.451  1.935  ? 'X-RAY DIFFRACTION' ? 
r_angle_other_deg        1960 1.025  3.000  ? 'X-RAY DIFFRACTION' ? 
r_dihedral_angle_1_deg   151  5.273  5.000  ? 'X-RAY DIFFRACTION' ? 
r_dihedral_angle_2_deg   61   28.465 23.115 ? 'X-RAY DIFFRACTION' ? 
r_dihedral_angle_3_deg   199  14.219 15.000 ? 'X-RAY DIFFRACTION' ? 
r_dihedral_angle_4_deg   10   20.044 15.000 ? 'X-RAY DIFFRACTION' ? 
r_chiral_restr           192  0.100  0.200  ? 'X-RAY DIFFRACTION' ? 
r_gen_planes_refined     1388 0.006  0.020  ? 'X-RAY DIFFRACTION' ? 
r_gen_planes_other       272  0.001  0.020  ? 'X-RAY DIFFRACTION' ? 
r_nbd_refined            305  0.223  0.200  ? 'X-RAY DIFFRACTION' ? 
r_nbd_other              812  0.179  0.200  ? 'X-RAY DIFFRACTION' ? 
r_nbtor_refined          615  0.191  0.200  ? 'X-RAY DIFFRACTION' ? 
r_nbtor_other            587  0.091  0.200  ? 'X-RAY DIFFRACTION' ? 
r_xyhbond_nbd_refined    42   0.176  0.200  ? 'X-RAY DIFFRACTION' ? 
r_metal_ion_refined      1    0.401  0.200  ? 'X-RAY DIFFRACTION' ? 
r_symmetry_vdw_refined   6    0.292  0.200  ? 'X-RAY DIFFRACTION' ? 
r_symmetry_vdw_other     24   0.302  0.200  ? 'X-RAY DIFFRACTION' ? 
r_symmetry_hbond_refined 4    0.092  0.200  ? 'X-RAY DIFFRACTION' ? 
r_mcbond_it              815  2.642  3.000  ? 'X-RAY DIFFRACTION' ? 
r_mcbond_other           301  0.607  3.000  ? 'X-RAY DIFFRACTION' ? 
r_mcangle_it             1197 3.507  5.000  ? 'X-RAY DIFFRACTION' ? 
r_scbond_it              581  5.706  8.000  ? 'X-RAY DIFFRACTION' ? 
r_scangle_it             505  7.640  11.000 ? 'X-RAY DIFFRACTION' ? 
# 
_refine_ls_shell.d_res_high                       1.700 
_refine_ls_shell.d_res_low                        1.744 
_refine_ls_shell.pdbx_total_number_of_bins_used   20 
_refine_ls_shell.percent_reflns_obs               99.690 
_refine_ls_shell.number_reflns_R_work             1168 
_refine_ls_shell.R_factor_all                     ? 
_refine_ls_shell.R_factor_R_work                  0.269 
_refine_ls_shell.R_factor_R_free                  0.34 
_refine_ls_shell.percent_reflns_R_free            ? 
_refine_ls_shell.number_reflns_R_free             99 
_refine_ls_shell.R_factor_R_free_error            ? 
_refine_ls_shell.number_reflns_all                ? 
_refine_ls_shell.number_reflns_obs                1267 
_refine_ls_shell.redundancy_reflns_obs            ? 
_refine_ls_shell.pdbx_refine_id                   'X-RAY DIFFRACTION' 
# 
_struct.entry_id                  2HKV 
_struct.title                     
'CRYSTAL STRUCTURE OF A PUTATIVE MEMBER OF THE DINB FAMILY (EXIG_1237) FROM EXIGUOBACTERIUM SIBIRICUM 255-15 AT 1.70 A RESOLUTION' 
_struct.pdbx_model_details        ? 
_struct.pdbx_CASP_flag            ? 
_struct.pdbx_model_type_details   ? 
# 
_struct_keywords.text            
;PUTATIVE MEMBER OF THE DINB FAMILY, STRUCTURAL GENOMICS, JOINT CENTER FOR STRUCTURAL GENOMICS, JCSG, PROTEIN STRUCTURE INITIATIVE, PSI-2, DNA BINDING PROTEIN
;
_struct_keywords.pdbx_keywords   'DNA BINDING PROTEIN' 
_struct_keywords.entry_id        2HKV 
# 
loop_
_struct_asym.id 
_struct_asym.pdbx_blank_PDB_chainid_flag 
_struct_asym.pdbx_modified 
_struct_asym.entity_id 
_struct_asym.details 
A N N 1 ? 
B N N 2 ? 
C N N 3 ? 
D N N 3 ? 
E N N 3 ? 
F N N 4 ? 
# 
_struct_ref.id                         1 
_struct_ref.db_name                    UNP 
_struct_ref.db_code                    Q41IB9_9BACI 
_struct_ref.pdbx_db_accession          Q41IB9 
_struct_ref.entity_id                  1 
_struct_ref.pdbx_align_begin           1 
_struct_ref.pdbx_seq_one_letter_code   ? 
_struct_ref.pdbx_db_isoform            ? 
# 
_struct_ref_seq.align_id                      1 
_struct_ref_seq.ref_id                        1 
_struct_ref_seq.pdbx_PDB_id_code              2HKV 
_struct_ref_seq.pdbx_strand_id                A 
_struct_ref_seq.seq_align_beg                 2 
_struct_ref_seq.pdbx_seq_align_beg_ins_code   ? 
_struct_ref_seq.seq_align_end                 149 
_struct_ref_seq.pdbx_seq_align_end_ins_code   ? 
_struct_ref_seq.pdbx_db_accession             Q41IB9 
_struct_ref_seq.db_align_beg                  1 
_struct_ref_seq.pdbx_db_align_beg_ins_code    ? 
_struct_ref_seq.db_align_end                  148 
_struct_ref_seq.pdbx_db_align_end_ins_code    ? 
_struct_ref_seq.pdbx_auth_seq_align_beg       1 
_struct_ref_seq.pdbx_auth_seq_align_end       148 
# 
loop_
_struct_ref_seq_dif.align_id 
_struct_ref_seq_dif.pdbx_pdb_id_code 
_struct_ref_seq_dif.mon_id 
_struct_ref_seq_dif.pdbx_pdb_strand_id 
_struct_ref_seq_dif.seq_num 
_struct_ref_seq_dif.pdbx_pdb_ins_code 
_struct_ref_seq_dif.pdbx_seq_db_name 
_struct_ref_seq_dif.pdbx_seq_db_accession_code 
_struct_ref_seq_dif.db_mon_id 
_struct_ref_seq_dif.pdbx_seq_db_seq_num 
_struct_ref_seq_dif.details 
_struct_ref_seq_dif.pdbx_auth_seq_num 
_struct_ref_seq_dif.pdbx_ordinal 
1 2HKV GLY A 1  ? UNP Q41IB9 ?   ?  'expression tag'   0  1 
1 2HKV MSE A 2  ? UNP Q41IB9 MET 1  'modified residue' 1  2 
1 2HKV MSE A 69 ? UNP Q41IB9 MET 68 'modified residue' 68 3 
1 2HKV MSE A 98 ? UNP Q41IB9 MET 97 'modified residue' 97 4 
# 
_pdbx_struct_assembly.id                   1 
_pdbx_struct_assembly.details              author_and_software_defined_assembly 
_pdbx_struct_assembly.method_details       PISA,PQS 
_pdbx_struct_assembly.oligomeric_details   dimeric 
_pdbx_struct_assembly.oligomeric_count     2 
# 
loop_
_pdbx_struct_assembly_prop.biol_id 
_pdbx_struct_assembly_prop.type 
_pdbx_struct_assembly_prop.value 
_pdbx_struct_assembly_prop.details 
1 'ABSA (A^2)' 3860  ? 
1 MORE         -100  ? 
1 'SSA (A^2)'  13140 ? 
# 
_pdbx_struct_assembly_gen.assembly_id       1 
_pdbx_struct_assembly_gen.oper_expression   1,2 
_pdbx_struct_assembly_gen.asym_id_list      A,B,C,D,E,F 
# 
loop_
_pdbx_struct_oper_list.id 
_pdbx_struct_oper_list.type 
_pdbx_struct_oper_list.name 
_pdbx_struct_oper_list.symmetry_operation 
_pdbx_struct_oper_list.matrix[1][1] 
_pdbx_struct_oper_list.matrix[1][2] 
_pdbx_struct_oper_list.matrix[1][3] 
_pdbx_struct_oper_list.vector[1] 
_pdbx_struct_oper_list.matrix[2][1] 
_pdbx_struct_oper_list.matrix[2][2] 
_pdbx_struct_oper_list.matrix[2][3] 
_pdbx_struct_oper_list.vector[2] 
_pdbx_struct_oper_list.matrix[3][1] 
_pdbx_struct_oper_list.matrix[3][2] 
_pdbx_struct_oper_list.matrix[3][3] 
_pdbx_struct_oper_list.vector[3] 
1 'identity operation'         1_555 x,y,z  1.0000000000 0.0000000000  0.0000000000  0.0000000000 0.0000000000  1.0000000000  0.0000000000 0.0000000000  0.0000000000  0.0000000000 1.0000000000  0.0000000000  
2 'crystal symmetry operation' 4_555 y,x,-z 0.5542026777 -0.3210246807 -0.7679860328 1.6069281664 -0.3210246807 -0.9336915017 0.1586295497 20.3712125979 -0.7679860328 0.1586295497 -0.6205111759 -5.2633378567 
# 
_struct_biol.id        1 
_struct_biol.details   ? 
# 
loop_
_struct_conf.conf_type_id 
_struct_conf.id 
_struct_conf.pdbx_PDB_helix_id 
_struct_conf.beg_label_comp_id 
_struct_conf.beg_label_asym_id 
_struct_conf.beg_label_seq_id 
_struct_conf.pdbx_beg_PDB_ins_code 
_struct_conf.end_label_comp_id 
_struct_conf.end_label_asym_id 
_struct_conf.end_label_seq_id 
_struct_conf.pdbx_end_PDB_ins_code 
_struct_conf.beg_auth_comp_id 
_struct_conf.beg_auth_asym_id 
_struct_conf.beg_auth_seq_id 
_struct_conf.end_auth_comp_id 
_struct_conf.end_auth_asym_id 
_struct_conf.end_auth_seq_id 
_struct_conf.pdbx_PDB_helix_class 
_struct_conf.details 
_struct_conf.pdbx_PDB_helix_length 
HELX_P HELX_P1 1 THR A 3   ? ILE A 27  ? THR A 2   ILE A 26  1 ? 25 
HELX_P HELX_P2 2 GLN A 28  ? TRP A 32  ? GLN A 27  TRP A 31  5 ? 5  
HELX_P HELX_P3 3 SER A 42  ? THR A 62  ? SER A 41  THR A 61  1 ? 21 
HELX_P HELX_P4 4 THR A 65  ? ALA A 74  ? THR A 64  ALA A 73  1 ? 10 
HELX_P HELX_P5 5 LEU A 78  ? GLU A 80  ? LEU A 77  GLU A 79  5 ? 3  
HELX_P HELX_P6 6 GLN A 81  ? ALA A 99  ? GLN A 80  ALA A 98  1 ? 19 
HELX_P HELX_P7 7 SER A 113 ? LEU A 139 ? SER A 112 LEU A 138 1 ? 27 
# 
_struct_conf_type.id          HELX_P 
_struct_conf_type.criteria    ? 
_struct_conf_type.reference   ? 
# 
loop_
_struct_conn.id 
_struct_conn.conn_type_id 
_struct_conn.pdbx_leaving_atom_flag 
_struct_conn.pdbx_PDB_id 
_struct_conn.ptnr1_label_asym_id 
_struct_conn.ptnr1_label_comp_id 
_struct_conn.ptnr1_label_seq_id 
_struct_conn.ptnr1_label_atom_id 
_struct_conn.pdbx_ptnr1_label_alt_id 
_struct_conn.pdbx_ptnr1_PDB_ins_code 
_struct_conn.pdbx_ptnr1_standard_comp_id 
_struct_conn.ptnr1_symmetry 
_struct_conn.ptnr2_label_asym_id 
_struct_conn.ptnr2_label_comp_id 
_struct_conn.ptnr2_label_seq_id 
_struct_conn.ptnr2_label_atom_id 
_struct_conn.pdbx_ptnr2_label_alt_id 
_struct_conn.pdbx_ptnr2_PDB_ins_code 
_struct_conn.ptnr1_auth_asym_id 
_struct_conn.ptnr1_auth_comp_id 
_struct_conn.ptnr1_auth_seq_id 
_struct_conn.ptnr2_auth_asym_id 
_struct_conn.ptnr2_auth_comp_id 
_struct_conn.ptnr2_auth_seq_id 
_struct_conn.ptnr2_symmetry 
_struct_conn.pdbx_ptnr3_label_atom_id 
_struct_conn.pdbx_ptnr3_label_seq_id 
_struct_conn.pdbx_ptnr3_label_comp_id 
_struct_conn.pdbx_ptnr3_label_asym_id 
_struct_conn.pdbx_ptnr3_label_alt_id 
_struct_conn.pdbx_ptnr3_PDB_ins_code 
_struct_conn.details 
_struct_conn.pdbx_dist_value 
_struct_conn.pdbx_value_order 
_struct_conn.pdbx_role 
covale1 covale both ? A GLY 1   C   ? ? ? 1_555 A MSE 2  N  ? ? A GLY 0   A MSE 1   1_555 ? ? ? ? ? ? ? 1.317 ? ? 
covale2 covale both ? A MSE 2   C   ? ? ? 1_555 A THR 3  N  ? ? A MSE 1   A THR 2   1_555 ? ? ? ? ? ? ? 1.314 ? ? 
covale3 covale both ? A GLU 68  C   ? ? ? 1_555 A MSE 69 N  ? ? A GLU 67  A MSE 68  1_555 ? ? ? ? ? ? ? 1.327 ? ? 
covale4 covale both ? A MSE 69  C   ? ? ? 1_555 A ALA 70 N  ? ? A MSE 68  A ALA 69  1_555 ? ? ? ? ? ? ? 1.338 ? ? 
covale5 covale both ? A LEU 97  C   ? ? ? 1_555 A MSE 98 N  ? ? A LEU 96  A MSE 97  1_555 ? ? ? ? ? ? ? 1.321 ? ? 
covale6 covale both ? A MSE 98  C   ? ? ? 1_555 A ALA 99 N  ? ? A MSE 97  A ALA 98  1_555 ? ? ? ? ? ? ? 1.318 ? ? 
metalc1 metalc ?    ? A HIS 49  NE2 ? ? ? 1_555 B NI  .  NI ? ? A HIS 48  A NI  149 1_555 ? ? ? ? ? ? ? 1.996 ? ? 
metalc2 metalc ?    ? A HIS 124 NE2 ? ? ? 1_555 B NI  .  NI ? ? A HIS 123 A NI  149 1_555 ? ? ? ? ? ? ? 2.137 ? ? 
metalc3 metalc ?    ? A HIS 128 NE2 ? ? ? 1_555 B NI  .  NI ? ? A HIS 127 A NI  149 1_555 ? ? ? ? ? ? ? 2.060 ? ? 
metalc4 metalc ?    ? B NI  .   NI  ? ? ? 1_555 E CL  .  CL ? ? A NI  149 A CL  152 1_555 ? ? ? ? ? ? ? 1.899 ? ? 
metalc5 metalc ?    ? B NI  .   NI  ? ? ? 1_555 F HOH .  O  ? ? A NI  149 A HOH 153 1_555 ? ? ? ? ? ? ? 2.076 ? ? 
metalc6 metalc ?    ? B NI  .   NI  ? ? ? 1_555 F HOH .  O  ? ? A NI  149 A HOH 155 1_555 ? ? ? ? ? ? ? 2.253 ? ? 
# 
loop_
_struct_conn_type.id 
_struct_conn_type.criteria 
_struct_conn_type.reference 
covale ? ? 
metalc ? ? 
# 
loop_
_pdbx_struct_conn_angle.id 
_pdbx_struct_conn_angle.ptnr1_label_atom_id 
_pdbx_struct_conn_angle.ptnr1_label_alt_id 
_pdbx_struct_conn_angle.ptnr1_label_asym_id 
_pdbx_struct_conn_angle.ptnr1_label_comp_id 
_pdbx_struct_conn_angle.ptnr1_label_seq_id 
_pdbx_struct_conn_angle.ptnr1_auth_atom_id 
_pdbx_struct_conn_angle.ptnr1_auth_asym_id 
_pdbx_struct_conn_angle.ptnr1_auth_comp_id 
_pdbx_struct_conn_angle.ptnr1_auth_seq_id 
_pdbx_struct_conn_angle.ptnr1_PDB_ins_code 
_pdbx_struct_conn_angle.ptnr1_symmetry 
_pdbx_struct_conn_angle.ptnr2_label_atom_id 
_pdbx_struct_conn_angle.ptnr2_label_alt_id 
_pdbx_struct_conn_angle.ptnr2_label_asym_id 
_pdbx_struct_conn_angle.ptnr2_label_comp_id 
_pdbx_struct_conn_angle.ptnr2_label_seq_id 
_pdbx_struct_conn_angle.ptnr2_auth_atom_id 
_pdbx_struct_conn_angle.ptnr2_auth_asym_id 
_pdbx_struct_conn_angle.ptnr2_auth_comp_id 
_pdbx_struct_conn_angle.ptnr2_auth_seq_id 
_pdbx_struct_conn_angle.ptnr2_PDB_ins_code 
_pdbx_struct_conn_angle.ptnr2_symmetry 
_pdbx_struct_conn_angle.ptnr3_label_atom_id 
_pdbx_struct_conn_angle.ptnr3_label_alt_id 
_pdbx_struct_conn_angle.ptnr3_label_asym_id 
_pdbx_struct_conn_angle.ptnr3_label_comp_id 
_pdbx_struct_conn_angle.ptnr3_label_seq_id 
_pdbx_struct_conn_angle.ptnr3_auth_atom_id 
_pdbx_struct_conn_angle.ptnr3_auth_asym_id 
_pdbx_struct_conn_angle.ptnr3_auth_comp_id 
_pdbx_struct_conn_angle.ptnr3_auth_seq_id 
_pdbx_struct_conn_angle.ptnr3_PDB_ins_code 
_pdbx_struct_conn_angle.ptnr3_symmetry 
_pdbx_struct_conn_angle.value 
_pdbx_struct_conn_angle.value_esd 
1  NE2 ? A HIS 49  ? A HIS 48  ? 1_555 NI ? B NI . ? A NI 149 ? 1_555 NE2 ? A HIS 124 ? A HIS 123 ? 1_555 98.5  ? 
2  NE2 ? A HIS 49  ? A HIS 48  ? 1_555 NI ? B NI . ? A NI 149 ? 1_555 NE2 ? A HIS 128 ? A HIS 127 ? 1_555 88.2  ? 
3  NE2 ? A HIS 124 ? A HIS 123 ? 1_555 NI ? B NI . ? A NI 149 ? 1_555 NE2 ? A HIS 128 ? A HIS 127 ? 1_555 92.4  ? 
4  NE2 ? A HIS 49  ? A HIS 48  ? 1_555 NI ? B NI . ? A NI 149 ? 1_555 CL  ? E CL  .   ? A CL  152 ? 1_555 172.8 ? 
5  NE2 ? A HIS 124 ? A HIS 123 ? 1_555 NI ? B NI . ? A NI 149 ? 1_555 CL  ? E CL  .   ? A CL  152 ? 1_555 88.4  ? 
6  NE2 ? A HIS 128 ? A HIS 127 ? 1_555 NI ? B NI . ? A NI 149 ? 1_555 CL  ? E CL  .   ? A CL  152 ? 1_555 93.7  ? 
7  NE2 ? A HIS 49  ? A HIS 48  ? 1_555 NI ? B NI . ? A NI 149 ? 1_555 O   ? F HOH .   ? A HOH 153 ? 1_555 95.0  ? 
8  NE2 ? A HIS 124 ? A HIS 123 ? 1_555 NI ? B NI . ? A NI 149 ? 1_555 O   ? F HOH .   ? A HOH 153 ? 1_555 91.5  ? 
9  NE2 ? A HIS 128 ? A HIS 127 ? 1_555 NI ? B NI . ? A NI 149 ? 1_555 O   ? F HOH .   ? A HOH 153 ? 1_555 174.6 ? 
10 CL  ? E CL  .   ? A CL  152 ? 1_555 NI ? B NI . ? A NI 149 ? 1_555 O   ? F HOH .   ? A HOH 153 ? 1_555 82.6  ? 
11 NE2 ? A HIS 49  ? A HIS 48  ? 1_555 NI ? B NI . ? A NI 149 ? 1_555 O   ? F HOH .   ? A HOH 155 ? 1_555 90.5  ? 
12 NE2 ? A HIS 124 ? A HIS 123 ? 1_555 NI ? B NI . ? A NI 149 ? 1_555 O   ? F HOH .   ? A HOH 155 ? 1_555 170.2 ? 
13 NE2 ? A HIS 128 ? A HIS 127 ? 1_555 NI ? B NI . ? A NI 149 ? 1_555 O   ? F HOH .   ? A HOH 155 ? 1_555 91.7  ? 
14 CL  ? E CL  .   ? A CL  152 ? 1_555 NI ? B NI . ? A NI 149 ? 1_555 O   ? F HOH .   ? A HOH 155 ? 1_555 82.5  ? 
15 O   ? F HOH .   ? A HOH 153 ? 1_555 NI ? B NI . ? A NI 149 ? 1_555 O   ? F HOH .   ? A HOH 155 ? 1_555 83.9  ? 
# 
loop_
_pdbx_modification_feature.ordinal 
_pdbx_modification_feature.label_comp_id 
_pdbx_modification_feature.label_asym_id 
_pdbx_modification_feature.label_seq_id 
_pdbx_modification_feature.label_alt_id 
_pdbx_modification_feature.modified_residue_label_comp_id 
_pdbx_modification_feature.modified_residue_label_asym_id 
_pdbx_modification_feature.modified_residue_label_seq_id 
_pdbx_modification_feature.modified_residue_label_alt_id 
_pdbx_modification_feature.auth_comp_id 
_pdbx_modification_feature.auth_asym_id 
_pdbx_modification_feature.auth_seq_id 
_pdbx_modification_feature.PDB_ins_code 
_pdbx_modification_feature.symmetry 
_pdbx_modification_feature.modified_residue_auth_comp_id 
_pdbx_modification_feature.modified_residue_auth_asym_id 
_pdbx_modification_feature.modified_residue_auth_seq_id 
_pdbx_modification_feature.modified_residue_PDB_ins_code 
_pdbx_modification_feature.modified_residue_symmetry 
_pdbx_modification_feature.comp_id_linking_atom 
_pdbx_modification_feature.modified_residue_id_linking_atom 
_pdbx_modification_feature.modified_residue_id 
_pdbx_modification_feature.ref_pcm_id 
_pdbx_modification_feature.ref_comp_id 
_pdbx_modification_feature.type 
_pdbx_modification_feature.category 
1 MSE A 2  ? . . . . MSE A 1  ? 1_555 . . . . . . . MET 1 MSE Selenomethionine 'Named protein modification' 
2 MSE A 69 ? . . . . MSE A 68 ? 1_555 . . . . . . . MET 1 MSE Selenomethionine 'Named protein modification' 
3 MSE A 98 ? . . . . MSE A 97 ? 1_555 . . . . . . . MET 1 MSE Selenomethionine 'Named protein modification' 
# 
loop_
_struct_site.id 
_struct_site.pdbx_evidence_code 
_struct_site.pdbx_auth_asym_id 
_struct_site.pdbx_auth_comp_id 
_struct_site.pdbx_auth_seq_id 
_struct_site.pdbx_auth_ins_code 
_struct_site.pdbx_num_residues 
_struct_site.details 
AC1 Software A NI 149 ? 6 'BINDING SITE FOR RESIDUE NI A 149' 
AC2 Software A CL 150 ? 2 'BINDING SITE FOR RESIDUE CL A 150' 
AC3 Software A CL 152 ? 6 'BINDING SITE FOR RESIDUE CL A 152' 
# 
loop_
_struct_site_gen.id 
_struct_site_gen.site_id 
_struct_site_gen.pdbx_num_res 
_struct_site_gen.label_comp_id 
_struct_site_gen.label_asym_id 
_struct_site_gen.label_seq_id 
_struct_site_gen.pdbx_auth_ins_code 
_struct_site_gen.auth_comp_id 
_struct_site_gen.auth_asym_id 
_struct_site_gen.auth_seq_id 
_struct_site_gen.label_atom_id 
_struct_site_gen.label_alt_id 
_struct_site_gen.symmetry 
_struct_site_gen.details 
1  AC1 6 HIS A 49  ? HIS A 48  . ? 1_555 ? 
2  AC1 6 HIS A 124 ? HIS A 123 . ? 1_555 ? 
3  AC1 6 HIS A 128 ? HIS A 127 . ? 1_555 ? 
4  AC1 6 CL  E .   ? CL  A 152 . ? 1_555 ? 
5  AC1 6 HOH F .   ? HOH A 153 . ? 1_555 ? 
6  AC1 6 HOH F .   ? HOH A 155 . ? 1_555 ? 
7  AC2 2 ARG A 41  ? ARG A 40  . ? 1_555 ? 
8  AC2 2 GLN A 131 ? GLN A 130 . ? 1_555 ? 
9  AC3 6 HIS A 124 ? HIS A 123 . ? 1_555 ? 
10 AC3 6 HIS A 128 ? HIS A 127 . ? 1_555 ? 
11 AC3 6 NI  B .   ? NI  A 149 . ? 1_555 ? 
12 AC3 6 HOH F .   ? HOH A 153 . ? 1_555 ? 
13 AC3 6 HOH F .   ? HOH A 154 . ? 1_555 ? 
14 AC3 6 HOH F .   ? HOH A 155 . ? 1_555 ? 
# 
_pdbx_entry_details.entry_id                   2HKV 
_pdbx_entry_details.compound_details           ? 
_pdbx_entry_details.source_details             ? 
_pdbx_entry_details.nonpolymer_details         ? 
_pdbx_entry_details.sequence_details           ? 
_pdbx_entry_details.has_ligand_of_interest     ? 
_pdbx_entry_details.has_protein_modification   Y 
# 
_pdbx_validate_rmsd_angle.id                         1 
_pdbx_validate_rmsd_angle.PDB_model_num              1 
_pdbx_validate_rmsd_angle.auth_atom_id_1             NE 
_pdbx_validate_rmsd_angle.auth_asym_id_1             A 
_pdbx_validate_rmsd_angle.auth_comp_id_1             ARG 
_pdbx_validate_rmsd_angle.auth_seq_id_1              84 
_pdbx_validate_rmsd_angle.PDB_ins_code_1             ? 
_pdbx_validate_rmsd_angle.label_alt_id_1             ? 
_pdbx_validate_rmsd_angle.auth_atom_id_2             CZ 
_pdbx_validate_rmsd_angle.auth_asym_id_2             A 
_pdbx_validate_rmsd_angle.auth_comp_id_2             ARG 
_pdbx_validate_rmsd_angle.auth_seq_id_2              84 
_pdbx_validate_rmsd_angle.PDB_ins_code_2             ? 
_pdbx_validate_rmsd_angle.label_alt_id_2             ? 
_pdbx_validate_rmsd_angle.auth_atom_id_3             NH2 
_pdbx_validate_rmsd_angle.auth_asym_id_3             A 
_pdbx_validate_rmsd_angle.auth_comp_id_3             ARG 
_pdbx_validate_rmsd_angle.auth_seq_id_3              84 
_pdbx_validate_rmsd_angle.PDB_ins_code_3             ? 
_pdbx_validate_rmsd_angle.label_alt_id_3             ? 
_pdbx_validate_rmsd_angle.angle_value                117.16 
_pdbx_validate_rmsd_angle.angle_target_value         120.30 
_pdbx_validate_rmsd_angle.angle_deviation            -3.14 
_pdbx_validate_rmsd_angle.angle_standard_deviation   0.50 
_pdbx_validate_rmsd_angle.linker_flag                N 
# 
_pdbx_validate_torsion.id              1 
_pdbx_validate_torsion.PDB_model_num   1 
_pdbx_validate_torsion.auth_comp_id    ASP 
_pdbx_validate_torsion.auth_asym_id    A 
_pdbx_validate_torsion.auth_seq_id     99 
_pdbx_validate_torsion.PDB_ins_code    ? 
_pdbx_validate_torsion.label_alt_id    ? 
_pdbx_validate_torsion.phi             -59.64 
_pdbx_validate_torsion.psi             103.27 
# 
_pdbx_SG_project.project_name          'PSI, Protein Structure Initiative' 
_pdbx_SG_project.full_name_of_center   'Joint Center for Structural Genomics' 
_pdbx_SG_project.id                    1 
_pdbx_SG_project.initial_of_center     JCSG 
# 
loop_
_pdbx_struct_mod_residue.id 
_pdbx_struct_mod_residue.label_asym_id 
_pdbx_struct_mod_residue.label_comp_id 
_pdbx_struct_mod_residue.label_seq_id 
_pdbx_struct_mod_residue.auth_asym_id 
_pdbx_struct_mod_residue.auth_comp_id 
_pdbx_struct_mod_residue.auth_seq_id 
_pdbx_struct_mod_residue.PDB_ins_code 
_pdbx_struct_mod_residue.parent_comp_id 
_pdbx_struct_mod_residue.details 
1 A MSE 2  A MSE 1  ? MET SELENOMETHIONINE 
2 A MSE 69 A MSE 68 ? MET SELENOMETHIONINE 
3 A MSE 98 A MSE 97 ? MET SELENOMETHIONINE 
# 
_pdbx_refine_tls.id               1 
_pdbx_refine_tls.details          ? 
_pdbx_refine_tls.method           refined 
_pdbx_refine_tls.origin_x         0.2782 
_pdbx_refine_tls.origin_y         -0.3599 
_pdbx_refine_tls.origin_z         -0.6550 
_pdbx_refine_tls.T[1][1]          -0.1350 
_pdbx_refine_tls.T[2][2]          0.0005 
_pdbx_refine_tls.T[3][3]          0.0455 
_pdbx_refine_tls.T[1][2]          0.0886 
_pdbx_refine_tls.T[1][3]          -0.0367 
_pdbx_refine_tls.T[2][3]          0.0472 
_pdbx_refine_tls.L[1][1]          2.2569 
_pdbx_refine_tls.L[2][2]          1.1583 
_pdbx_refine_tls.L[3][3]          3.9464 
_pdbx_refine_tls.L[1][2]          -0.0314 
_pdbx_refine_tls.L[1][3]          0.8500 
_pdbx_refine_tls.L[2][3]          0.8477 
_pdbx_refine_tls.S[1][1]          0.2484 
_pdbx_refine_tls.S[2][2]          0.2731 
_pdbx_refine_tls.S[3][3]          -0.5215 
_pdbx_refine_tls.S[1][2]          -0.0131 
_pdbx_refine_tls.S[1][3]          -0.6260 
_pdbx_refine_tls.S[2][3]          -0.0696 
_pdbx_refine_tls.S[2][1]          0.1815 
_pdbx_refine_tls.S[3][1]          0.4130 
_pdbx_refine_tls.S[3][2]          0.0802 
_pdbx_refine_tls.pdbx_refine_id   'X-RAY DIFFRACTION' 
# 
_pdbx_refine_tls_group.id                  1 
_pdbx_refine_tls_group.refine_tls_id       1 
_pdbx_refine_tls_group.beg_label_asym_id   A 
_pdbx_refine_tls_group.beg_label_seq_id    1 
_pdbx_refine_tls_group.end_label_asym_id   A 
_pdbx_refine_tls_group.end_label_seq_id    148 
_pdbx_refine_tls_group.selection           ALL 
_pdbx_refine_tls_group.beg_auth_asym_id    A 
_pdbx_refine_tls_group.beg_auth_seq_id     0 
_pdbx_refine_tls_group.end_auth_asym_id    A 
_pdbx_refine_tls_group.end_auth_seq_id     147 
_pdbx_refine_tls_group.pdbx_refine_id      'X-RAY DIFFRACTION' 
_pdbx_refine_tls_group.selection_details   ? 
# 
_phasing.method   MAD 
# 
_pdbx_database_remark.id     999 
_pdbx_database_remark.text   
;SEQUENCE
THE CONSTRUCT WAS EXPRESSED WITH A PURIFICATION TAG
MGSDKIHHHHHHENLYFQG. THE TAG WAS REMOVED WITH TEV 
PROTEASE LEAVING ONLY A GLYCINE (0) FOLLOWED BY THE 
TARGET SEQUENCE.
;
# 
_pdbx_unobs_or_zero_occ_residues.id               1 
_pdbx_unobs_or_zero_occ_residues.PDB_model_num    1 
_pdbx_unobs_or_zero_occ_residues.polymer_flag     Y 
_pdbx_unobs_or_zero_occ_residues.occupancy_flag   1 
_pdbx_unobs_or_zero_occ_residues.auth_asym_id     A 
_pdbx_unobs_or_zero_occ_residues.auth_comp_id     GLU 
_pdbx_unobs_or_zero_occ_residues.auth_seq_id      148 
_pdbx_unobs_or_zero_occ_residues.PDB_ins_code     ? 
_pdbx_unobs_or_zero_occ_residues.label_asym_id    A 
_pdbx_unobs_or_zero_occ_residues.label_comp_id    GLU 
_pdbx_unobs_or_zero_occ_residues.label_seq_id     149 
# 
loop_
_chem_comp_atom.comp_id 
_chem_comp_atom.atom_id 
_chem_comp_atom.type_symbol 
_chem_comp_atom.pdbx_aromatic_flag 
_chem_comp_atom.pdbx_stereo_config 
_chem_comp_atom.pdbx_ordinal 
ALA N    N  N N 1   
ALA CA   C  N S 2   
ALA C    C  N N 3   
ALA O    O  N N 4   
ALA CB   C  N N 5   
ALA OXT  O  N N 6   
ALA H    H  N N 7   
ALA H2   H  N N 8   
ALA HA   H  N N 9   
ALA HB1  H  N N 10  
ALA HB2  H  N N 11  
ALA HB3  H  N N 12  
ALA HXT  H  N N 13  
ARG N    N  N N 14  
ARG CA   C  N S 15  
ARG C    C  N N 16  
ARG O    O  N N 17  
ARG CB   C  N N 18  
ARG CG   C  N N 19  
ARG CD   C  N N 20  
ARG NE   N  N N 21  
ARG CZ   C  N N 22  
ARG NH1  N  N N 23  
ARG NH2  N  N N 24  
ARG OXT  O  N N 25  
ARG H    H  N N 26  
ARG H2   H  N N 27  
ARG HA   H  N N 28  
ARG HB2  H  N N 29  
ARG HB3  H  N N 30  
ARG HG2  H  N N 31  
ARG HG3  H  N N 32  
ARG HD2  H  N N 33  
ARG HD3  H  N N 34  
ARG HE   H  N N 35  
ARG HH11 H  N N 36  
ARG HH12 H  N N 37  
ARG HH21 H  N N 38  
ARG HH22 H  N N 39  
ARG HXT  H  N N 40  
ASN N    N  N N 41  
ASN CA   C  N S 42  
ASN C    C  N N 43  
ASN O    O  N N 44  
ASN CB   C  N N 45  
ASN CG   C  N N 46  
ASN OD1  O  N N 47  
ASN ND2  N  N N 48  
ASN OXT  O  N N 49  
ASN H    H  N N 50  
ASN H2   H  N N 51  
ASN HA   H  N N 52  
ASN HB2  H  N N 53  
ASN HB3  H  N N 54  
ASN HD21 H  N N 55  
ASN HD22 H  N N 56  
ASN HXT  H  N N 57  
ASP N    N  N N 58  
ASP CA   C  N S 59  
ASP C    C  N N 60  
ASP O    O  N N 61  
ASP CB   C  N N 62  
ASP CG   C  N N 63  
ASP OD1  O  N N 64  
ASP OD2  O  N N 65  
ASP OXT  O  N N 66  
ASP H    H  N N 67  
ASP H2   H  N N 68  
ASP HA   H  N N 69  
ASP HB2  H  N N 70  
ASP HB3  H  N N 71  
ASP HD2  H  N N 72  
ASP HXT  H  N N 73  
CL  CL   CL N N 74  
GLN N    N  N N 75  
GLN CA   C  N S 76  
GLN C    C  N N 77  
GLN O    O  N N 78  
GLN CB   C  N N 79  
GLN CG   C  N N 80  
GLN CD   C  N N 81  
GLN OE1  O  N N 82  
GLN NE2  N  N N 83  
GLN OXT  O  N N 84  
GLN H    H  N N 85  
GLN H2   H  N N 86  
GLN HA   H  N N 87  
GLN HB2  H  N N 88  
GLN HB3  H  N N 89  
GLN HG2  H  N N 90  
GLN HG3  H  N N 91  
GLN HE21 H  N N 92  
GLN HE22 H  N N 93  
GLN HXT  H  N N 94  
GLU N    N  N N 95  
GLU CA   C  N S 96  
GLU C    C  N N 97  
GLU O    O  N N 98  
GLU CB   C  N N 99  
GLU CG   C  N N 100 
GLU CD   C  N N 101 
GLU OE1  O  N N 102 
GLU OE2  O  N N 103 
GLU OXT  O  N N 104 
GLU H    H  N N 105 
GLU H2   H  N N 106 
GLU HA   H  N N 107 
GLU HB2  H  N N 108 
GLU HB3  H  N N 109 
GLU HG2  H  N N 110 
GLU HG3  H  N N 111 
GLU HE2  H  N N 112 
GLU HXT  H  N N 113 
GLY N    N  N N 114 
GLY CA   C  N N 115 
GLY C    C  N N 116 
GLY O    O  N N 117 
GLY OXT  O  N N 118 
GLY H    H  N N 119 
GLY H2   H  N N 120 
GLY HA2  H  N N 121 
GLY HA3  H  N N 122 
GLY HXT  H  N N 123 
HIS N    N  N N 124 
HIS CA   C  N S 125 
HIS C    C  N N 126 
HIS O    O  N N 127 
HIS CB   C  N N 128 
HIS CG   C  Y N 129 
HIS ND1  N  Y N 130 
HIS CD2  C  Y N 131 
HIS CE1  C  Y N 132 
HIS NE2  N  Y N 133 
HIS OXT  O  N N 134 
HIS H    H  N N 135 
HIS H2   H  N N 136 
HIS HA   H  N N 137 
HIS HB2  H  N N 138 
HIS HB3  H  N N 139 
HIS HD1  H  N N 140 
HIS HD2  H  N N 141 
HIS HE1  H  N N 142 
HIS HE2  H  N N 143 
HIS HXT  H  N N 144 
HOH O    O  N N 145 
HOH H1   H  N N 146 
HOH H2   H  N N 147 
ILE N    N  N N 148 
ILE CA   C  N S 149 
ILE C    C  N N 150 
ILE O    O  N N 151 
ILE CB   C  N S 152 
ILE CG1  C  N N 153 
ILE CG2  C  N N 154 
ILE CD1  C  N N 155 
ILE OXT  O  N N 156 
ILE H    H  N N 157 
ILE H2   H  N N 158 
ILE HA   H  N N 159 
ILE HB   H  N N 160 
ILE HG12 H  N N 161 
ILE HG13 H  N N 162 
ILE HG21 H  N N 163 
ILE HG22 H  N N 164 
ILE HG23 H  N N 165 
ILE HD11 H  N N 166 
ILE HD12 H  N N 167 
ILE HD13 H  N N 168 
ILE HXT  H  N N 169 
LEU N    N  N N 170 
LEU CA   C  N S 171 
LEU C    C  N N 172 
LEU O    O  N N 173 
LEU CB   C  N N 174 
LEU CG   C  N N 175 
LEU CD1  C  N N 176 
LEU CD2  C  N N 177 
LEU OXT  O  N N 178 
LEU H    H  N N 179 
LEU H2   H  N N 180 
LEU HA   H  N N 181 
LEU HB2  H  N N 182 
LEU HB3  H  N N 183 
LEU HG   H  N N 184 
LEU HD11 H  N N 185 
LEU HD12 H  N N 186 
LEU HD13 H  N N 187 
LEU HD21 H  N N 188 
LEU HD22 H  N N 189 
LEU HD23 H  N N 190 
LEU HXT  H  N N 191 
LYS N    N  N N 192 
LYS CA   C  N S 193 
LYS C    C  N N 194 
LYS O    O  N N 195 
LYS CB   C  N N 196 
LYS CG   C  N N 197 
LYS CD   C  N N 198 
LYS CE   C  N N 199 
LYS NZ   N  N N 200 
LYS OXT  O  N N 201 
LYS H    H  N N 202 
LYS H2   H  N N 203 
LYS HA   H  N N 204 
LYS HB2  H  N N 205 
LYS HB3  H  N N 206 
LYS HG2  H  N N 207 
LYS HG3  H  N N 208 
LYS HD2  H  N N 209 
LYS HD3  H  N N 210 
LYS HE2  H  N N 211 
LYS HE3  H  N N 212 
LYS HZ1  H  N N 213 
LYS HZ2  H  N N 214 
LYS HZ3  H  N N 215 
LYS HXT  H  N N 216 
MET N    N  N N 217 
MET CA   C  N S 218 
MET C    C  N N 219 
MET O    O  N N 220 
MET CB   C  N N 221 
MET CG   C  N N 222 
MET SD   S  N N 223 
MET CE   C  N N 224 
MET OXT  O  N N 225 
MET H    H  N N 226 
MET H2   H  N N 227 
MET HA   H  N N 228 
MET HB2  H  N N 229 
MET HB3  H  N N 230 
MET HG2  H  N N 231 
MET HG3  H  N N 232 
MET HE1  H  N N 233 
MET HE2  H  N N 234 
MET HE3  H  N N 235 
MET HXT  H  N N 236 
MSE N    N  N N 237 
MSE CA   C  N S 238 
MSE C    C  N N 239 
MSE O    O  N N 240 
MSE OXT  O  N N 241 
MSE CB   C  N N 242 
MSE CG   C  N N 243 
MSE SE   SE N N 244 
MSE CE   C  N N 245 
MSE H    H  N N 246 
MSE H2   H  N N 247 
MSE HA   H  N N 248 
MSE HXT  H  N N 249 
MSE HB2  H  N N 250 
MSE HB3  H  N N 251 
MSE HG2  H  N N 252 
MSE HG3  H  N N 253 
MSE HE1  H  N N 254 
MSE HE2  H  N N 255 
MSE HE3  H  N N 256 
NI  NI   NI N N 257 
PHE N    N  N N 258 
PHE CA   C  N S 259 
PHE C    C  N N 260 
PHE O    O  N N 261 
PHE CB   C  N N 262 
PHE CG   C  Y N 263 
PHE CD1  C  Y N 264 
PHE CD2  C  Y N 265 
PHE CE1  C  Y N 266 
PHE CE2  C  Y N 267 
PHE CZ   C  Y N 268 
PHE OXT  O  N N 269 
PHE H    H  N N 270 
PHE H2   H  N N 271 
PHE HA   H  N N 272 
PHE HB2  H  N N 273 
PHE HB3  H  N N 274 
PHE HD1  H  N N 275 
PHE HD2  H  N N 276 
PHE HE1  H  N N 277 
PHE HE2  H  N N 278 
PHE HZ   H  N N 279 
PHE HXT  H  N N 280 
PRO N    N  N N 281 
PRO CA   C  N S 282 
PRO C    C  N N 283 
PRO O    O  N N 284 
PRO CB   C  N N 285 
PRO CG   C  N N 286 
PRO CD   C  N N 287 
PRO OXT  O  N N 288 
PRO H    H  N N 289 
PRO HA   H  N N 290 
PRO HB2  H  N N 291 
PRO HB3  H  N N 292 
PRO HG2  H  N N 293 
PRO HG3  H  N N 294 
PRO HD2  H  N N 295 
PRO HD3  H  N N 296 
PRO HXT  H  N N 297 
SER N    N  N N 298 
SER CA   C  N S 299 
SER C    C  N N 300 
SER O    O  N N 301 
SER CB   C  N N 302 
SER OG   O  N N 303 
SER OXT  O  N N 304 
SER H    H  N N 305 
SER H2   H  N N 306 
SER HA   H  N N 307 
SER HB2  H  N N 308 
SER HB3  H  N N 309 
SER HG   H  N N 310 
SER HXT  H  N N 311 
THR N    N  N N 312 
THR CA   C  N S 313 
THR C    C  N N 314 
THR O    O  N N 315 
THR CB   C  N R 316 
THR OG1  O  N N 317 
THR CG2  C  N N 318 
THR OXT  O  N N 319 
THR H    H  N N 320 
THR H2   H  N N 321 
THR HA   H  N N 322 
THR HB   H  N N 323 
THR HG1  H  N N 324 
THR HG21 H  N N 325 
THR HG22 H  N N 326 
THR HG23 H  N N 327 
THR HXT  H  N N 328 
TRP N    N  N N 329 
TRP CA   C  N S 330 
TRP C    C  N N 331 
TRP O    O  N N 332 
TRP CB   C  N N 333 
TRP CG   C  Y N 334 
TRP CD1  C  Y N 335 
TRP CD2  C  Y N 336 
TRP NE1  N  Y N 337 
TRP CE2  C  Y N 338 
TRP CE3  C  Y N 339 
TRP CZ2  C  Y N 340 
TRP CZ3  C  Y N 341 
TRP CH2  C  Y N 342 
TRP OXT  O  N N 343 
TRP H    H  N N 344 
TRP H2   H  N N 345 
TRP HA   H  N N 346 
TRP HB2  H  N N 347 
TRP HB3  H  N N 348 
TRP HD1  H  N N 349 
TRP HE1  H  N N 350 
TRP HE3  H  N N 351 
TRP HZ2  H  N N 352 
TRP HZ3  H  N N 353 
TRP HH2  H  N N 354 
TRP HXT  H  N N 355 
TYR N    N  N N 356 
TYR CA   C  N S 357 
TYR C    C  N N 358 
TYR O    O  N N 359 
TYR CB   C  N N 360 
TYR CG   C  Y N 361 
TYR CD1  C  Y N 362 
TYR CD2  C  Y N 363 
TYR CE1  C  Y N 364 
TYR CE2  C  Y N 365 
TYR CZ   C  Y N 366 
TYR OH   O  N N 367 
TYR OXT  O  N N 368 
TYR H    H  N N 369 
TYR H2   H  N N 370 
TYR HA   H  N N 371 
TYR HB2  H  N N 372 
TYR HB3  H  N N 373 
TYR HD1  H  N N 374 
TYR HD2  H  N N 375 
TYR HE1  H  N N 376 
TYR HE2  H  N N 377 
TYR HH   H  N N 378 
TYR HXT  H  N N 379 
VAL N    N  N N 380 
VAL CA   C  N S 381 
VAL C    C  N N 382 
VAL O    O  N N 383 
VAL CB   C  N N 384 
VAL CG1  C  N N 385 
VAL CG2  C  N N 386 
VAL OXT  O  N N 387 
VAL H    H  N N 388 
VAL H2   H  N N 389 
VAL HA   H  N N 390 
VAL HB   H  N N 391 
VAL HG11 H  N N 392 
VAL HG12 H  N N 393 
VAL HG13 H  N N 394 
VAL HG21 H  N N 395 
VAL HG22 H  N N 396 
VAL HG23 H  N N 397 
VAL HXT  H  N N 398 
# 
loop_
_chem_comp_bond.comp_id 
_chem_comp_bond.atom_id_1 
_chem_comp_bond.atom_id_2 
_chem_comp_bond.value_order 
_chem_comp_bond.pdbx_aromatic_flag 
_chem_comp_bond.pdbx_stereo_config 
_chem_comp_bond.pdbx_ordinal 
ALA N   CA   sing N N 1   
ALA N   H    sing N N 2   
ALA N   H2   sing N N 3   
ALA CA  C    sing N N 4   
ALA CA  CB   sing N N 5   
ALA CA  HA   sing N N 6   
ALA C   O    doub N N 7   
ALA C   OXT  sing N N 8   
ALA CB  HB1  sing N N 9   
ALA CB  HB2  sing N N 10  
ALA CB  HB3  sing N N 11  
ALA OXT HXT  sing N N 12  
ARG N   CA   sing N N 13  
ARG N   H    sing N N 14  
ARG N   H2   sing N N 15  
ARG CA  C    sing N N 16  
ARG CA  CB   sing N N 17  
ARG CA  HA   sing N N 18  
ARG C   O    doub N N 19  
ARG C   OXT  sing N N 20  
ARG CB  CG   sing N N 21  
ARG CB  HB2  sing N N 22  
ARG CB  HB3  sing N N 23  
ARG CG  CD   sing N N 24  
ARG CG  HG2  sing N N 25  
ARG CG  HG3  sing N N 26  
ARG CD  NE   sing N N 27  
ARG CD  HD2  sing N N 28  
ARG CD  HD3  sing N N 29  
ARG NE  CZ   sing N N 30  
ARG NE  HE   sing N N 31  
ARG CZ  NH1  sing N N 32  
ARG CZ  NH2  doub N N 33  
ARG NH1 HH11 sing N N 34  
ARG NH1 HH12 sing N N 35  
ARG NH2 HH21 sing N N 36  
ARG NH2 HH22 sing N N 37  
ARG OXT HXT  sing N N 38  
ASN N   CA   sing N N 39  
ASN N   H    sing N N 40  
ASN N   H2   sing N N 41  
ASN CA  C    sing N N 42  
ASN CA  CB   sing N N 43  
ASN CA  HA   sing N N 44  
ASN C   O    doub N N 45  
ASN C   OXT  sing N N 46  
ASN CB  CG   sing N N 47  
ASN CB  HB2  sing N N 48  
ASN CB  HB3  sing N N 49  
ASN CG  OD1  doub N N 50  
ASN CG  ND2  sing N N 51  
ASN ND2 HD21 sing N N 52  
ASN ND2 HD22 sing N N 53  
ASN OXT HXT  sing N N 54  
ASP N   CA   sing N N 55  
ASP N   H    sing N N 56  
ASP N   H2   sing N N 57  
ASP CA  C    sing N N 58  
ASP CA  CB   sing N N 59  
ASP CA  HA   sing N N 60  
ASP C   O    doub N N 61  
ASP C   OXT  sing N N 62  
ASP CB  CG   sing N N 63  
ASP CB  HB2  sing N N 64  
ASP CB  HB3  sing N N 65  
ASP CG  OD1  doub N N 66  
ASP CG  OD2  sing N N 67  
ASP OD2 HD2  sing N N 68  
ASP OXT HXT  sing N N 69  
GLN N   CA   sing N N 70  
GLN N   H    sing N N 71  
GLN N   H2   sing N N 72  
GLN CA  C    sing N N 73  
GLN CA  CB   sing N N 74  
GLN CA  HA   sing N N 75  
GLN C   O    doub N N 76  
GLN C   OXT  sing N N 77  
GLN CB  CG   sing N N 78  
GLN CB  HB2  sing N N 79  
GLN CB  HB3  sing N N 80  
GLN CG  CD   sing N N 81  
GLN CG  HG2  sing N N 82  
GLN CG  HG3  sing N N 83  
GLN CD  OE1  doub N N 84  
GLN CD  NE2  sing N N 85  
GLN NE2 HE21 sing N N 86  
GLN NE2 HE22 sing N N 87  
GLN OXT HXT  sing N N 88  
GLU N   CA   sing N N 89  
GLU N   H    sing N N 90  
GLU N   H2   sing N N 91  
GLU CA  C    sing N N 92  
GLU CA  CB   sing N N 93  
GLU CA  HA   sing N N 94  
GLU C   O    doub N N 95  
GLU C   OXT  sing N N 96  
GLU CB  CG   sing N N 97  
GLU CB  HB2  sing N N 98  
GLU CB  HB3  sing N N 99  
GLU CG  CD   sing N N 100 
GLU CG  HG2  sing N N 101 
GLU CG  HG3  sing N N 102 
GLU CD  OE1  doub N N 103 
GLU CD  OE2  sing N N 104 
GLU OE2 HE2  sing N N 105 
GLU OXT HXT  sing N N 106 
GLY N   CA   sing N N 107 
GLY N   H    sing N N 108 
GLY N   H2   sing N N 109 
GLY CA  C    sing N N 110 
GLY CA  HA2  sing N N 111 
GLY CA  HA3  sing N N 112 
GLY C   O    doub N N 113 
GLY C   OXT  sing N N 114 
GLY OXT HXT  sing N N 115 
HIS N   CA   sing N N 116 
HIS N   H    sing N N 117 
HIS N   H2   sing N N 118 
HIS CA  C    sing N N 119 
HIS CA  CB   sing N N 120 
HIS CA  HA   sing N N 121 
HIS C   O    doub N N 122 
HIS C   OXT  sing N N 123 
HIS CB  CG   sing N N 124 
HIS CB  HB2  sing N N 125 
HIS CB  HB3  sing N N 126 
HIS CG  ND1  sing Y N 127 
HIS CG  CD2  doub Y N 128 
HIS ND1 CE1  doub Y N 129 
HIS ND1 HD1  sing N N 130 
HIS CD2 NE2  sing Y N 131 
HIS CD2 HD2  sing N N 132 
HIS CE1 NE2  sing Y N 133 
HIS CE1 HE1  sing N N 134 
HIS NE2 HE2  sing N N 135 
HIS OXT HXT  sing N N 136 
HOH O   H1   sing N N 137 
HOH O   H2   sing N N 138 
ILE N   CA   sing N N 139 
ILE N   H    sing N N 140 
ILE N   H2   sing N N 141 
ILE CA  C    sing N N 142 
ILE CA  CB   sing N N 143 
ILE CA  HA   sing N N 144 
ILE C   O    doub N N 145 
ILE C   OXT  sing N N 146 
ILE CB  CG1  sing N N 147 
ILE CB  CG2  sing N N 148 
ILE CB  HB   sing N N 149 
ILE CG1 CD1  sing N N 150 
ILE CG1 HG12 sing N N 151 
ILE CG1 HG13 sing N N 152 
ILE CG2 HG21 sing N N 153 
ILE CG2 HG22 sing N N 154 
ILE CG2 HG23 sing N N 155 
ILE CD1 HD11 sing N N 156 
ILE CD1 HD12 sing N N 157 
ILE CD1 HD13 sing N N 158 
ILE OXT HXT  sing N N 159 
LEU N   CA   sing N N 160 
LEU N   H    sing N N 161 
LEU N   H2   sing N N 162 
LEU CA  C    sing N N 163 
LEU CA  CB   sing N N 164 
LEU CA  HA   sing N N 165 
LEU C   O    doub N N 166 
LEU C   OXT  sing N N 167 
LEU CB  CG   sing N N 168 
LEU CB  HB2  sing N N 169 
LEU CB  HB3  sing N N 170 
LEU CG  CD1  sing N N 171 
LEU CG  CD2  sing N N 172 
LEU CG  HG   sing N N 173 
LEU CD1 HD11 sing N N 174 
LEU CD1 HD12 sing N N 175 
LEU CD1 HD13 sing N N 176 
LEU CD2 HD21 sing N N 177 
LEU CD2 HD22 sing N N 178 
LEU CD2 HD23 sing N N 179 
LEU OXT HXT  sing N N 180 
LYS N   CA   sing N N 181 
LYS N   H    sing N N 182 
LYS N   H2   sing N N 183 
LYS CA  C    sing N N 184 
LYS CA  CB   sing N N 185 
LYS CA  HA   sing N N 186 
LYS C   O    doub N N 187 
LYS C   OXT  sing N N 188 
LYS CB  CG   sing N N 189 
LYS CB  HB2  sing N N 190 
LYS CB  HB3  sing N N 191 
LYS CG  CD   sing N N 192 
LYS CG  HG2  sing N N 193 
LYS CG  HG3  sing N N 194 
LYS CD  CE   sing N N 195 
LYS CD  HD2  sing N N 196 
LYS CD  HD3  sing N N 197 
LYS CE  NZ   sing N N 198 
LYS CE  HE2  sing N N 199 
LYS CE  HE3  sing N N 200 
LYS NZ  HZ1  sing N N 201 
LYS NZ  HZ2  sing N N 202 
LYS NZ  HZ3  sing N N 203 
LYS OXT HXT  sing N N 204 
MET N   CA   sing N N 205 
MET N   H    sing N N 206 
MET N   H2   sing N N 207 
MET CA  C    sing N N 208 
MET CA  CB   sing N N 209 
MET CA  HA   sing N N 210 
MET C   O    doub N N 211 
MET C   OXT  sing N N 212 
MET CB  CG   sing N N 213 
MET CB  HB2  sing N N 214 
MET CB  HB3  sing N N 215 
MET CG  SD   sing N N 216 
MET CG  HG2  sing N N 217 
MET CG  HG3  sing N N 218 
MET SD  CE   sing N N 219 
MET CE  HE1  sing N N 220 
MET CE  HE2  sing N N 221 
MET CE  HE3  sing N N 222 
MET OXT HXT  sing N N 223 
MSE N   CA   sing N N 224 
MSE N   H    sing N N 225 
MSE N   H2   sing N N 226 
MSE CA  C    sing N N 227 
MSE CA  CB   sing N N 228 
MSE CA  HA   sing N N 229 
MSE C   O    doub N N 230 
MSE C   OXT  sing N N 231 
MSE OXT HXT  sing N N 232 
MSE CB  CG   sing N N 233 
MSE CB  HB2  sing N N 234 
MSE CB  HB3  sing N N 235 
MSE CG  SE   sing N N 236 
MSE CG  HG2  sing N N 237 
MSE CG  HG3  sing N N 238 
MSE SE  CE   sing N N 239 
MSE CE  HE1  sing N N 240 
MSE CE  HE2  sing N N 241 
MSE CE  HE3  sing N N 242 
PHE N   CA   sing N N 243 
PHE N   H    sing N N 244 
PHE N   H2   sing N N 245 
PHE CA  C    sing N N 246 
PHE CA  CB   sing N N 247 
PHE CA  HA   sing N N 248 
PHE C   O    doub N N 249 
PHE C   OXT  sing N N 250 
PHE CB  CG   sing N N 251 
PHE CB  HB2  sing N N 252 
PHE CB  HB3  sing N N 253 
PHE CG  CD1  doub Y N 254 
PHE CG  CD2  sing Y N 255 
PHE CD1 CE1  sing Y N 256 
PHE CD1 HD1  sing N N 257 
PHE CD2 CE2  doub Y N 258 
PHE CD2 HD2  sing N N 259 
PHE CE1 CZ   doub Y N 260 
PHE CE1 HE1  sing N N 261 
PHE CE2 CZ   sing Y N 262 
PHE CE2 HE2  sing N N 263 
PHE CZ  HZ   sing N N 264 
PHE OXT HXT  sing N N 265 
PRO N   CA   sing N N 266 
PRO N   CD   sing N N 267 
PRO N   H    sing N N 268 
PRO CA  C    sing N N 269 
PRO CA  CB   sing N N 270 
PRO CA  HA   sing N N 271 
PRO C   O    doub N N 272 
PRO C   OXT  sing N N 273 
PRO CB  CG   sing N N 274 
PRO CB  HB2  sing N N 275 
PRO CB  HB3  sing N N 276 
PRO CG  CD   sing N N 277 
PRO CG  HG2  sing N N 278 
PRO CG  HG3  sing N N 279 
PRO CD  HD2  sing N N 280 
PRO CD  HD3  sing N N 281 
PRO OXT HXT  sing N N 282 
SER N   CA   sing N N 283 
SER N   H    sing N N 284 
SER N   H2   sing N N 285 
SER CA  C    sing N N 286 
SER CA  CB   sing N N 287 
SER CA  HA   sing N N 288 
SER C   O    doub N N 289 
SER C   OXT  sing N N 290 
SER CB  OG   sing N N 291 
SER CB  HB2  sing N N 292 
SER CB  HB3  sing N N 293 
SER OG  HG   sing N N 294 
SER OXT HXT  sing N N 295 
THR N   CA   sing N N 296 
THR N   H    sing N N 297 
THR N   H2   sing N N 298 
THR CA  C    sing N N 299 
THR CA  CB   sing N N 300 
THR CA  HA   sing N N 301 
THR C   O    doub N N 302 
THR C   OXT  sing N N 303 
THR CB  OG1  sing N N 304 
THR CB  CG2  sing N N 305 
THR CB  HB   sing N N 306 
THR OG1 HG1  sing N N 307 
THR CG2 HG21 sing N N 308 
THR CG2 HG22 sing N N 309 
THR CG2 HG23 sing N N 310 
THR OXT HXT  sing N N 311 
TRP N   CA   sing N N 312 
TRP N   H    sing N N 313 
TRP N   H2   sing N N 314 
TRP CA  C    sing N N 315 
TRP CA  CB   sing N N 316 
TRP CA  HA   sing N N 317 
TRP C   O    doub N N 318 
TRP C   OXT  sing N N 319 
TRP CB  CG   sing N N 320 
TRP CB  HB2  sing N N 321 
TRP CB  HB3  sing N N 322 
TRP CG  CD1  doub Y N 323 
TRP CG  CD2  sing Y N 324 
TRP CD1 NE1  sing Y N 325 
TRP CD1 HD1  sing N N 326 
TRP CD2 CE2  doub Y N 327 
TRP CD2 CE3  sing Y N 328 
TRP NE1 CE2  sing Y N 329 
TRP NE1 HE1  sing N N 330 
TRP CE2 CZ2  sing Y N 331 
TRP CE3 CZ3  doub Y N 332 
TRP CE3 HE3  sing N N 333 
TRP CZ2 CH2  doub Y N 334 
TRP CZ2 HZ2  sing N N 335 
TRP CZ3 CH2  sing Y N 336 
TRP CZ3 HZ3  sing N N 337 
TRP CH2 HH2  sing N N 338 
TRP OXT HXT  sing N N 339 
TYR N   CA   sing N N 340 
TYR N   H    sing N N 341 
TYR N   H2   sing N N 342 
TYR CA  C    sing N N 343 
TYR CA  CB   sing N N 344 
TYR CA  HA   sing N N 345 
TYR C   O    doub N N 346 
TYR C   OXT  sing N N 347 
TYR CB  CG   sing N N 348 
TYR CB  HB2  sing N N 349 
TYR CB  HB3  sing N N 350 
TYR CG  CD1  doub Y N 351 
TYR CG  CD2  sing Y N 352 
TYR CD1 CE1  sing Y N 353 
TYR CD1 HD1  sing N N 354 
TYR CD2 CE2  doub Y N 355 
TYR CD2 HD2  sing N N 356 
TYR CE1 CZ   doub Y N 357 
TYR CE1 HE1  sing N N 358 
TYR CE2 CZ   sing Y N 359 
TYR CE2 HE2  sing N N 360 
TYR CZ  OH   sing N N 361 
TYR OH  HH   sing N N 362 
TYR OXT HXT  sing N N 363 
VAL N   CA   sing N N 364 
VAL N   H    sing N N 365 
VAL N   H2   sing N N 366 
VAL CA  C    sing N N 367 
VAL CA  CB   sing N N 368 
VAL CA  HA   sing N N 369 
VAL C   O    doub N N 370 
VAL C   OXT  sing N N 371 
VAL CB  CG1  sing N N 372 
VAL CB  CG2  sing N N 373 
VAL CB  HB   sing N N 374 
VAL CG1 HG11 sing N N 375 
VAL CG1 HG12 sing N N 376 
VAL CG1 HG13 sing N N 377 
VAL CG2 HG21 sing N N 378 
VAL CG2 HG22 sing N N 379 
VAL CG2 HG23 sing N N 380 
VAL OXT HXT  sing N N 381 
# 
_atom_sites.entry_id                    2HKV 
_atom_sites.fract_transf_matrix[1][1]   -0.02501225 
_atom_sites.fract_transf_matrix[1][2]   -0.00508266 
_atom_sites.fract_transf_matrix[1][3]   0.00248802 
_atom_sites.fract_transf_matrix[2][1]   -0.01414610 
_atom_sites.fract_transf_matrix[2][2]   0.01317138 
_atom_sites.fract_transf_matrix[2][3]   0.01686194 
_atom_sites.fract_transf_matrix[3][1]   -0.00158468 
_atom_sites.fract_transf_matrix[3][2]   0.00517053 
_atom_sites.fract_transf_matrix[3][3]   -0.00536831 
_atom_sites.fract_transf_vector[1]      0.153933 
_atom_sites.fract_transf_vector[2]      -0.002878 
_atom_sites.fract_transf_vector[3]      -0.065519 
# 
loop_
_atom_type.symbol 
C  
CL 
N  
NI 
O  
SE 
# 
loop_
_atom_site.group_PDB 
_atom_site.id 
_atom_site.type_symbol 
_atom_site.label_atom_id 
_atom_site.label_alt_id 
_atom_site.label_comp_id 
_atom_site.label_asym_id 
_atom_site.label_entity_id 
_atom_site.label_seq_id 
_atom_site.pdbx_PDB_ins_code 
_atom_site.Cartn_x 
_atom_site.Cartn_y 
_atom_site.Cartn_z 
_atom_site.occupancy 
_atom_site.B_iso_or_equiv 
_atom_site.pdbx_formal_charge 
_atom_site.auth_seq_id 
_atom_site.auth_comp_id 
_atom_site.auth_asym_id 
_atom_site.auth_atom_id 
_atom_site.pdbx_PDB_model_num 
ATOM   1    N  N   . GLY A 1 1   ? -24.841 2.868   2.128   1.00 40.17 ? 0   GLY A N   1 
ATOM   2    C  CA  . GLY A 1 1   ? -24.447 4.192   1.565   1.00 38.96 ? 0   GLY A CA  1 
ATOM   3    C  C   . GLY A 1 1   ? -23.107 4.597   2.134   1.00 40.22 ? 0   GLY A C   1 
ATOM   4    O  O   . GLY A 1 1   ? -22.521 3.857   2.890   1.00 46.78 ? 0   GLY A O   1 
HETATM 5    N  N   . MSE A 1 2   ? -22.589 5.747   1.754   1.00 39.61 ? 1   MSE A N   1 
HETATM 6    C  CA  . MSE A 1 2   ? -21.338 6.182   2.317   1.00 40.29 ? 1   MSE A CA  1 
HETATM 7    C  C   . MSE A 1 2   ? -21.271 7.682   2.216   1.00 36.26 ? 1   MSE A C   1 
HETATM 8    O  O   . MSE A 1 2   ? -21.944 8.299   1.409   1.00 35.25 ? 1   MSE A O   1 
HETATM 9    C  CB  . MSE A 1 2   ? -20.160 5.575   1.540   1.00 48.06 ? 1   MSE A CB  1 
HETATM 10   C  CG  . MSE A 1 2   ? -20.330 5.764   0.095   1.00 39.96 ? 1   MSE A CG  1 
HETATM 11   SE SE  . MSE A 1 2   ? -18.911 4.952   -1.034  0.70 63.74 ? 1   MSE A SE  1 
HETATM 12   C  CE  . MSE A 1 2   ? -19.401 5.896   -2.775  1.00 64.64 ? 1   MSE A CE  1 
ATOM   13   N  N   . THR A 1 3   ? -20.446 8.292   3.038   1.00 32.54 ? 2   THR A N   1 
ATOM   14   C  CA  . THR A 1 3   ? -20.289 9.736   3.001   1.00 31.34 ? 2   THR A CA  1 
ATOM   15   C  C   . THR A 1 3   ? -19.472 10.201  1.818   1.00 34.81 ? 2   THR A C   1 
ATOM   16   O  O   . THR A 1 3   ? -18.810 9.401   1.122   1.00 34.11 ? 2   THR A O   1 
ATOM   17   C  CB  . THR A 1 3   ? -19.534 10.188  4.278   1.00 37.26 ? 2   THR A CB  1 
ATOM   18   O  OG1 . THR A 1 3   ? -18.236 9.625   4.246   1.00 34.85 ? 2   THR A OG1 1 
ATOM   19   C  CG2 . THR A 1 3   ? -20.270 9.733   5.582   1.00 35.40 ? 2   THR A CG2 1 
ATOM   20   N  N   . ASP A 1 4   ? -19.469 11.508  1.604   1.00 33.33 ? 3   ASP A N   1 
ATOM   21   C  CA  . ASP A 1 4   ? -18.693 12.062  0.509   1.00 34.86 ? 3   ASP A CA  1 
ATOM   22   C  C   . ASP A 1 4   ? -17.180 11.779  0.654   1.00 33.28 ? 3   ASP A C   1 
ATOM   23   O  O   . ASP A 1 4   ? -16.507 11.465  -0.345  1.00 35.54 ? 3   ASP A O   1 
ATOM   24   C  CB  . ASP A 1 4   ? -19.004 13.551  0.350   1.00 38.42 ? 3   ASP A CB  1 
ATOM   25   C  CG  . ASP A 1 4   ? -20.203 13.795  -0.590  1.00 53.19 ? 3   ASP A CG  1 
ATOM   26   O  OD1 . ASP A 1 4   ? -21.125 12.952  -0.586  1.00 63.52 ? 3   ASP A OD1 1 
ATOM   27   O  OD2 . ASP A 1 4   ? -20.192 14.795  -1.359  1.00 52.19 ? 3   ASP A OD2 1 
ATOM   28   N  N   . TRP A 1 5   ? -16.652 11.804  1.877   1.00 32.68 ? 4   TRP A N   1 
ATOM   29   C  CA  A TRP A 1 5   ? -15.236 11.446  2.069   0.50 30.19 ? 4   TRP A CA  1 
ATOM   30   C  CA  B TRP A 1 5   ? -15.251 11.442  2.168   0.50 30.71 ? 4   TRP A CA  1 
ATOM   31   C  C   . TRP A 1 5   ? -14.996 9.957   1.843   1.00 28.81 ? 4   TRP A C   1 
ATOM   32   O  O   . TRP A 1 5   ? -13.976 9.579   1.282   1.00 32.18 ? 4   TRP A O   1 
ATOM   33   C  CB  A TRP A 1 5   ? -14.697 11.894  3.444   0.50 34.02 ? 4   TRP A CB  1 
ATOM   34   C  CB  B TRP A 1 5   ? -14.992 11.770  3.673   0.50 34.76 ? 4   TRP A CB  1 
ATOM   35   C  CG  A TRP A 1 5   ? -15.238 11.159  4.651   0.50 32.40 ? 4   TRP A CG  1 
ATOM   36   C  CG  B TRP A 1 5   ? -13.655 11.442  4.227   0.50 31.79 ? 4   TRP A CG  1 
ATOM   37   C  CD1 A TRP A 1 5   ? -16.303 11.506  5.423   0.50 31.06 ? 4   TRP A CD1 1 
ATOM   38   C  CD1 B TRP A 1 5   ? -13.378 10.534  5.190   0.50 34.78 ? 4   TRP A CD1 1 
ATOM   39   C  CD2 A TRP A 1 5   ? -14.694 9.984   5.237   0.50 33.13 ? 4   TRP A CD2 1 
ATOM   40   C  CD2 B TRP A 1 5   ? -12.378 11.974  3.802   0.50 32.60 ? 4   TRP A CD2 1 
ATOM   41   N  NE1 A TRP A 1 5   ? -16.505 10.583  6.438   0.50 24.58 ? 4   TRP A NE1 1 
ATOM   42   N  NE1 B TRP A 1 5   ? -12.002 10.466  5.404   0.50 40.00 ? 4   TRP A NE1 1 
ATOM   43   C  CE2 A TRP A 1 5   ? -15.492 9.656   6.356   0.50 33.95 ? 4   TRP A CE2 1 
ATOM   44   C  CE2 B TRP A 1 5   ? -11.377 11.360  4.589   0.50 26.98 ? 4   TRP A CE2 1 
ATOM   45   C  CE3 A TRP A 1 5   ? -13.595 9.167   4.926   0.50 32.43 ? 4   TRP A CE3 1 
ATOM   46   C  CE3 B TRP A 1 5   ? -11.994 12.925  2.856   0.50 36.51 ? 4   TRP A CE3 1 
ATOM   47   C  CZ2 A TRP A 1 5   ? -15.223 8.534   7.174   0.50 37.69 ? 4   TRP A CZ2 1 
ATOM   48   C  CZ2 B TRP A 1 5   ? -10.031 11.664  4.430   0.50 28.72 ? 4   TRP A CZ2 1 
ATOM   49   C  CZ3 A TRP A 1 5   ? -13.341 8.066   5.713   0.50 32.05 ? 4   TRP A CZ3 1 
ATOM   50   C  CZ3 B TRP A 1 5   ? -10.653 13.222  2.713   0.50 35.02 ? 4   TRP A CZ3 1 
ATOM   51   C  CH2 A TRP A 1 5   ? -14.145 7.762   6.838   0.50 33.79 ? 4   TRP A CH2 1 
ATOM   52   C  CH2 B TRP A 1 5   ? -9.692  12.597  3.504   0.50 33.62 ? 4   TRP A CH2 1 
ATOM   53   N  N   . GLN A 1 6   ? -15.922 9.073   2.273   1.00 30.70 ? 5   GLN A N   1 
ATOM   54   C  CA  . GLN A 1 6   ? -15.757 7.644   2.005   1.00 29.58 ? 5   GLN A CA  1 
ATOM   55   C  C   . GLN A 1 6   ? -15.786 7.357   0.515   1.00 34.64 ? 5   GLN A C   1 
ATOM   56   O  O   . GLN A 1 6   ? -15.009 6.518   0.011   1.00 33.12 ? 5   GLN A O   1 
ATOM   57   C  CB  . GLN A 1 6   ? -16.834 6.818   2.676   1.00 31.27 ? 5   GLN A CB  1 
ATOM   58   C  CG  . GLN A 1 6   ? -16.687 6.773   4.223   1.00 32.00 ? 5   GLN A CG  1 
ATOM   59   C  CD  . GLN A 1 6   ? -17.929 6.366   4.996   1.00 30.23 ? 5   GLN A CD  1 
ATOM   60   O  OE1 . GLN A 1 6   ? -19.061 6.560   4.592   1.00 37.94 ? 5   GLN A OE1 1 
ATOM   61   N  NE2 . GLN A 1 6   ? -17.678 5.840   6.177   1.00 36.35 ? 5   GLN A NE2 1 
ATOM   62   N  N   . GLN A 1 7   ? -16.694 8.043   -0.196  1.00 31.34 ? 6   GLN A N   1 
ATOM   63   C  CA  . GLN A 1 7   ? -16.770 7.942   -1.658  1.00 32.31 ? 6   GLN A CA  1 
ATOM   64   C  C   . GLN A 1 7   ? -15.461 8.357   -2.315  1.00 32.75 ? 6   GLN A C   1 
ATOM   65   O  O   . GLN A 1 7   ? -14.971 7.692   -3.237  1.00 32.08 ? 6   GLN A O   1 
ATOM   66   C  CB  . GLN A 1 7   ? -17.890 8.839   -2.165  1.00 33.79 ? 6   GLN A CB  1 
ATOM   67   C  CG  . GLN A 1 7   ? -17.987 8.897   -3.643  1.00 36.51 ? 6   GLN A CG  1 
ATOM   68   C  CD  . GLN A 1 7   ? -19.159 9.803   -4.158  1.00 43.76 ? 6   GLN A CD  1 
ATOM   69   O  OE1 . GLN A 1 7   ? -19.385 10.957  -3.708  1.00 50.45 ? 6   GLN A OE1 1 
ATOM   70   N  NE2 . GLN A 1 7   ? -19.921 9.251   -5.099  1.00 59.20 ? 6   GLN A NE2 1 
ATOM   71   N  N   . ALA A 1 8   ? -14.885 9.445   -1.825  1.00 31.92 ? 7   ALA A N   1 
ATOM   72   C  CA  . ALA A 1 8   ? -13.630 10.011  -2.360  1.00 29.64 ? 7   ALA A CA  1 
ATOM   73   C  C   . ALA A 1 8   ? -12.476 9.043   -2.145  1.00 32.12 ? 7   ALA A C   1 
ATOM   74   O  O   . ALA A 1 8   ? -11.679 8.760   -3.045  1.00 31.34 ? 7   ALA A O   1 
ATOM   75   C  CB  . ALA A 1 8   ? -13.337 11.250  -1.675  1.00 32.93 ? 7   ALA A CB  1 
ATOM   76   N  N   . LEU A 1 9   ? -12.399 8.505   -0.929  1.00 32.98 ? 8   LEU A N   1 
ATOM   77   C  CA  . LEU A 1 9   ? -11.363 7.531   -0.648  1.00 32.90 ? 8   LEU A CA  1 
ATOM   78   C  C   . LEU A 1 9   ? -11.521 6.265   -1.492  1.00 32.49 ? 8   LEU A C   1 
ATOM   79   O  O   . LEU A 1 9   ? -10.526 5.778   -1.996  1.00 33.64 ? 8   LEU A O   1 
ATOM   80   C  CB  . LEU A 1 9   ? -11.239 7.209   0.837   1.00 33.01 ? 8   LEU A CB  1 
ATOM   81   C  CG  . LEU A 1 9   ? -10.534 8.223   1.736   1.00 39.60 ? 8   LEU A CG  1 
ATOM   82   C  CD1 . LEU A 1 9   ? -10.755 7.903   3.244   1.00 35.21 ? 8   LEU A CD1 1 
ATOM   83   C  CD2 . LEU A 1 9   ? -9.054  8.359   1.343   1.00 35.15 ? 8   LEU A CD2 1 
ATOM   84   N  N   . ASP A 1 10  ? -12.735 5.718   -1.586  1.00 33.22 ? 9   ASP A N   1 
ATOM   85   C  CA  . ASP A 1 10  ? -12.973 4.520   -2.389  1.00 33.65 ? 9   ASP A CA  1 
ATOM   86   C  C   . ASP A 1 10  ? -12.523 4.785   -3.851  1.00 35.13 ? 9   ASP A C   1 
ATOM   87   O  O   . ASP A 1 10  ? -11.864 3.954   -4.492  1.00 36.73 ? 9   ASP A O   1 
ATOM   88   C  CB  . ASP A 1 10  ? -14.427 4.112   -2.297  1.00 33.01 ? 9   ASP A CB  1 
ATOM   89   C  CG  . ASP A 1 10  ? -14.716 2.808   -2.992  1.00 46.35 ? 9   ASP A CG  1 
ATOM   90   O  OD1 . ASP A 1 10  ? -14.131 1.799   -2.589  1.00 55.15 ? 9   ASP A OD1 1 
ATOM   91   O  OD2 . ASP A 1 10  ? -15.518 2.792   -3.955  1.00 63.53 ? 9   ASP A OD2 1 
ATOM   92   N  N   . ARG A 1 11  ? -12.842 5.958   -4.356  1.00 33.40 ? 10  ARG A N   1 
ATOM   93   C  CA  . ARG A 1 11  ? -12.464 6.330   -5.752  1.00 33.60 ? 10  ARG A CA  1 
ATOM   94   C  C   . ARG A 1 11  ? -10.940 6.391   -5.945  1.00 35.63 ? 10  ARG A C   1 
ATOM   95   O  O   . ARG A 1 11  ? -10.374 5.715   -6.807  1.00 34.35 ? 10  ARG A O   1 
ATOM   96   C  CB  . ARG A 1 11  ? -13.122 7.653   -6.122  1.00 33.78 ? 10  ARG A CB  1 
ATOM   97   C  CG  . ARG A 1 11  ? -12.728 8.212   -7.482  1.00 36.41 ? 10  ARG A CG  1 
ATOM   98   C  CD  . ARG A 1 11  ? -13.590 9.361   -7.900  1.00 39.18 ? 10  ARG A CD  1 
ATOM   99   N  NE  . ARG A 1 11  ? -13.115 9.962   -9.158  1.00 37.43 ? 10  ARG A NE  1 
ATOM   100  C  CZ  . ARG A 1 11  ? -13.852 10.776  -9.919  1.00 44.07 ? 10  ARG A CZ  1 
ATOM   101  N  NH1 . ARG A 1 11  ? -15.063 11.096  -9.574  1.00 41.79 ? 10  ARG A NH1 1 
ATOM   102  N  NH2 . ARG A 1 11  ? -13.343 11.255  -11.061 1.00 40.35 ? 10  ARG A NH2 1 
ATOM   103  N  N   . HIS A 1 12  ? -10.295 7.229   -5.144  1.00 32.90 ? 11  HIS A N   1 
ATOM   104  C  CA  . HIS A 1 12  ? -8.890  7.555   -5.313  1.00 32.20 ? 11  HIS A CA  1 
ATOM   105  C  C   . HIS A 1 12  ? -7.982  6.465   -4.814  1.00 34.13 ? 11  HIS A C   1 
ATOM   106  O  O   . HIS A 1 12  ? -6.950  6.163   -5.449  1.00 34.57 ? 11  HIS A O   1 
ATOM   107  C  CB  . HIS A 1 12  ? -8.589  8.961   -4.724  1.00 33.62 ? 11  HIS A CB  1 
ATOM   108  C  CG  . HIS A 1 12  ? -9.237  10.063  -5.500  1.00 36.66 ? 11  HIS A CG  1 
ATOM   109  N  ND1 . HIS A 1 12  ? -8.686  10.564  -6.678  1.00 36.36 ? 11  HIS A ND1 1 
ATOM   110  C  CD2 . HIS A 1 12  ? -10.411 10.714  -5.330  1.00 37.73 ? 11  HIS A CD2 1 
ATOM   111  C  CE1 . HIS A 1 12  ? -9.518  11.454  -7.193  1.00 36.24 ? 11  HIS A CE1 1 
ATOM   112  N  NE2 . HIS A 1 12  ? -10.577 11.555  -6.416  1.00 37.97 ? 11  HIS A NE2 1 
ATOM   113  N  N   . VAL A 1 13  ? -8.330  5.801   -3.716  1.00 33.31 ? 12  VAL A N   1 
ATOM   114  C  CA  . VAL A 1 13  ? -7.534  4.646   -3.316  1.00 34.55 ? 12  VAL A CA  1 
ATOM   115  C  C   . VAL A 1 13  ? -7.735  3.482   -4.309  1.00 35.42 ? 12  VAL A C   1 
ATOM   116  O  O   . VAL A 1 13  ? -6.800  2.767   -4.655  1.00 34.85 ? 12  VAL A O   1 
ATOM   117  C  CB  . VAL A 1 13  ? -7.767  4.171   -1.845  1.00 37.49 ? 12  VAL A CB  1 
ATOM   118  C  CG1 . VAL A 1 13  ? -6.851  2.987   -1.568  1.00 36.70 ? 12  VAL A CG1 1 
ATOM   119  C  CG2 . VAL A 1 13  ? -7.483  5.267   -0.833  1.00 35.41 ? 12  VAL A CG2 1 
ATOM   120  N  N   . GLY A 1 14  ? -8.943  3.313   -4.827  1.00 32.95 ? 13  GLY A N   1 
ATOM   121  C  CA  . GLY A 1 14  ? -9.169  2.291   -5.878  1.00 33.20 ? 13  GLY A CA  1 
ATOM   122  C  C   . GLY A 1 14  ? -8.319  2.537   -7.134  1.00 34.20 ? 13  GLY A C   1 
ATOM   123  O  O   . GLY A 1 14  ? -7.803  1.589   -7.760  1.00 35.67 ? 13  GLY A O   1 
ATOM   124  N  N   . VAL A 1 15  ? -8.175  3.798   -7.543  1.00 36.48 ? 14  VAL A N   1 
ATOM   125  C  CA  . VAL A 1 15  ? -7.300  4.113   -8.673  1.00 37.31 ? 14  VAL A CA  1 
ATOM   126  C  C   . VAL A 1 15  ? -5.893  3.711   -8.339  1.00 38.53 ? 14  VAL A C   1 
ATOM   127  O  O   . VAL A 1 15  ? -5.194  3.111   -9.159  1.00 38.53 ? 14  VAL A O   1 
ATOM   128  C  CB  . VAL A 1 15  ? -7.235  5.649   -9.041  1.00 40.48 ? 14  VAL A CB  1 
ATOM   129  C  CG1 . VAL A 1 15  ? -6.112  5.933   -10.032 1.00 40.73 ? 14  VAL A CG1 1 
ATOM   130  C  CG2 . VAL A 1 15  ? -8.598  6.214   -9.575  1.00 41.90 ? 14  VAL A CG2 1 
ATOM   131  N  N   . GLY A 1 16  ? -5.443  4.145   -7.163  1.00 37.94 ? 15  GLY A N   1 
ATOM   132  C  CA  . GLY A 1 16  ? -4.133  3.764   -6.642  1.00 36.64 ? 15  GLY A CA  1 
ATOM   133  C  C   . GLY A 1 16  ? -3.888  2.279   -6.704  1.00 35.13 ? 15  GLY A C   1 
ATOM   134  O  O   . GLY A 1 16  ? -2.830  1.826   -7.138  1.00 36.67 ? 15  GLY A O   1 
ATOM   135  N  N   . VAL A 1 17  ? -4.860  1.499   -6.288  1.00 34.06 ? 16  VAL A N   1 
ATOM   136  C  CA  . VAL A 1 17  ? -4.705  0.063   -6.247  1.00 35.61 ? 16  VAL A CA  1 
ATOM   137  C  C   . VAL A 1 17  ? -4.727  -0.535  -7.649  1.00 34.60 ? 16  VAL A C   1 
ATOM   138  O  O   . VAL A 1 17  ? -3.889  -1.357  -7.975  1.00 35.18 ? 16  VAL A O   1 
ATOM   139  C  CB  . VAL A 1 17  ? -5.807  -0.579  -5.384  1.00 35.79 ? 16  VAL A CB  1 
ATOM   140  C  CG1 . VAL A 1 17  ? -5.841  -2.127  -5.571  1.00 42.02 ? 16  VAL A CG1 1 
ATOM   141  C  CG2 . VAL A 1 17  ? -5.605  -0.193  -3.909  1.00 37.37 ? 16  VAL A CG2 1 
ATOM   142  N  N   . ARG A 1 18  ? -5.663  -0.110  -8.495  1.00 33.92 ? 17  ARG A N   1 
ATOM   143  C  CA  . ARG A 1 18  ? -5.690  -0.702  -9.829  1.00 36.58 ? 17  ARG A CA  1 
ATOM   144  C  C   . ARG A 1 18  ? -4.461  -0.383  -10.681 1.00 36.87 ? 17  ARG A C   1 
ATOM   145  O  O   . ARG A 1 18  ? -3.945  -1.260  -11.404 1.00 37.42 ? 17  ARG A O   1 
ATOM   146  C  CB  . ARG A 1 18  ? -6.935  -0.326  -10.571 1.00 38.89 ? 17  ARG A CB  1 
ATOM   147  C  CG  . ARG A 1 18  ? -8.152  -0.931  -9.896  1.00 48.09 ? 17  ARG A CG  1 
ATOM   148  C  CD  . ARG A 1 18  ? -9.400  -0.738  -10.686 1.00 58.01 ? 17  ARG A CD  1 
ATOM   149  N  NE  . ARG A 1 18  ? -9.608  0.670   -10.958 1.00 58.74 ? 17  ARG A NE  1 
ATOM   150  C  CZ  . ARG A 1 18  ? -10.362 1.499   -10.236 1.00 62.82 ? 17  ARG A CZ  1 
ATOM   151  N  NH1 . ARG A 1 18  ? -11.033 1.090   -9.136  1.00 52.67 ? 17  ARG A NH1 1 
ATOM   152  N  NH2 . ARG A 1 18  ? -10.428 2.775   -10.636 1.00 59.04 ? 17  ARG A NH2 1 
ATOM   153  N  N   . THR A 1 19  ? -3.986  0.858   -10.602 1.00 37.24 ? 18  THR A N   1 
ATOM   154  C  CA  . THR A 1 19  ? -2.744  1.225   -11.284 1.00 36.23 ? 18  THR A CA  1 
ATOM   155  C  C   . THR A 1 19  ? -1.545  0.514   -10.713 1.00 37.44 ? 18  THR A C   1 
ATOM   156  O  O   . THR A 1 19  ? -0.698  0.071   -11.467 1.00 36.37 ? 18  THR A O   1 
ATOM   157  C  CB  . THR A 1 19  ? -2.520  2.730   -11.328 1.00 35.05 ? 18  THR A CB  1 
ATOM   158  O  OG1 . THR A 1 19  ? -2.531  3.278   -9.997  1.00 37.84 ? 18  THR A OG1 1 
ATOM   159  C  CG2 . THR A 1 19  ? -3.626  3.430   -12.235 1.00 38.23 ? 18  THR A CG2 1 
ATOM   160  N  N   . THR A 1 20  ? -1.460  0.323   -9.401  1.00 36.64 ? 19  THR A N   1 
ATOM   161  C  CA  . THR A 1 20  ? -0.379  -0.457  -8.826  1.00 37.31 ? 19  THR A CA  1 
ATOM   162  C  C   . THR A 1 20  ? -0.379  -1.893  -9.314  1.00 39.30 ? 19  THR A C   1 
ATOM   163  O  O   . THR A 1 20  ? 0.702   -2.438  -9.640  1.00 35.39 ? 19  THR A O   1 
ATOM   164  C  CB  . THR A 1 20  ? -0.378  -0.407  -7.290  1.00 36.97 ? 19  THR A CB  1 
ATOM   165  O  OG1 . THR A 1 20  ? -0.234  0.956   -6.887  1.00 36.38 ? 19  THR A OG1 1 
ATOM   166  C  CG2 . THR A 1 20  ? 0.775   -1.237  -6.670  1.00 34.98 ? 19  THR A CG2 1 
ATOM   167  N  N   . ARG A 1 21  ? -1.572  -2.483  -9.394  1.00 38.51 ? 20  ARG A N   1 
ATOM   168  C  CA  . ARG A 1 21  ? -1.734  -3.849  -9.879  1.00 38.91 ? 20  ARG A CA  1 
ATOM   169  C  C   . ARG A 1 21  ? -1.164  -3.928  -11.303 1.00 38.44 ? 20  ARG A C   1 
ATOM   170  O  O   . ARG A 1 21  ? -0.424  -4.849  -11.635 1.00 38.68 ? 20  ARG A O   1 
ATOM   171  C  CB  . ARG A 1 21  ? -3.211  -4.280  -9.819  1.00 39.55 ? 20  ARG A CB  1 
ATOM   172  C  CG  . ARG A 1 21  ? -3.426  -5.737  -9.884  1.00 48.36 ? 20  ARG A CG  1 
ATOM   173  C  CD  . ARG A 1 21  ? -4.916  -6.070  -10.097 1.00 50.49 ? 20  ARG A CD  1 
ATOM   174  N  NE  . ARG A 1 21  ? -5.718  -5.599  -8.966  1.00 58.73 ? 20  ARG A NE  1 
ATOM   175  C  CZ  . ARG A 1 21  ? -6.857  -4.916  -9.052  1.00 68.19 ? 20  ARG A CZ  1 
ATOM   176  N  NH1 . ARG A 1 21  ? -7.398  -4.597  -10.227 1.00 73.94 ? 20  ARG A NH1 1 
ATOM   177  N  NH2 . ARG A 1 21  ? -7.484  -4.559  -7.935  1.00 67.12 ? 20  ARG A NH2 1 
ATOM   178  N  N   . ASP A 1 22  ? -1.479  -2.935  -12.139 1.00 34.87 ? 21  ASP A N   1 
ATOM   179  C  CA  . ASP A 1 22  ? -0.999  -2.938  -13.518 1.00 40.04 ? 21  ASP A CA  1 
ATOM   180  C  C   . ASP A 1 22  ? 0.513   -2.832  -13.556 1.00 41.40 ? 21  ASP A C   1 
ATOM   181  O  O   . ASP A 1 22  ? 1.174   -3.546  -14.334 1.00 40.69 ? 21  ASP A O   1 
ATOM   182  C  CB  . ASP A 1 22  ? -1.604  -1.792  -14.312 1.00 42.37 ? 21  ASP A CB  1 
ATOM   183  C  CG  . ASP A 1 22  ? -3.105  -1.959  -14.536 1.00 55.83 ? 21  ASP A CG  1 
ATOM   184  O  OD1 . ASP A 1 22  ? -3.586  -3.135  -14.576 1.00 59.00 ? 21  ASP A OD1 1 
ATOM   185  O  OD2 . ASP A 1 22  ? -3.795  -0.908  -14.686 1.00 62.91 ? 21  ASP A OD2 1 
ATOM   186  N  N   . LEU A 1 23  ? 1.073   -1.977  -12.690 1.00 39.71 ? 22  LEU A N   1 
ATOM   187  C  CA  . LEU A 1 23  ? 2.534   -1.804  -12.677 1.00 38.50 ? 22  LEU A CA  1 
ATOM   188  C  C   . LEU A 1 23  ? 3.235   -3.100  -12.290 1.00 37.91 ? 22  LEU A C   1 
ATOM   189  O  O   . LEU A 1 23  ? 4.204   -3.471  -12.932 1.00 37.86 ? 22  LEU A O   1 
ATOM   190  C  CB  . LEU A 1 23  ? 2.988   -0.668  -11.731 1.00 39.64 ? 22  LEU A CB  1 
ATOM   191  C  CG  . LEU A 1 23  ? 2.737   0.789   -12.160 1.00 43.07 ? 22  LEU A CG  1 
ATOM   192  C  CD1 . LEU A 1 23  ? 3.128   1.747   -11.005 1.00 45.96 ? 22  LEU A CD1 1 
ATOM   193  C  CD2 . LEU A 1 23  ? 3.540   1.151   -13.417 1.00 44.73 ? 22  LEU A CD2 1 
ATOM   194  N  N   . ILE A 1 24  ? 2.724   -3.772  -11.264 1.00 34.90 ? 23  ILE A N   1 
ATOM   195  C  CA  . ILE A 1 24  ? 3.305   -5.012  -10.781 1.00 38.80 ? 23  ILE A CA  1 
ATOM   196  C  C   . ILE A 1 24  ? 3.293   -6.014  -11.920 1.00 39.30 ? 23  ILE A C   1 
ATOM   197  O  O   . ILE A 1 24  ? 4.307   -6.651  -12.166 1.00 38.78 ? 23  ILE A O   1 
ATOM   198  C  CB  . ILE A 1 24  ? 2.581   -5.537  -9.480  1.00 39.66 ? 23  ILE A CB  1 
ATOM   199  C  CG1 . ILE A 1 24  ? 2.911   -4.613  -8.298  1.00 46.12 ? 23  ILE A CG1 1 
ATOM   200  C  CG2 . ILE A 1 24  ? 2.955   -7.008  -9.166  1.00 35.47 ? 23  ILE A CG2 1 
ATOM   201  C  CD1 . ILE A 1 24  ? 2.077   -4.865  -7.037  1.00 42.23 ? 23  ILE A CD1 1 
ATOM   202  N  N   . ARG A 1 25  ? 2.186   -6.083  -12.680 1.00 41.71 ? 24  ARG A N   1 
ATOM   203  C  CA  . ARG A 1 25  ? 2.126   -7.010  -13.830 1.00 40.91 ? 24  ARG A CA  1 
ATOM   204  C  C   . ARG A 1 25  ? 3.102   -6.686  -14.983 1.00 42.16 ? 24  ARG A C   1 
ATOM   205  O  O   . ARG A 1 25  ? 3.335   -7.527  -15.857 1.00 41.28 ? 24  ARG A O   1 
ATOM   206  C  CB  . ARG A 1 25  ? 0.701   -7.106  -14.350 1.00 44.46 ? 24  ARG A CB  1 
ATOM   207  C  CG  . ARG A 1 25  ? -0.266  -7.763  -13.382 1.00 42.29 ? 24  ARG A CG  1 
ATOM   208  C  CD  . ARG A 1 25  ? -1.685  -7.405  -13.798 1.00 47.95 ? 24  ARG A CD  1 
ATOM   209  N  NE  . ARG A 1 25  ? -2.690  -8.201  -13.110 1.00 53.32 ? 24  ARG A NE  1 
ATOM   210  C  CZ  . ARG A 1 25  ? -3.960  -7.829  -12.923 1.00 60.01 ? 24  ARG A CZ  1 
ATOM   211  N  NH1 . ARG A 1 25  ? -4.406  -6.645  -13.356 1.00 64.14 ? 24  ARG A NH1 1 
ATOM   212  N  NH2 . ARG A 1 25  ? -4.795  -8.643  -12.282 1.00 59.53 ? 24  ARG A NH2 1 
ATOM   213  N  N   . LEU A 1 26  ? 3.701   -5.503  -14.982 1.00 39.51 ? 25  LEU A N   1 
ATOM   214  C  CA  . LEU A 1 26  ? 4.688   -5.152  -15.999 1.00 41.09 ? 25  LEU A CA  1 
ATOM   215  C  C   . LEU A 1 26  ? 6.051   -5.708  -15.662 1.00 39.10 ? 25  LEU A C   1 
ATOM   216  O  O   . LEU A 1 26  ? 6.865   -5.944  -16.537 1.00 40.95 ? 25  LEU A O   1 
ATOM   217  C  CB  . LEU A 1 26  ? 4.764   -3.626  -16.197 1.00 41.66 ? 25  LEU A CB  1 
ATOM   218  C  CG  . LEU A 1 26  ? 3.476   -2.934  -16.663 1.00 48.24 ? 25  LEU A CG  1 
ATOM   219  C  CD1 . LEU A 1 26  ? 3.768   -1.472  -17.000 1.00 50.64 ? 25  LEU A CD1 1 
ATOM   220  C  CD2 . LEU A 1 26  ? 2.896   -3.644  -17.862 1.00 52.35 ? 25  LEU A CD2 1 
ATOM   221  N  N   . ILE A 1 27  ? 6.301   -5.945  -14.377 1.00 38.54 ? 26  ILE A N   1 
ATOM   222  C  CA  . ILE A 1 27  ? 7.632   -6.210  -13.931 1.00 37.64 ? 26  ILE A CA  1 
ATOM   223  C  C   . ILE A 1 27  ? 8.137   -7.546  -14.520 1.00 37.65 ? 26  ILE A C   1 
ATOM   224  O  O   . ILE A 1 27  ? 7.435   -8.556  -14.470 1.00 37.14 ? 26  ILE A O   1 
ATOM   225  C  CB  . ILE A 1 27  ? 7.729   -6.216  -12.401 1.00 35.80 ? 26  ILE A CB  1 
ATOM   226  C  CG1 . ILE A 1 27  ? 7.293   -4.851  -11.813 1.00 34.62 ? 26  ILE A CG1 1 
ATOM   227  C  CG2 . ILE A 1 27  ? 9.194   -6.647  -11.994 1.00 33.38 ? 26  ILE A CG2 1 
ATOM   228  C  CD1 . ILE A 1 27  ? 7.262   -4.794  -10.271 1.00 36.15 ? 26  ILE A CD1 1 
ATOM   229  N  N   . GLN A 1 28  ? 9.329   -7.526  -15.105 1.00 39.58 ? 27  GLN A N   1 
ATOM   230  C  CA  . GLN A 1 28  ? 9.919   -8.700  -15.726 1.00 43.84 ? 27  GLN A CA  1 
ATOM   231  C  C   . GLN A 1 28  ? 10.699  -9.479  -14.683 1.00 42.08 ? 27  GLN A C   1 
ATOM   232  O  O   . GLN A 1 28  ? 11.279  -8.878  -13.797 1.00 40.39 ? 27  GLN A O   1 
ATOM   233  C  CB  . GLN A 1 28  ? 10.846  -8.269  -16.867 1.00 44.79 ? 27  GLN A CB  1 
ATOM   234  C  CG  . GLN A 1 28  ? 10.218  -7.311  -17.905 1.00 45.24 ? 27  GLN A CG  1 
ATOM   235  C  CD  . GLN A 1 28  ? 11.266  -6.437  -18.590 1.00 52.02 ? 27  GLN A CD  1 
ATOM   236  N  N   . PRO A 1 29  ? 10.805  -10.814 -14.843 1.00 46.50 ? 28  PRO A N   1 
ATOM   237  C  CA  . PRO A 1 29  ? 11.531  -11.670 -13.890 1.00 47.09 ? 28  PRO A CA  1 
ATOM   238  C  C   . PRO A 1 29  ? 12.895  -11.161 -13.517 1.00 45.85 ? 28  PRO A C   1 
ATOM   239  O  O   . PRO A 1 29  ? 13.265  -11.202 -12.358 1.00 49.42 ? 28  PRO A O   1 
ATOM   240  C  CB  . PRO A 1 29  ? 11.748  -12.978 -14.674 1.00 48.67 ? 28  PRO A CB  1 
ATOM   241  C  CG  . PRO A 1 29  ? 11.381  -12.641 -16.130 1.00 50.34 ? 28  PRO A CG  1 
ATOM   242  C  CD  . PRO A 1 29  ? 10.325  -11.610 -15.993 1.00 48.11 ? 28  PRO A CD  1 
ATOM   243  N  N   . GLU A 1 30  ? 13.654  -10.708 -14.505 1.00 44.45 ? 29  GLU A N   1 
ATOM   244  C  CA  . GLU A 1 30  ? 15.034  -10.310 -14.272 1.00 45.08 ? 29  GLU A CA  1 
ATOM   245  C  C   . GLU A 1 30  ? 15.164  -9.140  -13.302 1.00 44.21 ? 29  GLU A C   1 
ATOM   246  O  O   . GLU A 1 30  ? 16.201  -8.970  -12.708 1.00 43.89 ? 29  GLU A O   1 
ATOM   247  C  CB  . GLU A 1 30  ? 15.757  -9.979  -15.606 1.00 47.66 ? 29  GLU A CB  1 
ATOM   248  C  CG  . GLU A 1 30  ? 15.067  -8.903  -16.527 1.00 51.35 ? 29  GLU A CG  1 
ATOM   249  C  CD  . GLU A 1 30  ? 14.317  -9.465  -17.769 1.00 49.69 ? 29  GLU A CD  1 
ATOM   250  O  OE1 . GLU A 1 30  ? 14.570  -10.614 -18.179 1.00 64.28 ? 29  GLU A OE1 1 
ATOM   251  O  OE2 . GLU A 1 30  ? 13.483  -8.729  -18.348 1.00 72.30 ? 29  GLU A OE2 1 
ATOM   252  N  N   . ASP A 1 31  ? 14.098  -8.360  -13.121 1.00 44.06 ? 30  ASP A N   1 
ATOM   253  C  CA  . ASP A 1 31  ? 14.207  -7.039  -12.489 1.00 44.22 ? 30  ASP A CA  1 
ATOM   254  C  C   . ASP A 1 31  ? 13.899  -6.975  -10.986 1.00 43.70 ? 30  ASP A C   1 
ATOM   255  O  O   . ASP A 1 31  ? 14.107  -5.923  -10.345 1.00 37.85 ? 30  ASP A O   1 
ATOM   256  C  CB  . ASP A 1 31  ? 13.297  -6.051  -13.245 1.00 43.09 ? 30  ASP A CB  1 
ATOM   257  C  CG  . ASP A 1 31  ? 13.825  -5.738  -14.650 1.00 43.52 ? 30  ASP A CG  1 
ATOM   258  O  OD1 . ASP A 1 31  ? 15.066  -5.825  -14.872 1.00 45.13 ? 30  ASP A OD1 1 
ATOM   259  O  OD2 . ASP A 1 31  ? 13.013  -5.386  -15.526 1.00 48.53 ? 30  ASP A OD2 1 
ATOM   260  N  N   . TRP A 1 32  ? 13.388  -8.068  -10.430 1.00 42.89 ? 31  TRP A N   1 
ATOM   261  C  CA  . TRP A 1 32  ? 12.894  -8.053  -9.058  1.00 43.37 ? 31  TRP A CA  1 
ATOM   262  C  C   . TRP A 1 32  ? 13.961  -7.685  -8.035  1.00 40.89 ? 31  TRP A C   1 
ATOM   263  O  O   . TRP A 1 32  ? 13.683  -6.990  -7.072  1.00 38.94 ? 31  TRP A O   1 
ATOM   264  C  CB  . TRP A 1 32  ? 12.277  -9.395  -8.689  1.00 42.63 ? 31  TRP A CB  1 
ATOM   265  C  CG  . TRP A 1 32  ? 10.979  -9.687  -9.372  1.00 42.49 ? 31  TRP A CG  1 
ATOM   266  C  CD1 . TRP A 1 32  ? 10.759  -10.620 -10.359 1.00 39.48 ? 31  TRP A CD1 1 
ATOM   267  C  CD2 . TRP A 1 32  ? 9.723   -9.096  -9.101  1.00 31.47 ? 31  TRP A CD2 1 
ATOM   268  N  NE1 . TRP A 1 32  ? 9.444   -10.629 -10.715 1.00 43.04 ? 31  TRP A NE1 1 
ATOM   269  C  CE2 . TRP A 1 32  ? 8.781   -9.685  -9.982  1.00 37.01 ? 31  TRP A CE2 1 
ATOM   270  C  CE3 . TRP A 1 32  ? 9.288   -8.116  -8.219  1.00 38.29 ? 31  TRP A CE3 1 
ATOM   271  C  CZ2 . TRP A 1 32  ? 7.434   -9.346  -9.969  1.00 40.44 ? 31  TRP A CZ2 1 
ATOM   272  C  CZ3 . TRP A 1 32  ? 7.945   -7.761  -8.229  1.00 44.43 ? 31  TRP A CZ3 1 
ATOM   273  C  CH2 . TRP A 1 32  ? 7.035   -8.381  -9.095  1.00 42.41 ? 31  TRP A CH2 1 
ATOM   274  N  N   . ASP A 1 33  ? 15.182  -8.151  -8.207  1.00 39.92 ? 32  ASP A N   1 
ATOM   275  C  CA  . ASP A 1 33  ? 16.228  -7.803  -7.239  1.00 42.05 ? 32  ASP A CA  1 
ATOM   276  C  C   . ASP A 1 33  ? 17.028  -6.556  -7.576  1.00 42.29 ? 32  ASP A C   1 
ATOM   277  O  O   . ASP A 1 33  ? 17.941  -6.187  -6.827  1.00 44.02 ? 32  ASP A O   1 
ATOM   278  C  CB  . ASP A 1 33  ? 17.203  -8.987  -7.057  1.00 43.69 ? 32  ASP A CB  1 
ATOM   279  C  CG  . ASP A 1 33  ? 16.557  -10.136 -6.317  1.00 51.79 ? 32  ASP A CG  1 
ATOM   280  O  OD1 . ASP A 1 33  ? 15.855  -9.854  -5.304  1.00 60.05 ? 32  ASP A OD1 1 
ATOM   281  O  OD2 . ASP A 1 33  ? 16.715  -11.300 -6.763  1.00 57.80 ? 32  ASP A OD2 1 
ATOM   282  N  N   . LYS A 1 34  ? 16.723  -5.930  -8.702  1.00 40.64 ? 33  LYS A N   1 
ATOM   283  C  CA  . LYS A 1 34  ? 17.378  -4.689  -9.077  1.00 39.26 ? 33  LYS A CA  1 
ATOM   284  C  C   . LYS A 1 34  ? 17.077  -3.581  -8.045  1.00 38.82 ? 33  LYS A C   1 
ATOM   285  O  O   . LYS A 1 34  ? 15.951  -3.482  -7.498  1.00 37.41 ? 33  LYS A O   1 
ATOM   286  C  CB  . LYS A 1 34  ? 16.951  -4.249  -10.497 1.00 41.52 ? 33  LYS A CB  1 
ATOM   287  C  CG  . LYS A 1 34  ? 17.538  -5.089  -11.641 1.00 41.43 ? 33  LYS A CG  1 
ATOM   288  C  CD  . LYS A 1 34  ? 18.220  -4.174  -12.708 1.00 45.10 ? 33  LYS A CD  1 
ATOM   289  C  CE  . LYS A 1 34  ? 18.723  -4.901  -13.991 1.00 43.13 ? 33  LYS A CE  1 
ATOM   290  N  NZ  . LYS A 1 34  ? 17.986  -6.170  -14.441 1.00 26.44 ? 33  LYS A NZ  1 
ATOM   291  N  N   . ARG A 1 35  ? 18.093  -2.760  -7.785  1.00 38.07 ? 34  ARG A N   1 
ATOM   292  C  CA  . ARG A 1 35  ? 17.970  -1.576  -6.915  1.00 39.93 ? 34  ARG A CA  1 
ATOM   293  C  C   . ARG A 1 35  ? 18.412  -0.360  -7.709  1.00 41.31 ? 34  ARG A C   1 
ATOM   294  O  O   . ARG A 1 35  ? 19.587  -0.006  -7.674  1.00 38.83 ? 34  ARG A O   1 
ATOM   295  C  CB  . ARG A 1 35  ? 18.868  -1.702  -5.664  1.00 39.89 ? 34  ARG A CB  1 
ATOM   296  C  CG  . ARG A 1 35  ? 18.622  -2.979  -4.889  1.00 43.75 ? 34  ARG A CG  1 
ATOM   297  C  CD  . ARG A 1 35  ? 19.551  -3.127  -3.650  1.00 46.05 ? 34  ARG A CD  1 
ATOM   298  N  NE  . ARG A 1 35  ? 18.812  -3.764  -2.557  1.00 55.59 ? 34  ARG A NE  1 
ATOM   299  C  CZ  . ARG A 1 35  ? 18.485  -5.059  -2.518  1.00 58.64 ? 34  ARG A CZ  1 
ATOM   300  N  NH1 . ARG A 1 35  ? 18.829  -5.894  -3.509  1.00 60.76 ? 34  ARG A NH1 1 
ATOM   301  N  NH2 . ARG A 1 35  ? 17.789  -5.527  -1.482  1.00 55.14 ? 34  ARG A NH2 1 
ATOM   302  N  N   . PRO A 1 36  ? 17.487  0.263   -8.451  1.00 41.57 ? 35  PRO A N   1 
ATOM   303  C  CA  . PRO A 1 36  ? 17.812  1.401   -9.300  1.00 41.05 ? 35  PRO A CA  1 
ATOM   304  C  C   . PRO A 1 36  ? 18.317  2.623   -8.518  1.00 39.01 ? 35  PRO A C   1 
ATOM   305  O  O   . PRO A 1 36  ? 18.986  3.448   -9.093  1.00 43.09 ? 35  PRO A O   1 
ATOM   306  C  CB  . PRO A 1 36  ? 16.465  1.733   -9.986  1.00 43.94 ? 35  PRO A CB  1 
ATOM   307  C  CG  . PRO A 1 36  ? 15.594  0.540   -9.790  1.00 40.09 ? 35  PRO A CG  1 
ATOM   308  C  CD  . PRO A 1 36  ? 16.058  -0.090  -8.513  1.00 40.52 ? 35  PRO A CD  1 
ATOM   309  N  N   . ILE A 1 37  ? 17.943  2.768   -7.251  1.00 40.03 ? 36  ILE A N   1 
ATOM   310  C  CA  . ILE A 1 37  ? 18.470  3.838   -6.400  1.00 44.93 ? 36  ILE A CA  1 
ATOM   311  C  C   . ILE A 1 37  ? 19.329  3.218   -5.294  1.00 47.90 ? 36  ILE A C   1 
ATOM   312  O  O   . ILE A 1 37  ? 18.805  2.675   -4.324  1.00 44.83 ? 36  ILE A O   1 
ATOM   313  C  CB  . ILE A 1 37  ? 17.331  4.663   -5.751  1.00 43.47 ? 36  ILE A CB  1 
ATOM   314  C  CG1 . ILE A 1 37  ? 16.301  5.073   -6.808  1.00 41.38 ? 36  ILE A CG1 1 
ATOM   315  C  CG2 . ILE A 1 37  ? 17.886  5.874   -5.018  1.00 45.55 ? 36  ILE A CG2 1 
ATOM   316  C  CD1 . ILE A 1 37  ? 15.366  6.170   -6.354  1.00 42.92 ? 36  ILE A CD1 1 
ATOM   317  N  N   . SER A 1 38  ? 20.648  3.292   -5.458  1.00 54.63 ? 37  SER A N   1 
ATOM   318  C  CA  . SER A 1 38  ? 21.587  2.648   -4.524  1.00 58.16 ? 37  SER A CA  1 
ATOM   319  C  C   . SER A 1 38  ? 21.298  3.162   -3.133  1.00 58.11 ? 37  SER A C   1 
ATOM   320  O  O   . SER A 1 38  ? 21.101  4.357   -2.954  1.00 58.02 ? 37  SER A O   1 
ATOM   321  C  CB  . SER A 1 38  ? 23.051  2.911   -4.920  1.00 60.49 ? 37  SER A CB  1 
ATOM   322  O  OG  . SER A 1 38  ? 23.489  4.191   -4.482  1.00 68.13 ? 37  SER A OG  1 
ATOM   323  N  N   . GLY A 1 39  ? 21.208  2.245   -2.174  1.00 59.27 ? 38  GLY A N   1 
ATOM   324  C  CA  . GLY A 1 39  ? 20.827  2.572   -0.804  1.00 59.41 ? 38  GLY A CA  1 
ATOM   325  C  C   . GLY A 1 39  ? 19.391  2.271   -0.427  1.00 59.68 ? 38  GLY A C   1 
ATOM   326  O  O   . GLY A 1 39  ? 19.057  2.202   0.763   1.00 60.00 ? 38  GLY A O   1 
ATOM   327  N  N   . LYS A 1 40  ? 18.528  2.093   -1.421  1.00 56.76 ? 39  LYS A N   1 
ATOM   328  C  CA  . LYS A 1 40  ? 17.108  1.949   -1.162  1.00 55.55 ? 39  LYS A CA  1 
ATOM   329  C  C   . LYS A 1 40  ? 16.565  0.561   -1.499  1.00 49.28 ? 39  LYS A C   1 
ATOM   330  O  O   . LYS A 1 40  ? 17.292  -0.280  -2.014  1.00 48.38 ? 39  LYS A O   1 
ATOM   331  C  CB  . LYS A 1 40  ? 16.350  3.053   -1.912  1.00 56.34 ? 39  LYS A CB  1 
ATOM   332  C  CG  . LYS A 1 40  ? 16.849  4.469   -1.571  1.00 62.81 ? 39  LYS A CG  1 
ATOM   333  C  CD  . LYS A 1 40  ? 16.910  4.699   -0.042  1.00 64.11 ? 39  LYS A CD  1 
ATOM   334  C  CE  . LYS A 1 40  ? 16.761  6.165   0.362   1.00 64.39 ? 39  LYS A CE  1 
ATOM   335  N  NZ  . LYS A 1 40  ? 17.177  6.416   1.779   1.00 62.07 ? 39  LYS A NZ  1 
ATOM   336  N  N   . ARG A 1 41  ? 15.286  0.343   -1.185  1.00 46.94 ? 40  ARG A N   1 
ATOM   337  C  CA  . ARG A 1 41  ? 14.605  -0.931  -1.407  1.00 43.43 ? 40  ARG A CA  1 
ATOM   338  C  C   . ARG A 1 41  ? 14.797  -1.393  -2.869  1.00 42.78 ? 40  ARG A C   1 
ATOM   339  O  O   . ARG A 1 41  ? 14.885  -0.580  -3.783  1.00 42.61 ? 40  ARG A O   1 
ATOM   340  C  CB  . ARG A 1 41  ? 13.128  -0.792  -1.110  1.00 45.32 ? 40  ARG A CB  1 
ATOM   341  C  CG  . ARG A 1 41  ? 12.659  -1.019  0.323   1.00 45.99 ? 40  ARG A CG  1 
ATOM   342  C  CD  . ARG A 1 41  ? 11.283  -0.513  0.481   1.00 48.27 ? 40  ARG A CD  1 
ATOM   343  N  NE  . ARG A 1 41  ? 10.621  -1.030  1.671   1.00 45.05 ? 40  ARG A NE  1 
ATOM   344  C  CZ  . ARG A 1 41  ? 10.373  -0.289  2.746   1.00 53.50 ? 40  ARG A CZ  1 
ATOM   345  N  NH1 . ARG A 1 41  ? 10.689  1.000   2.757   1.00 54.26 ? 40  ARG A NH1 1 
ATOM   346  N  NH2 . ARG A 1 41  ? 9.806   -0.829  3.821   1.00 55.98 ? 40  ARG A NH2 1 
ATOM   347  N  N   . SER A 1 42  ? 14.877  -2.696  -3.075  1.00 39.70 ? 41  SER A N   1 
ATOM   348  C  CA  . SER A 1 42  ? 14.809  -3.252  -4.413  1.00 37.81 ? 41  SER A CA  1 
ATOM   349  C  C   . SER A 1 42  ? 13.375  -3.129  -5.007  1.00 35.53 ? 41  SER A C   1 
ATOM   350  O  O   . SER A 1 42  ? 12.450  -2.769  -4.297  1.00 32.60 ? 41  SER A O   1 
ATOM   351  C  CB  . SER A 1 42  ? 15.224  -4.717  -4.394  1.00 34.70 ? 41  SER A CB  1 
ATOM   352  O  OG  . SER A 1 42  ? 14.207  -5.497  -3.794  1.00 36.74 ? 41  SER A OG  1 
ATOM   353  N  N   . VAL A 1 43  ? 13.215  -3.389  -6.318  1.00 34.03 ? 42  VAL A N   1 
ATOM   354  C  CA  . VAL A 1 43  ? 11.920  -3.440  -6.963  1.00 35.39 ? 42  VAL A CA  1 
ATOM   355  C  C   . VAL A 1 43  ? 10.985  -4.372  -6.211  1.00 34.16 ? 42  VAL A C   1 
ATOM   356  O  O   . VAL A 1 43  ? 9.828   -4.021  -5.904  1.00 32.26 ? 42  VAL A O   1 
ATOM   357  C  CB  . VAL A 1 43  ? 12.054  -3.976  -8.431  1.00 37.44 ? 42  VAL A CB  1 
ATOM   358  C  CG1 . VAL A 1 43  ? 10.724  -4.268  -9.005  1.00 30.06 ? 42  VAL A CG1 1 
ATOM   359  C  CG2 . VAL A 1 43  ? 12.787  -2.993  -9.285  1.00 37.62 ? 42  VAL A CG2 1 
ATOM   360  N  N   . TYR A 1 44  ? 11.480  -5.575  -5.896  1.00 36.00 ? 43  TYR A N   1 
ATOM   361  C  CA  . TYR A 1 44  ? 10.609  -6.530  -5.245  1.00 36.48 ? 43  TYR A CA  1 
ATOM   362  C  C   . TYR A 1 44  ? 10.226  -6.008  -3.850  1.00 32.78 ? 43  TYR A C   1 
ATOM   363  O  O   . TYR A 1 44  ? 9.092   -6.151  -3.438  1.00 30.66 ? 43  TYR A O   1 
ATOM   364  C  CB  . TYR A 1 44  ? 11.257  -7.908  -5.147  1.00 36.18 ? 43  TYR A CB  1 
ATOM   365  C  CG  . TYR A 1 44  ? 10.597  -8.853  -4.166  1.00 38.71 ? 43  TYR A CG  1 
ATOM   366  C  CD1 . TYR A 1 44  ? 9.415   -9.493  -4.465  1.00 37.65 ? 43  TYR A CD1 1 
ATOM   367  C  CD2 . TYR A 1 44  ? 11.187  -9.111  -2.927  1.00 49.86 ? 43  TYR A CD2 1 
ATOM   368  C  CE1 . TYR A 1 44  ? 8.824   -10.354 -3.568  1.00 46.95 ? 43  TYR A CE1 1 
ATOM   369  C  CE2 . TYR A 1 44  ? 10.613  -9.977  -2.019  1.00 46.64 ? 43  TYR A CE2 1 
ATOM   370  C  CZ  . TYR A 1 44  ? 9.440   -10.606 -2.338  1.00 49.03 ? 43  TYR A CZ  1 
ATOM   371  O  OH  . TYR A 1 44  ? 8.882   -11.479 -1.423  1.00 45.93 ? 43  TYR A OH  1 
ATOM   372  N  N   . GLU A 1 45  ? 11.174  -5.441  -3.124  1.00 32.87 ? 44  GLU A N   1 
ATOM   373  C  CA  . GLU A 1 45  ? 10.879  -4.968  -1.770  1.00 33.51 ? 44  GLU A CA  1 
ATOM   374  C  C   . GLU A 1 45  ? 9.884   -3.778  -1.741  1.00 32.75 ? 44  GLU A C   1 
ATOM   375  O  O   . GLU A 1 45  ? 9.040   -3.718  -0.870  1.00 33.75 ? 44  GLU A O   1 
ATOM   376  C  CB  . GLU A 1 45  ? 12.168  -4.614  -1.024  1.00 27.67 ? 44  GLU A CB  1 
ATOM   377  C  CG  . GLU A 1 45  ? 13.051  -5.806  -0.669  1.00 35.11 ? 44  GLU A CG  1 
ATOM   378  C  CD  . GLU A 1 45  ? 14.480  -5.397  -0.237  1.00 41.71 ? 44  GLU A CD  1 
ATOM   379  O  OE1 . GLU A 1 45  ? 14.855  -4.206  -0.316  1.00 46.74 ? 44  GLU A OE1 1 
ATOM   380  O  OE2 . GLU A 1 45  ? 15.272  -6.299  0.161   1.00 50.06 ? 44  GLU A OE2 1 
ATOM   381  N  N   . VAL A 1 46  ? 9.980   -2.864  -2.714  1.00 33.64 ? 45  VAL A N   1 
ATOM   382  C  CA  . VAL A 1 46  ? 8.960   -1.816  -2.892  1.00 33.09 ? 45  VAL A CA  1 
ATOM   383  C  C   . VAL A 1 46  ? 7.598   -2.426  -3.144  1.00 33.54 ? 45  VAL A C   1 
ATOM   384  O  O   . VAL A 1 46  ? 6.606   -2.027  -2.543  1.00 34.56 ? 45  VAL A O   1 
ATOM   385  C  CB  . VAL A 1 46  ? 9.305   -0.851  -4.008  1.00 34.21 ? 45  VAL A CB  1 
ATOM   386  C  CG1 . VAL A 1 46  ? 8.275   0.319   -4.064  1.00 38.79 ? 45  VAL A CG1 1 
ATOM   387  C  CG2 . VAL A 1 46  ? 10.637  -0.210  -3.731  1.00 35.18 ? 45  VAL A CG2 1 
ATOM   388  N  N   . ALA A 1 47  ? 7.550   -3.377  -4.085  1.00 32.90 ? 46  ALA A N   1 
ATOM   389  C  CA  . ALA A 1 47  ? 6.327   -4.074  -4.422  1.00 34.56 ? 46  ALA A CA  1 
ATOM   390  C  C   . ALA A 1 47  ? 5.657   -4.770  -3.261  1.00 34.28 ? 46  ALA A C   1 
ATOM   391  O  O   . ALA A 1 47  ? 4.453   -4.665  -3.128  1.00 35.51 ? 46  ALA A O   1 
ATOM   392  C  CB  . ALA A 1 47  ? 6.531   -5.056  -5.607  1.00 34.70 ? 46  ALA A CB  1 
ATOM   393  N  N   . VAL A 1 48  ? 6.408   -5.483  -2.424  1.00 32.47 ? 47  VAL A N   1 
ATOM   394  C  CA  . VAL A 1 48  ? 5.816   -6.137  -1.265  1.00 37.23 ? 47  VAL A CA  1 
ATOM   395  C  C   . VAL A 1 48  ? 5.230   -5.102  -0.258  1.00 37.24 ? 47  VAL A C   1 
ATOM   396  O  O   . VAL A 1 48  ? 4.158   -5.324  0.315   1.00 36.74 ? 47  VAL A O   1 
ATOM   397  C  CB  . VAL A 1 48  ? 6.847   -7.053  -0.535  1.00 40.95 ? 47  VAL A CB  1 
ATOM   398  C  CG1 . VAL A 1 48  ? 6.253   -7.648  0.749   1.00 47.86 ? 47  VAL A CG1 1 
ATOM   399  C  CG2 . VAL A 1 48  ? 7.354   -8.160  -1.480  1.00 39.89 ? 47  VAL A CG2 1 
ATOM   400  N  N   . HIS A 1 49  ? 5.960   -4.018  -0.019  1.00 35.16 ? 48  HIS A N   1 
ATOM   401  C  CA  . HIS A 1 49  ? 5.521   -2.962  0.933   1.00 34.17 ? 48  HIS A CA  1 
ATOM   402  C  C   . HIS A 1 49  ? 4.207   -2.385  0.397   1.00 35.17 ? 48  HIS A C   1 
ATOM   403  O  O   . HIS A 1 49  ? 3.237   -2.246  1.138   1.00 37.32 ? 48  HIS A O   1 
ATOM   404  C  CB  . HIS A 1 49  ? 6.640   -1.913  1.079   1.00 33.57 ? 48  HIS A CB  1 
ATOM   405  C  CG  . HIS A 1 49  ? 6.344   -0.745  2.001   1.00 35.20 ? 48  HIS A CG  1 
ATOM   406  N  ND1 . HIS A 1 49  ? 5.955   -0.893  3.305   1.00 41.43 ? 48  HIS A ND1 1 
ATOM   407  C  CD2 . HIS A 1 49  ? 6.502   0.596   1.813   1.00 42.38 ? 48  HIS A CD2 1 
ATOM   408  C  CE1 . HIS A 1 49  ? 5.858   0.300   3.880   1.00 45.92 ? 48  HIS A CE1 1 
ATOM   409  N  NE2 . HIS A 1 49  ? 6.131   1.238   2.983   1.00 35.03 ? 48  HIS A NE2 1 
ATOM   410  N  N   . LEU A 1 50  ? 4.162   -2.080  -0.905  1.00 34.56 ? 49  LEU A N   1 
ATOM   411  C  CA  . LEU A 1 50  ? 2.909   -1.616  -1.547  1.00 35.13 ? 49  LEU A CA  1 
ATOM   412  C  C   . LEU A 1 50  ? 1.727   -2.616  -1.396  1.00 36.19 ? 49  LEU A C   1 
ATOM   413  O  O   . LEU A 1 50  ? 0.569   -2.236  -1.099  1.00 34.24 ? 49  LEU A O   1 
ATOM   414  C  CB  . LEU A 1 50  ? 3.163   -1.358  -3.018  1.00 37.72 ? 49  LEU A CB  1 
ATOM   415  C  CG  . LEU A 1 50  ? 3.636   0.012   -3.477  1.00 41.51 ? 49  LEU A CG  1 
ATOM   416  C  CD1 . LEU A 1 50  ? 4.281   -0.121  -4.910  1.00 39.13 ? 49  LEU A CD1 1 
ATOM   417  C  CD2 . LEU A 1 50  ? 2.456   1.028   -3.435  1.00 36.44 ? 49  LEU A CD2 1 
ATOM   418  N  N   . ALA A 1 51  ? 2.030   -3.887  -1.604  1.00 36.43 ? 50  ALA A N   1 
ATOM   419  C  CA  . ALA A 1 51  ? 1.033   -4.950  -1.517  1.00 35.28 ? 50  ALA A CA  1 
ATOM   420  C  C   . ALA A 1 51  ? 0.392   -5.040  -0.122  1.00 37.49 ? 50  ALA A C   1 
ATOM   421  O  O   . ALA A 1 51  ? -0.790  -5.369  -0.022  1.00 40.14 ? 50  ALA A O   1 
ATOM   422  C  CB  . ALA A 1 51  ? 1.666   -6.317  -1.896  1.00 34.13 ? 50  ALA A CB  1 
ATOM   423  N  N   . VAL A 1 52  ? 1.165   -4.791  0.947   1.00 38.26 ? 51  VAL A N   1 
ATOM   424  C  CA  . VAL A 1 52  ? 0.659   -4.956  2.312   1.00 35.77 ? 51  VAL A CA  1 
ATOM   425  C  C   . VAL A 1 52  ? 0.287   -3.651  3.029   1.00 35.69 ? 51  VAL A C   1 
ATOM   426  O  O   . VAL A 1 52  ? -0.437  -3.686  4.046   1.00 32.58 ? 51  VAL A O   1 
ATOM   427  C  CB  . VAL A 1 52  ? 1.628   -5.751  3.216   1.00 36.63 ? 51  VAL A CB  1 
ATOM   428  C  CG1 . VAL A 1 52  ? 2.035   -7.049  2.563   1.00 37.26 ? 51  VAL A CG1 1 
ATOM   429  C  CG2 . VAL A 1 52  ? 2.855   -4.899  3.544   1.00 36.74 ? 51  VAL A CG2 1 
ATOM   430  N  N   . LEU A 1 53  ? 0.691   -2.489  2.523   1.00 34.47 ? 52  LEU A N   1 
ATOM   431  C  CA  . LEU A 1 53  ? 0.631   -1.352  3.416   1.00 34.73 ? 52  LEU A CA  1 
ATOM   432  C  C   . LEU A 1 53  ? -0.791  -0.886  3.788   1.00 36.27 ? 52  LEU A C   1 
ATOM   433  O  O   . LEU A 1 53  ? -0.981  -0.252  4.838   1.00 34.86 ? 52  LEU A O   1 
ATOM   434  C  CB  . LEU A 1 53  ? 1.492   -0.184  2.919   1.00 40.40 ? 52  LEU A CB  1 
ATOM   435  C  CG  . LEU A 1 53  ? 1.119   0.614   1.663   1.00 35.56 ? 52  LEU A CG  1 
ATOM   436  C  CD1 . LEU A 1 53  ? -0.088  1.655   1.836   1.00 34.19 ? 52  LEU A CD1 1 
ATOM   437  C  CD2 . LEU A 1 53  ? 2.409   1.355   1.222   1.00 35.30 ? 52  LEU A CD2 1 
ATOM   438  N  N   . LEU A 1 54  ? -1.774  -1.124  2.916   1.00 34.97 ? 53  LEU A N   1 
ATOM   439  C  CA  . LEU A 1 54  ? -3.130  -0.619  3.218   1.00 35.40 ? 53  LEU A CA  1 
ATOM   440  C  C   . LEU A 1 54  ? -3.659  -1.326  4.454   1.00 35.59 ? 53  LEU A C   1 
ATOM   441  O  O   . LEU A 1 54  ? -4.389  -0.722  5.230   1.00 38.47 ? 53  LEU A O   1 
ATOM   442  C  CB  . LEU A 1 54  ? -4.094  -0.764  2.042   1.00 31.78 ? 53  LEU A CB  1 
ATOM   443  C  CG  . LEU A 1 54  ? -3.939  0.154   0.828   1.00 38.54 ? 53  LEU A CG  1 
ATOM   444  C  CD1 . LEU A 1 54  ? -5.000  -0.232  -0.222  1.00 35.18 ? 53  LEU A CD1 1 
ATOM   445  C  CD2 . LEU A 1 54  ? -4.062  1.634   1.218   1.00 32.61 ? 53  LEU A CD2 1 
ATOM   446  N  N   . GLU A 1 55  ? -3.257  -2.580  4.666   1.00 33.84 ? 54  GLU A N   1 
ATOM   447  C  CA  . GLU A 1 55  ? -3.684  -3.348  5.851   1.00 34.22 ? 54  GLU A CA  1 
ATOM   448  C  C   . GLU A 1 55  ? -2.758  -3.058  7.025   1.00 32.62 ? 54  GLU A C   1 
ATOM   449  O  O   . GLU A 1 55  ? -3.221  -2.805  8.134   1.00 35.61 ? 54  GLU A O   1 
ATOM   450  C  CB  . GLU A 1 55  ? -3.753  -4.829  5.487   1.00 32.77 ? 54  GLU A CB  1 
ATOM   451  C  CG  . GLU A 1 55  ? -3.990  -5.771  6.613   1.00 36.51 ? 54  GLU A CG  1 
ATOM   452  C  CD  . GLU A 1 55  ? -4.250  -7.203  6.172   1.00 39.65 ? 54  GLU A CD  1 
ATOM   453  O  OE1 . GLU A 1 55  ? -4.448  -7.477  4.957   1.00 40.14 ? 54  GLU A OE1 1 
ATOM   454  O  OE2 . GLU A 1 55  ? -4.251  -8.085  7.065   1.00 33.74 ? 54  GLU A OE2 1 
ATOM   455  N  N   . ALA A 1 56  ? -1.446  -3.050  6.769   1.00 32.25 ? 55  ALA A N   1 
ATOM   456  C  CA  . ALA A 1 56  ? -0.428  -2.774  7.776   1.00 35.38 ? 55  ALA A CA  1 
ATOM   457  C  C   . ALA A 1 56  ? -0.749  -1.479  8.480   1.00 34.59 ? 55  ALA A C   1 
ATOM   458  O  O   . ALA A 1 56  ? -0.823  -1.427  9.707   1.00 34.91 ? 55  ALA A O   1 
ATOM   459  C  CB  . ALA A 1 56  ? 1.050   -2.751  7.149   1.00 31.08 ? 55  ALA A CB  1 
ATOM   460  N  N   . ASP A 1 57  ? -0.990  -0.416  7.715   1.00 35.03 ? 56  ASP A N   1 
ATOM   461  C  CA  . ASP A 1 57  ? -1.200  0.860   8.360   1.00 34.36 ? 56  ASP A CA  1 
ATOM   462  C  C   . ASP A 1 57  ? -2.434  0.844   9.231   1.00 33.54 ? 56  ASP A C   1 
ATOM   463  O  O   . ASP A 1 57  ? -2.453  1.493   10.265  1.00 34.42 ? 56  ASP A O   1 
ATOM   464  C  CB  . ASP A 1 57  ? -1.294  2.007   7.341   1.00 35.61 ? 56  ASP A CB  1 
ATOM   465  C  CG  . ASP A 1 57  ? 0.057   2.346   6.678   1.00 38.12 ? 56  ASP A CG  1 
ATOM   466  O  OD1 . ASP A 1 57  ? 1.082   1.582   6.787   1.00 36.41 ? 56  ASP A OD1 1 
ATOM   467  O  OD2 . ASP A 1 57  ? 0.120   3.399   5.981   1.00 43.11 ? 56  ASP A OD2 1 
ATOM   468  N  N   . LEU A 1 58  ? -3.480  0.150   8.820   1.00 34.46 ? 57  LEU A N   1 
ATOM   469  C  CA  . LEU A 1 58  ? -4.708  0.169   9.596   1.00 34.72 ? 57  LEU A CA  1 
ATOM   470  C  C   . LEU A 1 58  ? -4.593  -0.703  10.830  1.00 36.13 ? 57  LEU A C   1 
ATOM   471  O  O   . LEU A 1 58  ? -5.202  -0.386  11.838  1.00 31.56 ? 57  LEU A O   1 
ATOM   472  C  CB  . LEU A 1 58  ? -5.923  -0.219  8.733   1.00 35.74 ? 57  LEU A CB  1 
ATOM   473  C  CG  . LEU A 1 58  ? -6.332  0.838   7.675   1.00 39.62 ? 57  LEU A CG  1 
ATOM   474  C  CD1 . LEU A 1 58  ? -7.604  0.414   7.014   1.00 33.66 ? 57  LEU A CD1 1 
ATOM   475  C  CD2 . LEU A 1 58  ? -6.494  2.195   8.271   1.00 43.97 ? 57  LEU A CD2 1 
ATOM   476  N  N   . ARG A 1 59  ? -3.800  -1.766  10.754  1.00 36.06 ? 58  ARG A N   1 
ATOM   477  C  CA  . ARG A 1 59  ? -3.473  -2.581  11.924  1.00 34.34 ? 58  ARG A CA  1 
ATOM   478  C  C   . ARG A 1 59  ? -2.664  -1.788  12.942  1.00 34.08 ? 58  ARG A C   1 
ATOM   479  O  O   . ARG A 1 59  ? -2.951  -1.835  14.166  1.00 34.68 ? 58  ARG A O   1 
ATOM   480  C  CB  . ARG A 1 59  ? -2.697  -3.829  11.481  1.00 35.34 ? 58  ARG A CB  1 
ATOM   481  C  CG  . ARG A 1 59  ? -3.559  -4.859  10.771  1.00 39.71 ? 58  ARG A CG  1 
ATOM   482  C  CD  . ARG A 1 59  ? -2.900  -6.231  10.530  1.00 39.67 ? 58  ARG A CD  1 
ATOM   483  N  NE  . ARG A 1 59  ? -3.880  -7.115  9.898   1.00 40.80 ? 58  ARG A NE  1 
ATOM   484  C  CZ  . ARG A 1 59  ? -4.680  -7.959  10.539  1.00 49.45 ? 58  ARG A CZ  1 
ATOM   485  N  NH1 . ARG A 1 59  ? -4.597  -8.120  11.847  1.00 44.79 ? 58  ARG A NH1 1 
ATOM   486  N  NH2 . ARG A 1 59  ? -5.569  -8.666  9.854   1.00 53.60 ? 58  ARG A NH2 1 
ATOM   487  N  N   . ILE A 1 60  ? -1.615  -1.120  12.469  1.00 36.28 ? 59  ILE A N   1 
ATOM   488  C  CA  . ILE A 1 60  ? -0.879  -0.169  13.292  1.00 37.77 ? 59  ILE A CA  1 
ATOM   489  C  C   . ILE A 1 60  ? -1.843  0.810   13.985  1.00 35.72 ? 59  ILE A C   1 
ATOM   490  O  O   . ILE A 1 60  ? -1.647  1.106   15.172  1.00 36.03 ? 59  ILE A O   1 
ATOM   491  C  CB  . ILE A 1 60  ? 0.203   0.576   12.463  1.00 41.66 ? 59  ILE A CB  1 
ATOM   492  C  CG1 . ILE A 1 60  ? 1.381   -0.375  12.182  1.00 44.43 ? 59  ILE A CG1 1 
ATOM   493  C  CG2 . ILE A 1 60  ? 0.654   1.883   13.155  1.00 42.61 ? 59  ILE A CG2 1 
ATOM   494  C  CD1 . ILE A 1 60  ? 2.140   -0.049  10.866  1.00 42.17 ? 59  ILE A CD1 1 
ATOM   495  N  N   . ALA A 1 61  ? -2.829  1.302   13.230  1.00 37.85 ? 60  ALA A N   1 
ATOM   496  C  CA  . ALA A 1 61  ? -3.843  2.299   13.677  1.00 35.36 ? 60  ALA A CA  1 
ATOM   497  C  C   . ALA A 1 61  ? -4.754  1.786   14.809  1.00 40.87 ? 60  ALA A C   1 
ATOM   498  O  O   . ALA A 1 61  ? -5.179  2.545   15.699  1.00 38.69 ? 60  ALA A O   1 
ATOM   499  C  CB  . ALA A 1 61  ? -4.718  2.766   12.471  1.00 34.98 ? 60  ALA A CB  1 
ATOM   500  N  N   . THR A 1 62  ? -5.010  0.483   14.795  1.00 41.18 ? 61  THR A N   1 
ATOM   501  C  CA  . THR A 1 62  ? -5.935  -0.112  15.751  1.00 40.26 ? 61  THR A CA  1 
ATOM   502  C  C   . THR A 1 62  ? -5.232  -0.692  16.938  1.00 42.50 ? 61  THR A C   1 
ATOM   503  O  O   . THR A 1 62  ? -5.892  -1.236  17.790  1.00 42.84 ? 61  THR A O   1 
ATOM   504  C  CB  . THR A 1 62  ? -6.902  -1.089  15.049  1.00 40.57 ? 61  THR A CB  1 
ATOM   505  O  OG1 . THR A 1 62  ? -6.184  -2.079  14.334  1.00 45.92 ? 61  THR A OG1 1 
ATOM   506  C  CG2 . THR A 1 62  ? -7.779  -0.326  14.030  1.00 38.62 ? 61  THR A CG2 1 
ATOM   507  N  N   . GLY A 1 63  ? -3.905  -0.511  17.029  1.00 40.58 ? 62  GLY A N   1 
ATOM   508  C  CA  . GLY A 1 63  ? -3.144  -0.828  18.234  1.00 39.32 ? 62  GLY A CA  1 
ATOM   509  C  C   . GLY A 1 63  ? -2.225  -2.029  18.117  1.00 37.62 ? 62  GLY A C   1 
ATOM   510  O  O   . GLY A 1 63  ? -1.887  -2.624  19.135  1.00 42.88 ? 62  GLY A O   1 
ATOM   511  N  N   . ALA A 1 64  ? -1.803  -2.417  16.914  1.00 37.04 ? 63  ALA A N   1 
ATOM   512  C  CA  . ALA A 1 64  ? -1.005  -3.641  16.804  1.00 37.99 ? 63  ALA A CA  1 
ATOM   513  C  C   . ALA A 1 64  ? 0.300   -3.367  17.498  1.00 36.20 ? 63  ALA A C   1 
ATOM   514  O  O   . ALA A 1 64  ? 0.805   -2.243  17.457  1.00 39.22 ? 63  ALA A O   1 
ATOM   515  C  CB  . ALA A 1 64  ? -0.761  -4.083  15.357  1.00 34.11 ? 63  ALA A CB  1 
ATOM   516  N  N   . THR A 1 65  ? 0.832   -4.389  18.155  1.00 40.22 ? 64  THR A N   1 
ATOM   517  C  CA  . THR A 1 65  ? 2.082   -4.241  18.843  1.00 37.09 ? 64  THR A CA  1 
ATOM   518  C  C   . THR A 1 65  ? 3.241   -4.369  17.877  1.00 36.98 ? 64  THR A C   1 
ATOM   519  O  O   . THR A 1 65  ? 3.085   -4.790  16.715  1.00 33.32 ? 64  THR A O   1 
ATOM   520  C  CB  . THR A 1 65  ? 2.222   -5.241  20.017  1.00 39.63 ? 64  THR A CB  1 
ATOM   521  O  OG1 . THR A 1 65  ? 2.293   -6.589  19.517  1.00 35.43 ? 64  THR A OG1 1 
ATOM   522  C  CG2 . THR A 1 65  ? 1.041   -5.084  20.962  1.00 37.38 ? 64  THR A CG2 1 
ATOM   523  N  N   . ALA A 1 66  ? 4.405   -3.969  18.375  1.00 36.13 ? 65  ALA A N   1 
ATOM   524  C  CA  . ALA A 1 66  ? 5.640   -4.093  17.637  1.00 34.08 ? 65  ALA A CA  1 
ATOM   525  C  C   . ALA A 1 66  ? 5.867   -5.542  17.216  1.00 31.85 ? 65  ALA A C   1 
ATOM   526  O  O   . ALA A 1 66  ? 6.139   -5.776  16.036  1.00 34.56 ? 65  ALA A O   1 
ATOM   527  C  CB  . ALA A 1 66  ? 6.785   -3.559  18.445  1.00 31.03 ? 65  ALA A CB  1 
ATOM   528  N  N   . ASP A 1 67  ? 5.664   -6.506  18.121  1.00 29.87 ? 66  ASP A N   1 
ATOM   529  C  CA  . ASP A 1 67  ? 5.832   -7.892  17.746  1.00 29.28 ? 66  ASP A CA  1 
ATOM   530  C  C   . ASP A 1 67  ? 4.818   -8.379  16.780  1.00 28.43 ? 66  ASP A C   1 
ATOM   531  O  O   . ASP A 1 67  ? 5.139   -9.209  15.952  1.00 31.21 ? 66  ASP A O   1 
ATOM   532  C  CB  . ASP A 1 67  ? 5.816   -8.866  18.910  1.00 21.43 ? 66  ASP A CB  1 
ATOM   533  C  CG  . ASP A 1 67  ? 6.357   -10.268 18.510  1.00 34.01 ? 66  ASP A CG  1 
ATOM   534  O  OD1 . ASP A 1 67  ? 7.503   -10.373 17.960  1.00 36.66 ? 66  ASP A OD1 1 
ATOM   535  O  OD2 . ASP A 1 67  ? 5.644   -11.258 18.793  1.00 41.49 ? 66  ASP A OD2 1 
ATOM   536  N  N   . GLU A 1 68  ? 3.586   -7.899  16.889  1.00 34.27 ? 67  GLU A N   1 
ATOM   537  C  CA  . GLU A 1 68  ? 2.520   -8.317  15.998  1.00 34.45 ? 67  GLU A CA  1 
ATOM   538  C  C   . GLU A 1 68  ? 2.851   -7.863  14.605  1.00 32.20 ? 67  GLU A C   1 
ATOM   539  O  O   . GLU A 1 68  ? 2.644   -8.585  13.630  1.00 31.83 ? 67  GLU A O   1 
ATOM   540  C  CB  . GLU A 1 68  ? 1.170   -7.734  16.466  1.00 36.53 ? 67  GLU A CB  1 
ATOM   541  C  CG  . GLU A 1 68  ? 0.571   -8.552  17.631  1.00 43.42 ? 67  GLU A CG  1 
ATOM   542  C  CD  . GLU A 1 68  ? -0.721  -8.000  18.264  1.00 40.53 ? 67  GLU A CD  1 
ATOM   543  O  OE1 . GLU A 1 68  ? -1.080  -6.839  18.059  1.00 40.12 ? 67  GLU A OE1 1 
ATOM   544  O  OE2 . GLU A 1 68  ? -1.346  -8.770  19.038  1.00 58.40 ? 67  GLU A OE2 1 
HETATM 545  N  N   . MSE A 1 69  ? 3.398   -6.657  14.505  1.00 32.58 ? 68  MSE A N   1 
HETATM 546  C  CA  . MSE A 1 69  ? 3.759   -6.113  13.217  1.00 31.63 ? 68  MSE A CA  1 
HETATM 547  C  C   . MSE A 1 69  ? 4.966   -6.824  12.644  1.00 30.51 ? 68  MSE A C   1 
HETATM 548  O  O   . MSE A 1 69  ? 5.030   -7.033  11.430  1.00 32.70 ? 68  MSE A O   1 
HETATM 549  C  CB  . MSE A 1 69  ? 4.024   -4.591  13.290  1.00 34.80 ? 68  MSE A CB  1 
HETATM 550  C  CG  . MSE A 1 69  ? 2.819   -3.721  13.508  1.00 40.82 ? 68  MSE A CG  1 
HETATM 551  SE SE  . MSE A 1 69  ? 1.208   -4.274  12.458  0.70 43.65 ? 68  MSE A SE  1 
HETATM 552  C  CE  . MSE A 1 69  ? 1.926   -4.060  10.630  1.00 36.79 ? 68  MSE A CE  1 
ATOM   553  N  N   . ALA A 1 70  ? 5.896   -7.245  13.508  1.00 29.17 ? 69  ALA A N   1 
ATOM   554  C  CA  . ALA A 1 70  ? 7.054   -7.946  13.039  1.00 29.09 ? 69  ALA A CA  1 
ATOM   555  C  C   . ALA A 1 70  ? 6.596   -9.259  12.463  1.00 29.41 ? 69  ALA A C   1 
ATOM   556  O  O   . ALA A 1 70  ? 7.155   -9.750  11.496  1.00 35.14 ? 69  ALA A O   1 
ATOM   557  C  CB  . ALA A 1 70  ? 8.027   -8.224  14.182  1.00 30.99 ? 69  ALA A CB  1 
ATOM   558  N  N   . GLN A 1 71  ? 5.624   -9.865  13.121  1.00 29.12 ? 70  GLN A N   1 
ATOM   559  C  CA  . GLN A 1 71  ? 5.105   -11.146 12.684  1.00 30.47 ? 70  GLN A CA  1 
ATOM   560  C  C   . GLN A 1 71  ? 4.384   -10.952 11.350  1.00 31.93 ? 70  GLN A C   1 
ATOM   561  O  O   . GLN A 1 71  ? 4.474   -11.842 10.514  1.00 34.11 ? 70  GLN A O   1 
ATOM   562  C  CB  . GLN A 1 71  ? 4.156   -11.696 13.726  1.00 26.32 ? 70  GLN A CB  1 
ATOM   563  C  CG  . GLN A 1 71  ? 3.447   -12.944 13.288  1.00 28.44 ? 70  GLN A CG  1 
ATOM   564  C  CD  . GLN A 1 71  ? 2.694   -13.600 14.403  1.00 32.82 ? 70  GLN A CD  1 
ATOM   565  O  OE1 . GLN A 1 71  ? 2.920   -13.313 15.613  1.00 35.76 ? 70  GLN A OE1 1 
ATOM   566  N  NE2 . GLN A 1 71  ? 1.801   -14.524 14.025  1.00 30.54 ? 70  GLN A NE2 1 
ATOM   567  N  N   . PHE A 1 72  ? 3.751   -9.776  11.156  1.00 32.84 ? 71  PHE A N   1 
ATOM   568  C  CA  . PHE A 1 72  ? 2.981   -9.438  9.969   1.00 31.52 ? 71  PHE A CA  1 
ATOM   569  C  C   . PHE A 1 72  ? 3.914   -9.233  8.807   1.00 34.32 ? 71  PHE A C   1 
ATOM   570  O  O   . PHE A 1 72  ? 3.697   -9.774  7.743   1.00 37.68 ? 71  PHE A O   1 
ATOM   571  C  CB  . PHE A 1 72  ? 2.151   -8.134  10.187  1.00 33.16 ? 71  PHE A CB  1 
ATOM   572  C  CG  . PHE A 1 72  ? 1.382   -7.668  8.964   1.00 35.14 ? 71  PHE A CG  1 
ATOM   573  C  CD1 . PHE A 1 72  ? 0.085   -8.112  8.712   1.00 38.15 ? 71  PHE A CD1 1 
ATOM   574  C  CD2 . PHE A 1 72  ? 1.933   -6.769  8.119   1.00 30.46 ? 71  PHE A CD2 1 
ATOM   575  C  CE1 . PHE A 1 72  ? -0.630  -7.680  7.584   1.00 32.11 ? 71  PHE A CE1 1 
ATOM   576  C  CE2 . PHE A 1 72  ? 1.234   -6.323  6.965   1.00 41.92 ? 71  PHE A CE2 1 
ATOM   577  C  CZ  . PHE A 1 72  ? -0.041  -6.777  6.708   1.00 33.69 ? 71  PHE A CZ  1 
ATOM   578  N  N   . TYR A 1 73  ? 4.958   -8.438  9.020   1.00 32.89 ? 72  TYR A N   1 
ATOM   579  C  CA  . TYR A 1 73  ? 5.907   -8.151  7.981   1.00 35.71 ? 72  TYR A CA  1 
ATOM   580  C  C   . TYR A 1 73  ? 6.720   -9.347  7.598   1.00 35.76 ? 72  TYR A C   1 
ATOM   581  O  O   . TYR A 1 73  ? 7.193   -9.411  6.478   1.00 39.30 ? 72  TYR A O   1 
ATOM   582  C  CB  . TYR A 1 73  ? 6.834   -7.006  8.391   1.00 39.50 ? 72  TYR A CB  1 
ATOM   583  C  CG  . TYR A 1 73  ? 6.161   -5.668  8.517   1.00 40.07 ? 72  TYR A CG  1 
ATOM   584  C  CD1 . TYR A 1 73  ? 5.350   -5.175  7.500   1.00 39.71 ? 72  TYR A CD1 1 
ATOM   585  C  CD2 . TYR A 1 73  ? 6.329   -4.885  9.648   1.00 43.77 ? 72  TYR A CD2 1 
ATOM   586  C  CE1 . TYR A 1 73  ? 4.747   -3.942  7.595   1.00 57.79 ? 72  TYR A CE1 1 
ATOM   587  C  CE2 . TYR A 1 73  ? 5.703   -3.645  9.757   1.00 50.90 ? 72  TYR A CE2 1 
ATOM   588  C  CZ  . TYR A 1 73  ? 4.919   -3.188  8.730   1.00 50.47 ? 72  TYR A CZ  1 
ATOM   589  O  OH  . TYR A 1 73  ? 4.310   -1.959  8.793   1.00 56.06 ? 72  TYR A OH  1 
ATOM   590  N  N   . ALA A 1 74  ? 6.892   -10.293 8.517   1.00 35.43 ? 73  ALA A N   1 
ATOM   591  C  CA  . ALA A 1 74  ? 7.671   -11.485 8.238   1.00 38.38 ? 73  ALA A CA  1 
ATOM   592  C  C   . ALA A 1 74  ? 6.959   -12.524 7.377   1.00 39.36 ? 73  ALA A C   1 
ATOM   593  O  O   . ALA A 1 74  ? 7.607   -13.447 6.920   1.00 40.21 ? 73  ALA A O   1 
ATOM   594  C  CB  . ALA A 1 74  ? 8.186   -12.143 9.563   1.00 34.73 ? 73  ALA A CB  1 
ATOM   595  N  N   . VAL A 1 75  ? 5.653   -12.417 7.160   1.00 42.12 ? 74  VAL A N   1 
ATOM   596  C  CA  . VAL A 1 75  ? 4.992   -13.421 6.319   1.00 41.98 ? 74  VAL A CA  1 
ATOM   597  C  C   . VAL A 1 75  ? 5.428   -13.160 4.864   1.00 39.16 ? 74  VAL A C   1 
ATOM   598  O  O   . VAL A 1 75  ? 5.279   -12.058 4.356   1.00 37.04 ? 74  VAL A O   1 
ATOM   599  C  CB  . VAL A 1 75  ? 3.452   -13.483 6.529   1.00 43.50 ? 74  VAL A CB  1 
ATOM   600  C  CG1 . VAL A 1 75  ? 2.799   -14.348 5.462   1.00 43.48 ? 74  VAL A CG1 1 
ATOM   601  C  CG2 . VAL A 1 75  ? 3.143   -14.103 7.900   1.00 37.93 ? 74  VAL A CG2 1 
ATOM   602  N  N   . PRO A 1 76  ? 6.067   -14.149 4.226   1.00 38.58 ? 75  PRO A N   1 
ATOM   603  C  CA  . PRO A 1 76  ? 6.636   -13.901 2.906   1.00 38.99 ? 75  PRO A CA  1 
ATOM   604  C  C   . PRO A 1 76  ? 5.584   -13.705 1.803   1.00 38.98 ? 75  PRO A C   1 
ATOM   605  O  O   . PRO A 1 76  ? 4.610   -14.428 1.742   1.00 38.80 ? 75  PRO A O   1 
ATOM   606  C  CB  . PRO A 1 76  ? 7.471   -15.155 2.631   1.00 39.17 ? 75  PRO A CB  1 
ATOM   607  C  CG  . PRO A 1 76  ? 6.934   -16.193 3.530   1.00 42.36 ? 75  PRO A CG  1 
ATOM   608  C  CD  . PRO A 1 76  ? 6.313   -15.523 4.697   1.00 37.34 ? 75  PRO A CD  1 
ATOM   609  N  N   . VAL A 1 77  ? 5.794   -12.712 0.956   1.00 39.85 ? 76  VAL A N   1 
ATOM   610  C  CA  . VAL A 1 77  ? 4.945   -12.528 -0.213  1.00 40.36 ? 76  VAL A CA  1 
ATOM   611  C  C   . VAL A 1 77  ? 5.811   -12.764 -1.422  1.00 41.95 ? 76  VAL A C   1 
ATOM   612  O  O   . VAL A 1 77  ? 6.629   -11.933 -1.777  1.00 42.30 ? 76  VAL A O   1 
ATOM   613  C  CB  . VAL A 1 77  ? 4.304   -11.159 -0.270  1.00 38.82 ? 76  VAL A CB  1 
ATOM   614  C  CG1 . VAL A 1 77  ? 3.334   -11.113 -1.430  1.00 35.15 ? 76  VAL A CG1 1 
ATOM   615  C  CG2 . VAL A 1 77  ? 3.557   -10.868 1.004   1.00 32.25 ? 76  VAL A CG2 1 
ATOM   616  N  N   . LEU A 1 78  ? 5.651   -13.932 -2.030  1.00 42.09 ? 77  LEU A N   1 
ATOM   617  C  CA  . LEU A 1 78  ? 6.433   -14.282 -3.201  1.00 43.72 ? 77  LEU A CA  1 
ATOM   618  C  C   . LEU A 1 78  ? 5.941   -13.497 -4.422  1.00 42.89 ? 77  LEU A C   1 
ATOM   619  O  O   . LEU A 1 78  ? 4.771   -13.103 -4.471  1.00 41.15 ? 77  LEU A O   1 
ATOM   620  C  CB  . LEU A 1 78  ? 6.360   -15.788 -3.442  1.00 45.22 ? 77  LEU A CB  1 
ATOM   621  C  CG  . LEU A 1 78  ? 6.910   -16.663 -2.315  1.00 46.54 ? 77  LEU A CG  1 
ATOM   622  C  CD1 . LEU A 1 78  ? 6.603   -18.134 -2.625  1.00 47.95 ? 77  LEU A CD1 1 
ATOM   623  C  CD2 . LEU A 1 78  ? 8.418   -16.427 -2.126  1.00 41.30 ? 77  LEU A CD2 1 
ATOM   624  N  N   . PRO A 1 79  ? 6.829   -13.241 -5.398  1.00 41.56 ? 78  PRO A N   1 
ATOM   625  C  CA  . PRO A 1 79  ? 6.461   -12.409 -6.541  1.00 43.80 ? 78  PRO A CA  1 
ATOM   626  C  C   . PRO A 1 79  ? 5.138   -12.782 -7.223  1.00 44.80 ? 78  PRO A C   1 
ATOM   627  O  O   . PRO A 1 79  ? 4.391   -11.896 -7.651  1.00 44.65 ? 78  PRO A O   1 
ATOM   628  C  CB  . PRO A 1 79  ? 7.635   -12.608 -7.488  1.00 44.23 ? 78  PRO A CB  1 
ATOM   629  C  CG  . PRO A 1 79  ? 8.780   -12.869 -6.587  1.00 43.02 ? 78  PRO A CG  1 
ATOM   630  C  CD  . PRO A 1 79  ? 8.225   -13.685 -5.483  1.00 43.26 ? 78  PRO A CD  1 
ATOM   631  N  N   . GLU A 1 80  ? 4.837   -14.070 -7.293  1.00 43.26 ? 79  GLU A N   1 
ATOM   632  C  CA  . GLU A 1 80  ? 3.611   -14.551 -7.937  1.00 44.69 ? 79  GLU A CA  1 
ATOM   633  C  C   . GLU A 1 80  ? 2.346   -14.344 -7.094  1.00 43.46 ? 79  GLU A C   1 
ATOM   634  O  O   . GLU A 1 80  ? 1.242   -14.458 -7.607  1.00 42.56 ? 79  GLU A O   1 
ATOM   635  C  CB  . GLU A 1 80  ? 3.762   -16.032 -8.346  1.00 46.03 ? 79  GLU A CB  1 
ATOM   636  C  CG  . GLU A 1 80  ? 4.012   -17.005 -7.185  1.00 51.76 ? 79  GLU A CG  1 
ATOM   637  C  CD  . GLU A 1 80  ? 5.504   -17.324 -6.923  1.00 61.71 ? 79  GLU A CD  1 
ATOM   638  O  OE1 . GLU A 1 80  ? 6.381   -16.419 -7.034  1.00 60.84 ? 79  GLU A OE1 1 
ATOM   639  O  OE2 . GLU A 1 80  ? 5.785   -18.502 -6.579  1.00 58.62 ? 79  GLU A OE2 1 
ATOM   640  N  N   . GLN A 1 81  ? 2.493   -14.043 -5.806  1.00 44.66 ? 80  GLN A N   1 
ATOM   641  C  CA  . GLN A 1 81  ? 1.329   -13.769 -4.948  1.00 44.68 ? 80  GLN A CA  1 
ATOM   642  C  C   . GLN A 1 81  ? 1.069   -12.272 -4.716  1.00 43.79 ? 80  GLN A C   1 
ATOM   643  O  O   . GLN A 1 81  ? 0.136   -11.908 -4.017  1.00 43.00 ? 80  GLN A O   1 
ATOM   644  C  CB  . GLN A 1 81  ? 1.516   -14.429 -3.598  1.00 43.82 ? 80  GLN A CB  1 
ATOM   645  C  CG  . GLN A 1 81  ? 1.733   -15.925 -3.667  1.00 47.56 ? 80  GLN A CG  1 
ATOM   646  C  CD  . GLN A 1 81  ? 2.534   -16.462 -2.484  1.00 49.86 ? 80  GLN A CD  1 
ATOM   647  O  OE1 . GLN A 1 81  ? 3.307   -15.735 -1.833  1.00 47.77 ? 80  GLN A OE1 1 
ATOM   648  N  NE2 . GLN A 1 81  ? 2.365   -17.757 -2.212  1.00 59.13 ? 80  GLN A NE2 1 
ATOM   649  N  N   . LEU A 1 82  ? 1.894   -11.418 -5.310  1.00 43.24 ? 81  LEU A N   1 
ATOM   650  C  CA  . LEU A 1 82  ? 1.847   -9.976  -5.030  1.00 41.15 ? 81  LEU A CA  1 
ATOM   651  C  C   . LEU A 1 82  ? 0.514   -9.374  -5.353  1.00 38.96 ? 81  LEU A C   1 
ATOM   652  O  O   . LEU A 1 82  ? -0.036  -8.634  -4.537  1.00 39.63 ? 81  LEU A O   1 
ATOM   653  C  CB  . LEU A 1 82  ? 2.975   -9.222  -5.750  1.00 36.03 ? 81  LEU A CB  1 
ATOM   654  C  CG  . LEU A 1 82  ? 4.306   -9.266  -5.010  1.00 39.04 ? 81  LEU A CG  1 
ATOM   655  C  CD1 . LEU A 1 82  ? 5.382   -8.658  -5.861  1.00 37.69 ? 81  LEU A CD1 1 
ATOM   656  C  CD2 . LEU A 1 82  ? 4.176   -8.509  -3.691  1.00 40.37 ? 81  LEU A CD2 1 
ATOM   657  N  N   . VAL A 1 83  ? -0.030  -9.662  -6.529  1.00 42.19 ? 82  VAL A N   1 
ATOM   658  C  CA  . VAL A 1 83  ? -1.332  -9.082  -6.875  1.00 39.77 ? 82  VAL A CA  1 
ATOM   659  C  C   . VAL A 1 83  ? -2.392  -9.582  -5.912  1.00 40.15 ? 82  VAL A C   1 
ATOM   660  O  O   . VAL A 1 83  ? -3.204  -8.797  -5.417  1.00 41.14 ? 82  VAL A O   1 
ATOM   661  C  CB  . VAL A 1 83  ? -1.742  -9.337  -8.336  1.00 41.70 ? 82  VAL A CB  1 
ATOM   662  C  CG1 . VAL A 1 83  ? -3.208  -8.909  -8.560  1.00 41.26 ? 82  VAL A CG1 1 
ATOM   663  C  CG2 . VAL A 1 83  ? -0.818  -8.580  -9.262  1.00 46.44 ? 82  VAL A CG2 1 
ATOM   664  N  N   . ASP A 1 84  ? -2.400  -10.885 -5.658  1.00 41.05 ? 83  ASP A N   1 
ATOM   665  C  CA  . ASP A 1 84  ? -3.354  -11.489 -4.731  1.00 40.96 ? 83  ASP A CA  1 
ATOM   666  C  C   . ASP A 1 84  ? -3.281  -10.807 -3.389  1.00 37.58 ? 83  ASP A C   1 
ATOM   667  O  O   . ASP A 1 84  ? -4.307  -10.572 -2.760  1.00 33.78 ? 83  ASP A O   1 
ATOM   668  C  CB  . ASP A 1 84  ? -3.076  -12.979 -4.538  1.00 42.60 ? 83  ASP A CB  1 
ATOM   669  C  CG  . ASP A 1 84  ? -3.524  -13.831 -5.725  1.00 56.71 ? 83  ASP A CG  1 
ATOM   670  O  OD1 . ASP A 1 84  ? -4.208  -13.289 -6.639  1.00 72.04 ? 83  ASP A OD1 1 
ATOM   671  O  OD2 . ASP A 1 84  ? -3.197  -15.050 -5.738  1.00 64.36 ? 83  ASP A OD2 1 
ATOM   672  N  N   . ARG A 1 85  ? -2.061  -10.483 -2.965  1.00 36.15 ? 84  ARG A N   1 
ATOM   673  C  CA  . ARG A 1 85  ? -1.829  -9.822  -1.687  1.00 37.48 ? 84  ARG A CA  1 
ATOM   674  C  C   . ARG A 1 85  ? -2.322  -8.385  -1.639  1.00 35.35 ? 84  ARG A C   1 
ATOM   675  O  O   . ARG A 1 85  ? -2.957  -7.992  -0.692  1.00 37.81 ? 84  ARG A O   1 
ATOM   676  C  CB  . ARG A 1 85  ? -0.324  -9.892  -1.299  1.00 38.47 ? 84  ARG A CB  1 
ATOM   677  C  CG  . ARG A 1 85  ? -0.052  -9.536  0.163   1.00 36.94 ? 84  ARG A CG  1 
ATOM   678  C  CD  . ARG A 1 85  ? -1.036  -10.316 1.024   1.00 46.88 ? 84  ARG A CD  1 
ATOM   679  N  NE  . ARG A 1 85  ? -0.874  -10.162 2.451   1.00 45.20 ? 84  ARG A NE  1 
ATOM   680  C  CZ  . ARG A 1 85  ? -1.567  -9.331  3.224   1.00 57.24 ? 84  ARG A CZ  1 
ATOM   681  N  NH1 . ARG A 1 85  ? -2.535  -8.519  2.734   1.00 41.14 ? 84  ARG A NH1 1 
ATOM   682  N  NH2 . ARG A 1 85  ? -1.272  -9.321  4.530   1.00 56.31 ? 84  ARG A NH2 1 
ATOM   683  N  N   . LEU A 1 86  ? -2.022  -7.612  -2.668  1.00 33.44 ? 85  LEU A N   1 
ATOM   684  C  CA  . LEU A 1 86  ? -2.582  -6.280  -2.838  1.00 36.00 ? 85  LEU A CA  1 
ATOM   685  C  C   . LEU A 1 86  ? -4.149  -6.298  -2.752  1.00 34.73 ? 85  LEU A C   1 
ATOM   686  O  O   . LEU A 1 86  ? -4.808  -5.447  -2.087  1.00 33.71 ? 85  LEU A O   1 
ATOM   687  C  CB  . LEU A 1 86  ? -2.099  -5.728  -4.184  1.00 34.72 ? 85  LEU A CB  1 
ATOM   688  C  CG  . LEU A 1 86  ? -2.602  -4.350  -4.650  1.00 37.85 ? 85  LEU A CG  1 
ATOM   689  C  CD1 . LEU A 1 86  ? -2.333  -3.253  -3.596  1.00 38.40 ? 85  LEU A CD1 1 
ATOM   690  C  CD2 . LEU A 1 86  ? -1.950  -4.044  -6.021  1.00 36.98 ? 85  LEU A CD2 1 
ATOM   691  N  N   . ASP A 1 87  ? -4.748  -7.265  -3.426  1.00 36.50 ? 86  ASP A N   1 
ATOM   692  C  CA  . ASP A 1 87  ? -6.191  -7.381  -3.450  1.00 37.49 ? 86  ASP A CA  1 
ATOM   693  C  C   . ASP A 1 87  ? -6.769  -7.615  -2.062  1.00 36.33 ? 86  ASP A C   1 
ATOM   694  O  O   . ASP A 1 87  ? -7.825  -7.060  -1.700  1.00 36.19 ? 86  ASP A O   1 
ATOM   695  C  CB  . ASP A 1 87  ? -6.621  -8.513  -4.393  1.00 39.90 ? 86  ASP A CB  1 
ATOM   696  C  CG  . ASP A 1 87  ? -6.401  -8.179  -5.893  1.00 51.15 ? 86  ASP A CG  1 
ATOM   697  O  OD1 . ASP A 1 87  ? -5.866  -7.097  -6.232  1.00 53.43 ? 86  ASP A OD1 1 
ATOM   698  O  OD2 . ASP A 1 87  ? -6.765  -9.025  -6.754  1.00 67.22 ? 86  ASP A OD2 1 
ATOM   699  N  N   . GLN A 1 88  ? -6.103  -8.483  -1.312  1.00 35.59 ? 87  GLN A N   1 
ATOM   700  C  CA  . GLN A 1 88  ? -6.460  -8.751  0.064   1.00 35.58 ? 87  GLN A CA  1 
ATOM   701  C  C   . GLN A 1 88  ? -6.372  -7.513  0.940   1.00 34.02 ? 87  GLN A C   1 
ATOM   702  O  O   . GLN A 1 88  ? -7.282  -7.239  1.722   1.00 31.65 ? 87  GLN A O   1 
ATOM   703  C  CB  . GLN A 1 88  ? -5.519  -9.810  0.596   1.00 36.20 ? 87  GLN A CB  1 
ATOM   704  C  CG  . GLN A 1 88  ? -5.709  -10.195 2.017   1.00 43.33 ? 87  GLN A CG  1 
ATOM   705  C  CD  . GLN A 1 88  ? -4.794  -11.380 2.410   1.00 41.25 ? 87  GLN A CD  1 
ATOM   706  O  OE1 . GLN A 1 88  ? -4.528  -12.298 1.599   1.00 40.64 ? 87  GLN A OE1 1 
ATOM   707  N  NE2 . GLN A 1 88  ? -4.298  -11.349 3.653   1.00 43.73 ? 87  GLN A NE2 1 
ATOM   708  N  N   . SER A 1 89  ? -5.269  -6.761  0.803   1.00 35.68 ? 88  SER A N   1 
ATOM   709  C  CA  . SER A 1 89  ? -5.086  -5.496  1.528   1.00 34.25 ? 88  SER A CA  1 
ATOM   710  C  C   . SER A 1 89  ? -6.166  -4.469  1.159   1.00 32.96 ? 88  SER A C   1 
ATOM   711  O  O   . SER A 1 89  ? -6.701  -3.785  2.013   1.00 35.68 ? 88  SER A O   1 
ATOM   712  C  CB  . SER A 1 89  ? -3.682  -4.917  1.269   1.00 32.47 ? 88  SER A CB  1 
ATOM   713  O  OG  . SER A 1 89  ? -2.715  -5.868  1.670   1.00 39.49 ? 88  SER A OG  1 
ATOM   714  N  N   . TRP A 1 90  ? -6.488  -4.391  -0.116  1.00 31.58 ? 89  TRP A N   1 
ATOM   715  C  CA  . TRP A 1 90  ? -7.511  -3.443  -0.594  1.00 33.96 ? 89  TRP A CA  1 
ATOM   716  C  C   . TRP A 1 90  ? -8.894  -3.808  -0.002  1.00 33.22 ? 89  TRP A C   1 
ATOM   717  O  O   . TRP A 1 90  ? -9.676  -2.937  0.354   1.00 34.31 ? 89  TRP A O   1 
ATOM   718  C  CB  . TRP A 1 90  ? -7.494  -3.441  -2.126  1.00 33.77 ? 89  TRP A CB  1 
ATOM   719  C  CG  . TRP A 1 90  ? -8.569  -2.774  -2.824  1.00 32.97 ? 89  TRP A CG  1 
ATOM   720  C  CD1 . TRP A 1 90  ? -9.233  -3.286  -3.881  1.00 37.93 ? 89  TRP A CD1 1 
ATOM   721  C  CD2 . TRP A 1 90  ? -9.113  -1.463  -2.599  1.00 32.61 ? 89  TRP A CD2 1 
ATOM   722  N  NE1 . TRP A 1 90  ? -10.162 -2.404  -4.333  1.00 43.18 ? 89  TRP A NE1 1 
ATOM   723  C  CE2 . TRP A 1 90  ? -10.128 -1.278  -3.555  1.00 41.44 ? 89  TRP A CE2 1 
ATOM   724  C  CE3 . TRP A 1 90  ? -8.876  -0.439  -1.668  1.00 37.48 ? 89  TRP A CE3 1 
ATOM   725  C  CZ2 . TRP A 1 90  ? -10.890 -0.113  -3.630  1.00 38.48 ? 89  TRP A CZ2 1 
ATOM   726  C  CZ3 . TRP A 1 90  ? -9.649  0.737   -1.746  1.00 32.82 ? 89  TRP A CZ3 1 
ATOM   727  C  CH2 . TRP A 1 90  ? -10.653 0.870   -2.719  1.00 38.05 ? 89  TRP A CH2 1 
ATOM   728  N  N   . GLN A 1 91  ? -9.177  -5.103  0.110   1.00 33.74 ? 90  GLN A N   1 
ATOM   729  C  CA  . GLN A 1 91  ? -10.441 -5.556  0.708   1.00 36.59 ? 90  GLN A CA  1 
ATOM   730  C  C   . GLN A 1 91  ? -10.506 -5.190  2.187   1.00 35.78 ? 90  GLN A C   1 
ATOM   731  O  O   . GLN A 1 91  ? -11.547 -4.778  2.704   1.00 34.34 ? 90  GLN A O   1 
ATOM   732  C  CB  . GLN A 1 91  ? -10.599 -7.072  0.542   1.00 37.84 ? 90  GLN A CB  1 
ATOM   733  C  CG  . GLN A 1 91  ? -11.976 -7.565  0.938   1.00 47.26 ? 90  GLN A CG  1 
ATOM   734  C  CD  . GLN A 1 91  ? -13.060 -6.897  0.103   1.00 53.35 ? 90  GLN A CD  1 
ATOM   735  O  OE1 . GLN A 1 91  ? -13.041 -6.976  -1.134  1.00 54.28 ? 90  GLN A OE1 1 
ATOM   736  N  NE2 . GLN A 1 91  ? -13.983 -6.202  0.773   1.00 38.31 ? 90  GLN A NE2 1 
ATOM   737  N  N   . TYR A 1 92  ? -9.378  -5.336  2.875   1.00 35.29 ? 91  TYR A N   1 
ATOM   738  C  CA  . TYR A 1 92  ? -9.304  -5.039  4.285   1.00 36.69 ? 91  TYR A CA  1 
ATOM   739  C  C   . TYR A 1 92  ? -9.594  -3.554  4.480   1.00 35.73 ? 91  TYR A C   1 
ATOM   740  O  O   . TYR A 1 92  ? -10.387 -3.166  5.378   1.00 35.81 ? 91  TYR A O   1 
ATOM   741  C  CB  . TYR A 1 92  ? -7.901  -5.358  4.798   1.00 36.85 ? 91  TYR A CB  1 
ATOM   742  C  CG  . TYR A 1 92  ? -7.733  -5.247  6.286   1.00 38.77 ? 91  TYR A CG  1 
ATOM   743  C  CD1 . TYR A 1 92  ? -7.507  -4.013  6.877   1.00 40.83 ? 91  TYR A CD1 1 
ATOM   744  C  CD2 . TYR A 1 92  ? -7.815  -6.367  7.107   1.00 39.74 ? 91  TYR A CD2 1 
ATOM   745  C  CE1 . TYR A 1 92  ? -7.348  -3.878  8.239   1.00 43.96 ? 91  TYR A CE1 1 
ATOM   746  C  CE2 . TYR A 1 92  ? -7.633  -6.250  8.486   1.00 42.44 ? 91  TYR A CE2 1 
ATOM   747  C  CZ  . TYR A 1 92  ? -7.408  -4.991  9.041   1.00 42.15 ? 91  TYR A CZ  1 
ATOM   748  O  OH  . TYR A 1 92  ? -7.248  -4.841  10.391  1.00 49.25 ? 91  TYR A OH  1 
ATOM   749  N  N   . TYR A 1 93  ? -8.933  -2.753  3.651   1.00 36.32 ? 92  TYR A N   1 
ATOM   750  C  CA  . TYR A 1 93  ? -9.107  -1.307  3.678   1.00 34.80 ? 92  TYR A CA  1 
ATOM   751  C  C   . TYR A 1 93  ? -10.584 -0.934  3.414   1.00 35.32 ? 92  TYR A C   1 
ATOM   752  O  O   . TYR A 1 93  ? -11.152 -0.097  4.104   1.00 36.14 ? 92  TYR A O   1 
ATOM   753  C  CB  . TYR A 1 93  ? -8.172  -0.642  2.676   1.00 34.65 ? 92  TYR A CB  1 
ATOM   754  C  CG  . TYR A 1 93  ? -8.203  0.910   2.670   1.00 33.61 ? 92  TYR A CG  1 
ATOM   755  C  CD1 . TYR A 1 93  ? -9.085  1.614   1.847   1.00 32.06 ? 92  TYR A CD1 1 
ATOM   756  C  CD2 . TYR A 1 93  ? -7.339  1.649   3.480   1.00 33.63 ? 92  TYR A CD2 1 
ATOM   757  C  CE1 . TYR A 1 93  ? -9.093  2.997   1.824   1.00 34.29 ? 92  TYR A CE1 1 
ATOM   758  C  CE2 . TYR A 1 93  ? -7.347  3.047   3.468   1.00 34.71 ? 92  TYR A CE2 1 
ATOM   759  C  CZ  . TYR A 1 93  ? -8.240  3.713   2.647   1.00 33.08 ? 92  TYR A CZ  1 
ATOM   760  O  OH  . TYR A 1 93  ? -8.271  5.084   2.648   1.00 35.72 ? 92  TYR A OH  1 
ATOM   761  N  N   . GLN A 1 94  ? -11.172 -1.530  2.397   1.00 33.87 ? 93  GLN A N   1 
ATOM   762  C  CA  . GLN A 1 94  ? -12.551 -1.184  2.049   1.00 37.67 ? 93  GLN A CA  1 
ATOM   763  C  C   . GLN A 1 94  ? -13.487 -1.498  3.189   1.00 34.48 ? 93  GLN A C   1 
ATOM   764  O  O   . GLN A 1 94  ? -14.438 -0.757  3.463   1.00 37.32 ? 93  GLN A O   1 
ATOM   765  C  CB  . GLN A 1 94  ? -13.016 -1.928  0.812   1.00 39.73 ? 93  GLN A CB  1 
ATOM   766  C  CG  . GLN A 1 94  ? -12.395 -1.441  -0.456  1.00 43.17 ? 93  GLN A CG  1 
ATOM   767  C  CD  . GLN A 1 94  ? -12.890 -2.241  -1.629  1.00 45.52 ? 93  GLN A CD  1 
ATOM   768  O  OE1 . GLN A 1 94  ? -12.195 -3.135  -2.141  1.00 60.54 ? 93  GLN A OE1 1 
ATOM   769  N  NE2 . GLN A 1 94  ? -14.117 -1.971  -2.030  1.00 43.21 ? 93  GLN A NE2 1 
ATOM   770  N  N   . ASP A 1 95  ? -13.233 -2.597  3.887   1.00 34.02 ? 94  ASP A N   1 
ATOM   771  C  CA  . ASP A 1 95  ? -14.104 -2.948  4.991   1.00 36.10 ? 94  ASP A CA  1 
ATOM   772  C  C   . ASP A 1 95  ? -13.989 -1.955  6.149   1.00 34.49 ? 94  ASP A C   1 
ATOM   773  O  O   . ASP A 1 95  ? -14.986 -1.598  6.765   1.00 33.44 ? 94  ASP A O   1 
ATOM   774  C  CB  . ASP A 1 95  ? -13.736 -4.333  5.493   1.00 38.78 ? 94  ASP A CB  1 
ATOM   775  C  CG  . ASP A 1 95  ? -14.011 -5.435  4.462   1.00 47.40 ? 94  ASP A CG  1 
ATOM   776  O  OD1 . ASP A 1 95  ? -14.660 -5.162  3.405   1.00 53.69 ? 94  ASP A OD1 1 
ATOM   777  O  OD2 . ASP A 1 95  ? -13.578 -6.590  4.731   1.00 53.98 ? 94  ASP A OD2 1 
ATOM   778  N  N   . ARG A 1 96  ? -12.764 -1.519  6.446   1.00 33.75 ? 95  ARG A N   1 
ATOM   779  C  CA  . ARG A 1 96  ? -12.539 -0.508  7.491   1.00 36.77 ? 95  ARG A CA  1 
ATOM   780  C  C   . ARG A 1 96  ? -13.106 0.863   7.057   1.00 39.74 ? 95  ARG A C   1 
ATOM   781  O  O   . ARG A 1 96  ? -13.618 1.665   7.867   1.00 40.99 ? 95  ARG A O   1 
ATOM   782  C  CB  . ARG A 1 96  ? -11.054 -0.410  7.850   1.00 39.35 ? 95  ARG A CB  1 
ATOM   783  C  CG  . ARG A 1 96  ? -10.456 -1.683  8.501   1.00 39.93 ? 95  ARG A CG  1 
ATOM   784  C  CD  . ARG A 1 96  ? -11.505 -2.539  9.166   1.00 53.30 ? 95  ARG A CD  1 
ATOM   785  N  NE  . ARG A 1 96  ? -11.005 -3.804  9.701   1.00 58.46 ? 95  ARG A NE  1 
ATOM   786  C  CZ  . ARG A 1 96  ? -10.714 -4.904  8.999   1.00 60.80 ? 95  ARG A CZ  1 
ATOM   787  N  NH1 . ARG A 1 96  ? -10.794 -4.943  7.678   1.00 58.82 ? 95  ARG A NH1 1 
ATOM   788  N  NH2 . ARG A 1 96  ? -10.312 -5.990  9.653   1.00 72.00 ? 95  ARG A NH2 1 
ATOM   789  N  N   . LEU A 1 97  ? -13.017 1.103   5.769   1.00 40.06 ? 96  LEU A N   1 
ATOM   790  C  CA  . LEU A 1 97  ? -13.454 2.367   5.202   1.00 41.18 ? 96  LEU A CA  1 
ATOM   791  C  C   . LEU A 1 97  ? -14.903 2.587   5.512   1.00 37.54 ? 96  LEU A C   1 
ATOM   792  O  O   . LEU A 1 97  ? -15.285 3.662   5.910   1.00 41.25 ? 96  LEU A O   1 
ATOM   793  C  CB  . LEU A 1 97  ? -13.204 2.390   3.700   1.00 41.06 ? 96  LEU A CB  1 
ATOM   794  C  CG  . LEU A 1 97  ? -13.627 3.630   2.888   1.00 40.83 ? 96  LEU A CG  1 
ATOM   795  C  CD1 . LEU A 1 97  ? -12.957 4.891   3.454   1.00 37.37 ? 96  LEU A CD1 1 
ATOM   796  C  CD2 . LEU A 1 97  ? -13.307 3.451   1.416   1.00 38.70 ? 96  LEU A CD2 1 
HETATM 797  N  N   . MSE A 1 98  ? -15.692 1.535   5.386   1.00 40.92 ? 97  MSE A N   1 
HETATM 798  C  CA  . MSE A 1 98  ? -17.125 1.640   5.523   1.00 43.66 ? 97  MSE A CA  1 
HETATM 799  C  C   . MSE A 1 98  ? -17.604 1.466   6.956   1.00 44.49 ? 97  MSE A C   1 
HETATM 800  O  O   . MSE A 1 98  ? -18.607 2.028   7.336   1.00 45.46 ? 97  MSE A O   1 
HETATM 801  C  CB  . MSE A 1 98  ? -17.784 0.620   4.611   1.00 46.03 ? 97  MSE A CB  1 
HETATM 802  C  CG  . MSE A 1 98  ? -17.330 0.775   3.168   1.00 48.94 ? 97  MSE A CG  1 
HETATM 803  SE SE  . MSE A 1 98  ? -17.762 2.557   2.376   0.70 59.58 ? 97  MSE A SE  1 
HETATM 804  C  CE  . MSE A 1 98  ? -16.658 2.458   0.653   1.00 49.81 ? 97  MSE A CE  1 
ATOM   805  N  N   . ALA A 1 99  ? -16.860 0.737   7.765   1.00 47.94 ? 98  ALA A N   1 
ATOM   806  C  CA  . ALA A 1 99  ? -17.241 0.474   9.148   1.00 53.19 ? 98  ALA A CA  1 
ATOM   807  C  C   . ALA A 1 99  ? -16.544 1.424   10.143  1.00 56.87 ? 98  ALA A C   1 
ATOM   808  O  O   . ALA A 1 99  ? -15.331 1.654   10.065  1.00 56.13 ? 98  ALA A O   1 
ATOM   809  C  CB  . ALA A 1 99  ? -16.880 -0.934  9.468   1.00 54.01 ? 98  ALA A CB  1 
ATOM   810  N  N   . ASP A 1 100 ? -17.303 1.967   11.091  1.00 60.75 ? 99  ASP A N   1 
ATOM   811  C  CA  . ASP A 1 100 ? -16.703 2.739   12.200  1.00 63.60 ? 99  ASP A CA  1 
ATOM   812  C  C   . ASP A 1 100 ? -15.734 1.838   12.977  1.00 64.14 ? 99  ASP A C   1 
ATOM   813  O  O   . ASP A 1 100 ? -16.188 0.976   13.758  1.00 67.62 ? 99  ASP A O   1 
ATOM   814  C  CB  . ASP A 1 100 ? -17.787 3.291   13.165  1.00 64.57 ? 99  ASP A CB  1 
ATOM   815  C  CG  . ASP A 1 100 ? -17.197 3.855   14.468  1.00 61.66 ? 99  ASP A CG  1 
ATOM   816  N  N   . PHE A 1 101 ? -14.423 2.009   12.763  1.00 60.96 ? 100 PHE A N   1 
ATOM   817  C  CA  . PHE A 1 101 ? -13.448 1.334   13.623  1.00 59.99 ? 100 PHE A CA  1 
ATOM   818  C  C   . PHE A 1 101 ? -12.855 2.284   14.693  1.00 56.95 ? 100 PHE A C   1 
ATOM   819  O  O   . PHE A 1 101 ? -13.015 3.495   14.612  1.00 57.47 ? 100 PHE A O   1 
ATOM   820  C  CB  . PHE A 1 101 ? -12.399 0.564   12.802  1.00 60.27 ? 100 PHE A CB  1 
ATOM   821  C  CG  . PHE A 1 101 ? -11.411 1.420   12.073  1.00 62.27 ? 100 PHE A CG  1 
ATOM   822  C  CD1 . PHE A 1 101 ? -11.686 1.891   10.799  1.00 61.70 ? 100 PHE A CD1 1 
ATOM   823  C  CD2 . PHE A 1 101 ? -10.181 1.710   12.639  1.00 60.84 ? 100 PHE A CD2 1 
ATOM   824  C  CE1 . PHE A 1 101 ? -10.746 2.660   10.111  1.00 63.85 ? 100 PHE A CE1 1 
ATOM   825  C  CE2 . PHE A 1 101 ? -9.250  2.478   11.967  1.00 65.67 ? 100 PHE A CE2 1 
ATOM   826  C  CZ  . PHE A 1 101 ? -9.535  2.958   10.699  1.00 63.41 ? 100 PHE A CZ  1 
ATOM   827  N  N   . SER A 1 102 ? -12.244 1.714   15.725  1.00 55.63 ? 101 SER A N   1 
ATOM   828  C  CA  . SER A 1 102 ? -11.634 2.504   16.795  1.00 55.27 ? 101 SER A CA  1 
ATOM   829  C  C   . SER A 1 102 ? -10.123 2.538   16.582  1.00 52.95 ? 101 SER A C   1 
ATOM   830  O  O   . SER A 1 102 ? -9.494  1.503   16.369  1.00 53.51 ? 101 SER A O   1 
ATOM   831  C  CB  . SER A 1 102 ? -11.953 1.922   18.189  1.00 53.73 ? 101 SER A CB  1 
ATOM   832  N  N   . THR A 1 103 ? -9.547  3.730   16.644  1.00 52.34 ? 102 THR A N   1 
ATOM   833  C  CA  . THR A 1 103 ? -8.089  3.873   16.592  1.00 50.83 ? 102 THR A CA  1 
ATOM   834  C  C   . THR A 1 103 ? -7.552  4.001   18.001  1.00 47.78 ? 102 THR A C   1 
ATOM   835  O  O   . THR A 1 103 ? -8.267  4.355   18.939  1.00 50.35 ? 102 THR A O   1 
ATOM   836  C  CB  . THR A 1 103 ? -7.617  5.091   15.745  1.00 52.28 ? 102 THR A CB  1 
ATOM   837  O  OG1 . THR A 1 103 ? -8.212  6.302   16.233  1.00 55.75 ? 102 THR A OG1 1 
ATOM   838  C  CG2 . THR A 1 103 ? -7.989  4.903   14.292  1.00 53.55 ? 102 THR A CG2 1 
ATOM   839  N  N   . GLU A 1 104 ? -6.287  3.667   18.131  1.00 45.77 ? 103 GLU A N   1 
ATOM   840  C  CA  . GLU A 1 104 ? -5.551  3.773   19.366  1.00 46.97 ? 103 GLU A CA  1 
ATOM   841  C  C   . GLU A 1 104 ? -4.198  4.417   19.054  1.00 45.75 ? 103 GLU A C   1 
ATOM   842  O  O   . GLU A 1 104 ? -3.717  4.396   17.908  1.00 43.87 ? 103 GLU A O   1 
ATOM   843  C  CB  . GLU A 1 104 ? -5.339  2.381   19.958  1.00 45.57 ? 103 GLU A CB  1 
ATOM   844  C  CG  . GLU A 1 104 ? -6.642  1.581   20.170  1.00 56.67 ? 103 GLU A CG  1 
ATOM   845  N  N   . THR A 1 105 ? -3.571  4.982   20.075  1.00 47.54 ? 104 THR A N   1 
ATOM   846  C  CA  . THR A 1 105 ? -2.215  5.517   19.912  1.00 48.84 ? 104 THR A CA  1 
ATOM   847  C  C   . THR A 1 105 ? -1.303  4.372   19.506  1.00 49.42 ? 104 THR A C   1 
ATOM   848  O  O   . THR A 1 105 ? -1.381  3.282   20.077  1.00 47.88 ? 104 THR A O   1 
ATOM   849  C  CB  . THR A 1 105 ? -1.733  6.166   21.215  1.00 50.24 ? 104 THR A CB  1 
ATOM   850  O  OG1 . THR A 1 105 ? -2.613  7.263   21.537  1.00 50.58 ? 104 THR A OG1 1 
ATOM   851  C  CG2 . THR A 1 105 ? -0.272  6.628   21.103  1.00 45.01 ? 104 THR A CG2 1 
ATOM   852  N  N   . THR A 1 106 ? -0.457  4.596   18.508  1.00 50.76 ? 105 THR A N   1 
ATOM   853  C  CA  . THR A 1 106 ? 0.392   3.528   18.001  1.00 52.42 ? 105 THR A CA  1 
ATOM   854  C  C   . THR A 1 106 ? 1.432   3.142   19.066  1.00 54.09 ? 105 THR A C   1 
ATOM   855  O  O   . THR A 1 106 ? 1.590   3.822   20.108  1.00 49.72 ? 105 THR A O   1 
ATOM   856  C  CB  . THR A 1 106 ? 1.090   3.877   16.648  1.00 54.52 ? 105 THR A CB  1 
ATOM   857  O  OG1 . THR A 1 106 ? 2.246   4.717   16.860  1.00 59.30 ? 105 THR A OG1 1 
ATOM   858  C  CG2 . THR A 1 106 ? 0.120   4.541   15.699  1.00 44.65 ? 105 THR A CG2 1 
ATOM   859  N  N   . TYR A 1 107 ? 2.132   2.050   18.805  1.00 58.65 ? 106 TYR A N   1 
ATOM   860  C  CA  . TYR A 1 107 ? 3.068   1.520   19.813  1.00 63.25 ? 106 TYR A CA  1 
ATOM   861  C  C   . TYR A 1 107 ? 4.305   2.427   19.941  1.00 66.48 ? 106 TYR A C   1 
ATOM   862  O  O   . TYR A 1 107 ? 4.852   2.614   21.039  1.00 67.42 ? 106 TYR A O   1 
ATOM   863  C  CB  . TYR A 1 107 ? 3.440   0.058   19.525  1.00 64.46 ? 106 TYR A CB  1 
ATOM   864  C  CG  . TYR A 1 107 ? 4.198   -0.169  18.248  1.00 62.80 ? 106 TYR A CG  1 
ATOM   865  C  CD1 . TYR A 1 107 ? 3.531   -0.377  17.037  1.00 65.12 ? 106 TYR A CD1 1 
ATOM   866  C  CD2 . TYR A 1 107 ? 5.580   -0.199  18.249  1.00 66.21 ? 106 TYR A CD2 1 
ATOM   867  C  CE1 . TYR A 1 107 ? 4.222   -0.591  15.856  1.00 63.07 ? 106 TYR A CE1 1 
ATOM   868  C  CE2 . TYR A 1 107 ? 6.275   -0.418  17.088  1.00 67.09 ? 106 TYR A CE2 1 
ATOM   869  C  CZ  . TYR A 1 107 ? 5.598   -0.616  15.894  1.00 66.45 ? 106 TYR A CZ  1 
ATOM   870  O  OH  . TYR A 1 107 ? 6.301   -0.842  14.738  1.00 68.92 ? 106 TYR A OH  1 
ATOM   871  N  N   . TRP A 1 108 ? 4.714   3.012   18.819  1.00 68.68 ? 107 TRP A N   1 
ATOM   872  C  CA  . TRP A 1 108 ? 5.726   4.066   18.834  1.00 69.80 ? 107 TRP A CA  1 
ATOM   873  C  C   . TRP A 1 108 ? 5.125   5.480   19.098  1.00 70.04 ? 107 TRP A C   1 
ATOM   874  O  O   . TRP A 1 108 ? 5.873   6.452   19.198  1.00 71.45 ? 107 TRP A O   1 
ATOM   875  C  CB  . TRP A 1 108 ? 6.549   4.024   17.537  1.00 71.89 ? 107 TRP A CB  1 
ATOM   876  C  CG  . TRP A 1 108 ? 5.914   4.712   16.392  1.00 75.06 ? 107 TRP A CG  1 
ATOM   877  C  CD1 . TRP A 1 108 ? 5.888   6.056   16.159  1.00 75.69 ? 107 TRP A CD1 1 
ATOM   878  C  CD2 . TRP A 1 108 ? 5.214   4.101   15.309  1.00 77.13 ? 107 TRP A CD2 1 
ATOM   879  N  NE1 . TRP A 1 108 ? 5.220   6.317   15.000  1.00 73.88 ? 107 TRP A NE1 1 
ATOM   880  C  CE2 . TRP A 1 108 ? 4.797   5.136   14.449  1.00 74.27 ? 107 TRP A CE2 1 
ATOM   881  C  CE3 . TRP A 1 108 ? 4.899   2.781   14.982  1.00 76.69 ? 107 TRP A CE3 1 
ATOM   882  C  CZ2 . TRP A 1 108 ? 4.075   4.896   13.270  1.00 75.01 ? 107 TRP A CZ2 1 
ATOM   883  C  CZ3 . TRP A 1 108 ? 4.179   2.539   13.821  1.00 76.46 ? 107 TRP A CZ3 1 
ATOM   884  C  CH2 . TRP A 1 108 ? 3.770   3.601   12.975  1.00 76.98 ? 107 TRP A CH2 1 
ATOM   885  N  N   . GLY A 1 109 ? 3.790   5.592   19.185  1.00 67.52 ? 108 GLY A N   1 
ATOM   886  C  CA  . GLY A 1 109 ? 3.130   6.747   19.825  1.00 63.50 ? 108 GLY A CA  1 
ATOM   887  C  C   . GLY A 1 109 ? 2.445   7.783   18.923  1.00 61.88 ? 108 GLY A C   1 
ATOM   888  O  O   . GLY A 1 109 ? 2.114   8.883   19.396  1.00 62.65 ? 108 GLY A O   1 
ATOM   889  N  N   . VAL A 1 110 ? 2.193   7.463   17.654  1.00 55.97 ? 109 VAL A N   1 
ATOM   890  C  CA  . VAL A 1 110 ? 1.436   8.415   16.802  1.00 55.25 ? 109 VAL A CA  1 
ATOM   891  C  C   . VAL A 1 110 ? -0.043  8.256   17.068  1.00 48.99 ? 109 VAL A C   1 
ATOM   892  O  O   . VAL A 1 110 ? -0.532  7.118   17.188  1.00 47.06 ? 109 VAL A O   1 
ATOM   893  C  CB  . VAL A 1 110 ? 1.698   8.257   15.341  1.00 54.69 ? 109 VAL A CB  1 
ATOM   894  C  CG1 . VAL A 1 110 ? 0.694   9.104   14.533  1.00 55.98 ? 109 VAL A CG1 1 
ATOM   895  C  CG2 . VAL A 1 110 ? 3.099   8.700   15.037  1.00 61.93 ? 109 VAL A CG2 1 
ATOM   896  N  N   . THR A 1 111 ? -0.712  9.398   17.255  1.00 43.91 ? 110 THR A N   1 
ATOM   897  C  CA  . THR A 1 111 ? -2.154  9.451   17.467  1.00 42.07 ? 110 THR A CA  1 
ATOM   898  C  C   . THR A 1 111 ? -2.835  10.149  16.274  1.00 40.08 ? 110 THR A C   1 
ATOM   899  O  O   . THR A 1 111 ? -2.330  11.148  15.778  1.00 40.36 ? 110 THR A O   1 
ATOM   900  C  CB  . THR A 1 111 ? -2.487  10.203  18.760  1.00 43.88 ? 110 THR A CB  1 
ATOM   901  O  OG1 . THR A 1 111 ? -1.671  9.686   19.840  1.00 54.66 ? 110 THR A OG1 1 
ATOM   902  C  CG2 . THR A 1 111 ? -3.956  10.030  19.106  1.00 42.57 ? 110 THR A CG2 1 
ATOM   903  N  N   . ASP A 1 112 ? -3.946  9.597   15.792  1.00 38.70 ? 111 ASP A N   1 
ATOM   904  C  CA  . ASP A 1 112 ? -4.724  10.215  14.688  1.00 35.78 ? 111 ASP A CA  1 
ATOM   905  C  C   . ASP A 1 112 ? -6.107  9.619   14.753  1.00 36.83 ? 111 ASP A C   1 
ATOM   906  O  O   . ASP A 1 112 ? -6.313  8.561   15.363  1.00 38.42 ? 111 ASP A O   1 
ATOM   907  C  CB  . ASP A 1 112 ? -4.051  9.952   13.327  1.00 32.76 ? 111 ASP A CB  1 
ATOM   908  C  CG  . ASP A 1 112 ? -4.503  10.924  12.200  1.00 38.47 ? 111 ASP A CG  1 
ATOM   909  O  OD1 . ASP A 1 112 ? -5.439  11.757  12.424  1.00 41.63 ? 111 ASP A OD1 1 
ATOM   910  O  OD2 . ASP A 1 112 ? -3.862  10.802  11.111  1.00 39.34 ? 111 ASP A OD2 1 
ATOM   911  N  N   . SER A 1 113 ? -7.066  10.333  14.168  1.00 36.91 ? 112 SER A N   1 
ATOM   912  C  CA  . SER A 1 113 ? -8.441  9.871   14.051  1.00 33.84 ? 112 SER A CA  1 
ATOM   913  C  C   . SER A 1 113 ? -8.566  8.726   13.059  1.00 36.48 ? 112 SER A C   1 
ATOM   914  O  O   . SER A 1 113 ? -7.639  8.460   12.314  1.00 35.36 ? 112 SER A O   1 
ATOM   915  C  CB  . SER A 1 113 ? -9.317  11.017  13.582  1.00 37.53 ? 112 SER A CB  1 
ATOM   916  O  OG  . SER A 1 113 ? -8.974  11.415  12.278  1.00 36.11 ? 112 SER A OG  1 
ATOM   917  N  N   . THR A 1 114 ? -9.701  8.029   13.072  1.00 37.50 ? 113 THR A N   1 
ATOM   918  C  CA  A THR A 1 114 ? -10.024 7.011   12.059  0.50 36.96 ? 113 THR A CA  1 
ATOM   919  C  CA  B THR A 1 114 ? -9.906  6.998   12.047  0.50 35.94 ? 113 THR A CA  1 
ATOM   920  C  C   . THR A 1 114 ? -9.918  7.610   10.652  1.00 35.51 ? 113 THR A C   1 
ATOM   921  O  O   . THR A 1 114 ? -9.324  7.034   9.731   1.00 35.60 ? 113 THR A O   1 
ATOM   922  C  CB  A THR A 1 114 ? -11.470 6.448   12.293  0.50 40.13 ? 113 THR A CB  1 
ATOM   923  C  CB  B THR A 1 114 ? -11.165 6.170   12.273  0.50 38.39 ? 113 THR A CB  1 
ATOM   924  O  OG1 A THR A 1 114 ? -11.624 6.028   13.657  0.50 43.35 ? 113 THR A OG1 1 
ATOM   925  O  OG1 B THR A 1 114 ? -12.305 7.037   12.248  0.50 37.54 ? 113 THR A OG1 1 
ATOM   926  C  CG2 A THR A 1 114 ? -11.764 5.271   11.391  0.50 39.10 ? 113 THR A CG2 1 
ATOM   927  C  CG2 B THR A 1 114 ? -11.067 5.428   13.596  0.50 38.22 ? 113 THR A CG2 1 
ATOM   928  N  N   . THR A 1 115 ? -10.497 8.795   10.491  1.00 33.89 ? 114 THR A N   1 
ATOM   929  C  CA  . THR A 1 115 ? -10.470 9.454   9.170   1.00 33.92 ? 114 THR A CA  1 
ATOM   930  C  C   . THR A 1 115 ? -9.048  9.841   8.757   1.00 34.70 ? 114 THR A C   1 
ATOM   931  O  O   . THR A 1 115 ? -8.637  9.672   7.605   1.00 35.07 ? 114 THR A O   1 
ATOM   932  C  CB  . THR A 1 115 ? -11.415 10.683  9.162   1.00 38.78 ? 114 THR A CB  1 
ATOM   933  O  OG1 . THR A 1 115 ? -12.691 10.237  9.634   1.00 41.31 ? 114 THR A OG1 1 
ATOM   934  C  CG2 . THR A 1 115 ? -11.573 11.143  7.879   1.00 39.85 ? 114 THR A CG2 1 
ATOM   935  N  N   . GLY A 1 116 ? -8.260  10.339  9.702   1.00 35.28 ? 115 GLY A N   1 
ATOM   936  C  CA  . GLY A 1 116 ? -6.854  10.602  9.442   1.00 32.28 ? 115 GLY A CA  1 
ATOM   937  C  C   . GLY A 1 116 ? -6.026  9.388   9.074   1.00 33.48 ? 115 GLY A C   1 
ATOM   938  O  O   . GLY A 1 116 ? -5.257  9.444   8.129   1.00 33.17 ? 115 GLY A O   1 
ATOM   939  N  N   . TRP A 1 117 ? -6.222  8.272   9.744   1.00 30.75 ? 116 TRP A N   1 
ATOM   940  C  CA  . TRP A 1 117 ? -5.526  7.049   9.376   1.00 32.56 ? 116 TRP A CA  1 
ATOM   941  C  C   . TRP A 1 117 ? -5.903  6.513   8.002   1.00 30.91 ? 116 TRP A C   1 
ATOM   942  O  O   . TRP A 1 117 ? -5.060  6.033   7.260   1.00 32.06 ? 116 TRP A O   1 
ATOM   943  C  CB  . TRP A 1 117 ? -5.728  5.952   10.446  1.00 33.18 ? 116 TRP A CB  1 
ATOM   944  C  CG  . TRP A 1 117 ? -4.827  6.119   11.652  1.00 40.47 ? 116 TRP A CG  1 
ATOM   945  C  CD1 . TRP A 1 117 ? -5.199  6.441   12.936  1.00 39.25 ? 116 TRP A CD1 1 
ATOM   946  C  CD2 . TRP A 1 117 ? -3.393  5.975   11.670  1.00 35.30 ? 116 TRP A CD2 1 
ATOM   947  N  NE1 . TRP A 1 117 ? -4.073  6.508   13.743  1.00 36.98 ? 116 TRP A NE1 1 
ATOM   948  C  CE2 . TRP A 1 117 ? -2.962  6.239   12.992  1.00 37.68 ? 116 TRP A CE2 1 
ATOM   949  C  CE3 . TRP A 1 117 ? -2.445  5.662   10.696  1.00 39.24 ? 116 TRP A CE3 1 
ATOM   950  C  CZ2 . TRP A 1 117 ? -1.632  6.184   13.360  1.00 41.72 ? 116 TRP A CZ2 1 
ATOM   951  C  CZ3 . TRP A 1 117 ? -1.102  5.595   11.078  1.00 45.01 ? 116 TRP A CZ3 1 
ATOM   952  C  CH2 . TRP A 1 117 ? -0.731  5.847   12.411  1.00 38.37 ? 116 TRP A CH2 1 
ATOM   953  N  N   . LEU A 1 118 ? -7.179  6.564   7.669   1.00 34.68 ? 117 LEU A N   1 
ATOM   954  C  CA  . LEU A 1 118 ? -7.612  6.200   6.340   1.00 32.09 ? 117 LEU A CA  1 
ATOM   955  C  C   . LEU A 1 118 ? -6.984  7.085   5.257   1.00 34.96 ? 117 LEU A C   1 
ATOM   956  O  O   . LEU A 1 118 ? -6.565  6.592   4.205   1.00 35.19 ? 117 LEU A O   1 
ATOM   957  C  CB  . LEU A 1 118 ? -9.119  6.227   6.287   1.00 32.39 ? 117 LEU A CB  1 
ATOM   958  C  CG  . LEU A 1 118 ? -9.885  5.131   7.015   1.00 33.43 ? 117 LEU A CG  1 
ATOM   959  C  CD1 . LEU A 1 118 ? -11.389 5.432   7.252   1.00 36.90 ? 117 LEU A CD1 1 
ATOM   960  C  CD2 . LEU A 1 118 ? -9.652  3.741   6.408   1.00 32.69 ? 117 LEU A CD2 1 
ATOM   961  N  N   . LEU A 1 119 ? -6.872  8.378   5.533   1.00 33.57 ? 118 LEU A N   1 
ATOM   962  C  CA  . LEU A 1 119 ? -6.148  9.253   4.600   1.00 34.91 ? 118 LEU A CA  1 
ATOM   963  C  C   . LEU A 1 119 ? -4.634  8.953   4.596   1.00 36.95 ? 118 LEU A C   1 
ATOM   964  O  O   . LEU A 1 119 ? -3.995  8.969   3.514   1.00 34.00 ? 118 LEU A O   1 
ATOM   965  C  CB  . LEU A 1 119 ? -6.399  10.733  4.904   1.00 33.01 ? 118 LEU A CB  1 
ATOM   966  C  CG  . LEU A 1 119 ? -5.611  11.788  4.100   1.00 33.22 ? 118 LEU A CG  1 
ATOM   967  C  CD1 . LEU A 1 119 ? -5.821  11.616  2.589   1.00 36.76 ? 118 LEU A CD1 1 
ATOM   968  C  CD2 . LEU A 1 119 ? -6.041  13.186  4.591   1.00 35.22 ? 118 LEU A CD2 1 
ATOM   969  N  N   . GLU A 1 120 ? -4.029  8.661   5.758   1.00 33.10 ? 119 GLU A N   1 
ATOM   970  C  CA  . GLU A 1 120 ? -2.603  8.382   5.825   1.00 33.92 ? 119 GLU A CA  1 
ATOM   971  C  C   . GLU A 1 120 ? -2.252  7.193   4.960   1.00 35.75 ? 119 GLU A C   1 
ATOM   972  O  O   . GLU A 1 120 ? -1.245  7.220   4.266   1.00 33.61 ? 119 GLU A O   1 
ATOM   973  C  CB  . GLU A 1 120 ? -2.173  8.136   7.272   1.00 37.08 ? 119 GLU A CB  1 
ATOM   974  C  CG  . GLU A 1 120 ? -0.658  7.978   7.527   1.00 36.76 ? 119 GLU A CG  1 
ATOM   975  C  CD  . GLU A 1 120 ? -0.085  6.632   7.047   1.00 44.10 ? 119 GLU A CD  1 
ATOM   976  O  OE1 . GLU A 1 120 ? -0.837  5.638   7.053   1.00 44.28 ? 119 GLU A OE1 1 
ATOM   977  O  OE2 . GLU A 1 120 ? 1.110   6.537   6.677   1.00 47.05 ? 119 GLU A OE2 1 
ATOM   978  N  N   . ALA A 1 121 ? -3.104  6.180   4.929   1.00 33.20 ? 120 ALA A N   1 
ATOM   979  C  CA  . ALA A 1 121 ? -2.755  4.960   4.225   1.00 34.23 ? 120 ALA A CA  1 
ATOM   980  C  C   . ALA A 1 121 ? -2.864  5.310   2.737   1.00 36.03 ? 120 ALA A C   1 
ATOM   981  O  O   . ALA A 1 121 ? -2.079  4.815   1.943   1.00 32.49 ? 120 ALA A O   1 
ATOM   982  C  CB  . ALA A 1 121 ? -3.709  3.844   4.594   1.00 33.33 ? 120 ALA A CB  1 
ATOM   983  N  N   . ALA A 1 122 ? -3.845  6.129   2.361   1.00 34.98 ? 121 ALA A N   1 
ATOM   984  C  CA  . ALA A 1 122 ? -4.002  6.583   0.968   1.00 34.71 ? 121 ALA A CA  1 
ATOM   985  C  C   . ALA A 1 122 ? -2.729  7.303   0.411   1.00 33.27 ? 121 ALA A C   1 
ATOM   986  O  O   . ALA A 1 122 ? -2.173  6.941   -0.637  1.00 35.78 ? 121 ALA A O   1 
ATOM   987  C  CB  . ALA A 1 122 ? -5.271  7.480   0.799   1.00 36.57 ? 121 ALA A CB  1 
ATOM   988  N  N   . VAL A 1 123 ? -2.273  8.323   1.116   1.00 32.49 ? 122 VAL A N   1 
ATOM   989  C  CA  . VAL A 1 123 ? -1.101  9.062   0.682   1.00 33.88 ? 122 VAL A CA  1 
ATOM   990  C  C   . VAL A 1 123 ? 0.161   8.228   0.771   1.00 33.73 ? 122 VAL A C   1 
ATOM   991  O  O   . VAL A 1 123 ? 1.058   8.407   -0.029  1.00 33.80 ? 122 VAL A O   1 
ATOM   992  C  CB  . VAL A 1 123 ? -0.929  10.443  1.429   1.00 36.37 ? 122 VAL A CB  1 
ATOM   993  C  CG1 . VAL A 1 123 ? -2.141  11.331  1.147   1.00 34.99 ? 122 VAL A CG1 1 
ATOM   994  C  CG2 . VAL A 1 123 ? -0.714  10.295  2.935   1.00 32.77 ? 122 VAL A CG2 1 
ATOM   995  N  N   . HIS A 1 124 ? 0.244   7.302   1.730   1.00 32.74 ? 123 HIS A N   1 
ATOM   996  C  CA  . HIS A 1 124 ? 1.357   6.346   1.762   1.00 33.46 ? 123 HIS A CA  1 
ATOM   997  C  C   . HIS A 1 124 ? 1.396   5.424   0.522   1.00 30.95 ? 123 HIS A C   1 
ATOM   998  O  O   . HIS A 1 124 ? 2.444   5.231   -0.116  1.00 32.48 ? 123 HIS A O   1 
ATOM   999  C  CB  . HIS A 1 124 ? 1.248   5.564   3.093   1.00 32.47 ? 123 HIS A CB  1 
ATOM   1000 C  CG  . HIS A 1 124 ? 2.415   4.725   3.398   1.00 32.80 ? 123 HIS A CG  1 
ATOM   1001 N  ND1 . HIS A 1 124 ? 2.371   3.737   4.344   1.00 32.62 ? 123 HIS A ND1 1 
ATOM   1002 C  CD2 . HIS A 1 124 ? 3.659   4.712   2.882   1.00 31.93 ? 123 HIS A CD2 1 
ATOM   1003 C  CE1 . HIS A 1 124 ? 3.543   3.149   4.403   1.00 35.88 ? 123 HIS A CE1 1 
ATOM   1004 N  NE2 . HIS A 1 124 ? 4.332   3.741   3.534   1.00 24.97 ? 123 HIS A NE2 1 
ATOM   1005 N  N   . LEU A 1 125 ? 0.228   5.002   0.075   1.00 31.50 ? 124 LEU A N   1 
ATOM   1006 C  CA  . LEU A 1 125 ? 0.098   4.248   -1.156  1.00 33.25 ? 124 LEU A CA  1 
ATOM   1007 C  C   . LEU A 1 125 ? 0.600   5.017   -2.405  1.00 31.12 ? 124 LEU A C   1 
ATOM   1008 O  O   . LEU A 1 125 ? 1.427   4.486   -3.195  1.00 32.56 ? 124 LEU A O   1 
ATOM   1009 C  CB  . LEU A 1 125 ? -1.351  3.759   -1.374  1.00 32.77 ? 124 LEU A CB  1 
ATOM   1010 C  CG  . LEU A 1 125 ? -1.549  2.836   -2.585  1.00 33.84 ? 124 LEU A CG  1 
ATOM   1011 C  CD1 . LEU A 1 125 ? -1.053  1.427   -2.294  1.00 39.47 ? 124 LEU A CD1 1 
ATOM   1012 C  CD2 . LEU A 1 125 ? -3.064  2.842   -2.994  1.00 36.64 ? 124 LEU A CD2 1 
ATOM   1013 N  N   . TYR A 1 126 ? 0.194   6.250   -2.545  1.00 31.35 ? 125 TYR A N   1 
ATOM   1014 C  CA  . TYR A 1 126 ? 0.604   7.104   -3.666  1.00 32.70 ? 125 TYR A CA  1 
ATOM   1015 C  C   . TYR A 1 126 ? 2.077   7.437   -3.572  1.00 34.10 ? 125 TYR A C   1 
ATOM   1016 O  O   . TYR A 1 126 ? 2.741   7.480   -4.586  1.00 34.01 ? 125 TYR A O   1 
ATOM   1017 C  CB  . TYR A 1 126 ? -0.289  8.367   -3.742  1.00 33.34 ? 125 TYR A CB  1 
ATOM   1018 C  CG  . TYR A 1 126 ? -1.571  8.119   -4.541  1.00 30.42 ? 125 TYR A CG  1 
ATOM   1019 C  CD1 . TYR A 1 126 ? -2.694  7.537   -3.920  1.00 32.28 ? 125 TYR A CD1 1 
ATOM   1020 C  CD2 . TYR A 1 126 ? -1.680  8.517   -5.850  1.00 36.53 ? 125 TYR A CD2 1 
ATOM   1021 C  CE1 . TYR A 1 126 ? -3.852  7.256   -4.607  1.00 30.55 ? 125 TYR A CE1 1 
ATOM   1022 C  CE2 . TYR A 1 126 ? -2.843  8.286   -6.559  1.00 35.73 ? 125 TYR A CE2 1 
ATOM   1023 C  CZ  . TYR A 1 126 ? -3.947  7.708   -5.923  1.00 36.35 ? 125 TYR A CZ  1 
ATOM   1024 O  OH  . TYR A 1 126 ? -5.090  7.491   -6.647  1.00 37.53 ? 125 TYR A OH  1 
ATOM   1025 N  N   . HIS A 1 127 ? 2.623   7.604   -2.369  1.00 34.38 ? 126 HIS A N   1 
ATOM   1026 C  CA  . HIS A 1 127 ? 4.086   7.768   -2.183  1.00 30.97 ? 126 HIS A CA  1 
ATOM   1027 C  C   . HIS A 1 127 ? 4.867   6.592   -2.817  1.00 31.19 ? 126 HIS A C   1 
ATOM   1028 O  O   . HIS A 1 127 ? 5.796   6.777   -3.587  1.00 32.08 ? 126 HIS A O   1 
ATOM   1029 C  CB  . HIS A 1 127 ? 4.397   7.908   -0.684  1.00 32.85 ? 126 HIS A CB  1 
ATOM   1030 C  CG  . HIS A 1 127 ? 5.865   7.906   -0.335  1.00 34.43 ? 126 HIS A CG  1 
ATOM   1031 N  ND1 . HIS A 1 127 ? 6.660   9.023   -0.471  1.00 40.13 ? 126 HIS A ND1 1 
ATOM   1032 C  CD2 . HIS A 1 127 ? 6.675   6.915   0.113   1.00 35.09 ? 126 HIS A CD2 1 
ATOM   1033 C  CE1 . HIS A 1 127 ? 7.898   8.731   -0.093  1.00 40.04 ? 126 HIS A CE1 1 
ATOM   1034 N  NE2 . HIS A 1 127 ? 7.943   7.455   0.256   1.00 37.24 ? 126 HIS A NE2 1 
ATOM   1035 N  N   . HIS A 1 128 ? 4.501   5.363   -2.460  1.00 30.75 ? 127 HIS A N   1 
ATOM   1036 C  CA  . HIS A 1 128 ? 5.232   4.249   -2.964  1.00 31.00 ? 127 HIS A CA  1 
ATOM   1037 C  C   . HIS A 1 128 ? 4.865   3.834   -4.367  1.00 32.97 ? 127 HIS A C   1 
ATOM   1038 O  O   . HIS A 1 128 ? 5.734   3.264   -5.046  1.00 33.99 ? 127 HIS A O   1 
ATOM   1039 C  CB  . HIS A 1 128 ? 5.185   3.047   -2.026  1.00 32.20 ? 127 HIS A CB  1 
ATOM   1040 C  CG  . HIS A 1 128 ? 5.877   3.270   -0.728  1.00 28.93 ? 127 HIS A CG  1 
ATOM   1041 N  ND1 . HIS A 1 128 ? 7.244   3.440   -0.633  1.00 31.32 ? 127 HIS A ND1 1 
ATOM   1042 C  CD2 . HIS A 1 128 ? 5.400   3.287   0.529   1.00 30.59 ? 127 HIS A CD2 1 
ATOM   1043 C  CE1 . HIS A 1 128 ? 7.561   3.551   0.654   1.00 33.03 ? 127 HIS A CE1 1 
ATOM   1044 N  NE2 . HIS A 1 128 ? 6.450   3.536   1.376   1.00 28.78 ? 127 HIS A NE2 1 
ATOM   1045 N  N   . ARG A 1 129 ? 3.646   4.097   -4.840  1.00 32.88 ? 128 ARG A N   1 
ATOM   1046 C  CA  . ARG A 1 129 ? 3.320   3.857   -6.246  1.00 32.89 ? 128 ARG A CA  1 
ATOM   1047 C  C   . ARG A 1 129 ? 4.270   4.705   -7.120  1.00 30.05 ? 128 ARG A C   1 
ATOM   1048 O  O   . ARG A 1 129 ? 4.822   4.255   -8.159  1.00 31.76 ? 128 ARG A O   1 
ATOM   1049 C  CB  . ARG A 1 129 ? 1.903   4.253   -6.543  1.00 33.52 ? 128 ARG A CB  1 
ATOM   1050 C  CG  . ARG A 1 129 ? 1.448   3.853   -7.956  1.00 35.84 ? 128 ARG A CG  1 
ATOM   1051 C  CD  . ARG A 1 129 ? 0.080   4.401   -8.346  1.00 37.57 ? 128 ARG A CD  1 
ATOM   1052 N  NE  . ARG A 1 129 ? 0.106   5.862   -8.472  1.00 36.02 ? 128 ARG A NE  1 
ATOM   1053 C  CZ  . ARG A 1 129 ? -0.771  6.566   -9.174  1.00 37.88 ? 128 ARG A CZ  1 
ATOM   1054 N  NH1 . ARG A 1 129 ? -1.781  5.976   -9.777  1.00 40.26 ? 128 ARG A NH1 1 
ATOM   1055 N  NH2 . ARG A 1 129 ? -0.659  7.883   -9.197  1.00 38.13 ? 128 ARG A NH2 1 
ATOM   1056 N  N   . SER A 1 130 ? 4.481   5.961   -6.706  1.00 32.40 ? 129 SER A N   1 
ATOM   1057 C  CA  . SER A 1 130 ? 5.420   6.862   -7.400  1.00 32.63 ? 129 SER A CA  1 
ATOM   1058 C  C   . SER A 1 130 ? 6.834   6.293   -7.417  1.00 33.48 ? 129 SER A C   1 
ATOM   1059 O  O   . SER A 1 130 ? 7.540   6.307   -8.484  1.00 32.13 ? 129 SER A O   1 
ATOM   1060 C  CB  . SER A 1 130 ? 5.427   8.239   -6.739  1.00 32.30 ? 129 SER A CB  1 
ATOM   1061 O  OG  . SER A 1 130 ? 6.133   9.179   -7.535  1.00 35.61 ? 129 SER A OG  1 
ATOM   1062 N  N   . GLN A 1 131 ? 7.283   5.792   -6.267  1.00 31.79 ? 130 GLN A N   1 
ATOM   1063 C  CA  . GLN A 1 131 ? 8.614   5.186   -6.177  1.00 31.72 ? 130 GLN A CA  1 
ATOM   1064 C  C   . GLN A 1 131 ? 8.748   4.050   -7.203  1.00 30.85 ? 130 GLN A C   1 
ATOM   1065 O  O   . GLN A 1 131 ? 9.771   3.975   -7.944  1.00 33.32 ? 130 GLN A O   1 
ATOM   1066 C  CB  . GLN A 1 131 ? 8.816   4.613   -4.800  1.00 33.54 ? 130 GLN A CB  1 
ATOM   1067 C  CG  . GLN A 1 131 ? 10.198  4.156   -4.514  1.00 38.54 ? 130 GLN A CG  1 
ATOM   1068 C  CD  . GLN A 1 131 ? 10.397  3.812   -3.050  1.00 40.83 ? 130 GLN A CD  1 
ATOM   1069 O  OE1 . GLN A 1 131 ? 9.469   3.897   -2.246  1.00 35.87 ? 130 GLN A OE1 1 
ATOM   1070 N  NE2 . GLN A 1 131 ? 11.647  3.442   -2.682  1.00 40.98 ? 130 GLN A NE2 1 
ATOM   1071 N  N   . LEU A 1 132 ? 7.744   3.168   -7.234  1.00 30.88 ? 131 LEU A N   1 
ATOM   1072 C  CA  . LEU A 1 132 ? 7.778   2.001   -8.136  1.00 32.21 ? 131 LEU A CA  1 
ATOM   1073 C  C   . LEU A 1 132 ? 7.808   2.494   -9.552  1.00 35.22 ? 131 LEU A C   1 
ATOM   1074 O  O   . LEU A 1 132 ? 8.595   1.986   -10.381 1.00 33.16 ? 131 LEU A O   1 
ATOM   1075 C  CB  . LEU A 1 132 ? 6.594   1.033   -7.908  1.00 31.52 ? 131 LEU A CB  1 
ATOM   1076 C  CG  . LEU A 1 132 ? 6.583   -0.200  -8.834  1.00 31.05 ? 131 LEU A CG  1 
ATOM   1077 C  CD1 . LEU A 1 132 ? 7.926   -1.048  -8.731  1.00 37.50 ? 131 LEU A CD1 1 
ATOM   1078 C  CD2 . LEU A 1 132 ? 5.276   -1.000  -8.559  1.00 36.49 ? 131 LEU A CD2 1 
ATOM   1079 N  N   . LEU A 1 133 ? 7.008   3.510   -9.847  1.00 31.22 ? 132 LEU A N   1 
ATOM   1080 C  CA  . LEU A 1 133 ? 6.997   4.054   -11.199 1.00 35.58 ? 132 LEU A CA  1 
ATOM   1081 C  C   . LEU A 1 133 ? 8.405   4.610   -11.600 1.00 34.71 ? 132 LEU A C   1 
ATOM   1082 O  O   . LEU A 1 133 ? 8.921   4.357   -12.737 1.00 35.33 ? 132 LEU A O   1 
ATOM   1083 C  CB  . LEU A 1 133 ? 5.944   5.145   -11.298 1.00 37.48 ? 132 LEU A CB  1 
ATOM   1084 C  CG  . LEU A 1 133 ? 5.772   5.863   -12.637 1.00 42.26 ? 132 LEU A CG  1 
ATOM   1085 C  CD1 . LEU A 1 133 ? 4.925   5.014   -13.557 1.00 55.37 ? 132 LEU A CD1 1 
ATOM   1086 C  CD2 . LEU A 1 133 ? 5.080   7.239   -12.362 1.00 44.52 ? 132 LEU A CD2 1 
ATOM   1087 N  N   . ASP A 1 134 ? 9.023   5.349   -10.688 1.00 34.91 ? 133 ASP A N   1 
ATOM   1088 C  CA  . ASP A 1 134 ? 10.375  5.882   -10.937 1.00 34.69 ? 133 ASP A CA  1 
ATOM   1089 C  C   . ASP A 1 134 ? 11.379  4.741   -11.166 1.00 37.44 ? 133 ASP A C   1 
ATOM   1090 O  O   . ASP A 1 134 ? 12.224  4.841   -12.046 1.00 32.86 ? 133 ASP A O   1 
ATOM   1091 C  CB  . ASP A 1 134 ? 10.883  6.722   -9.784  1.00 37.99 ? 133 ASP A CB  1 
ATOM   1092 C  CG  . ASP A 1 134 ? 10.178  8.048   -9.655  1.00 46.54 ? 133 ASP A CG  1 
ATOM   1093 O  OD1 . ASP A 1 134 ? 9.490   8.478   -10.625 1.00 45.76 ? 133 ASP A OD1 1 
ATOM   1094 O  OD2 . ASP A 1 134 ? 10.352  8.674   -8.555  1.00 43.27 ? 133 ASP A OD2 1 
ATOM   1095 N  N   . TYR A 1 135 ? 11.280  3.672   -10.386 1.00 32.72 ? 134 TYR A N   1 
ATOM   1096 C  CA  . TYR A 1 135 ? 12.170  2.546   -10.560 1.00 32.80 ? 134 TYR A CA  1 
ATOM   1097 C  C   . TYR A 1 135 ? 12.016  1.934   -11.955 1.00 34.67 ? 134 TYR A C   1 
ATOM   1098 O  O   . TYR A 1 135 ? 13.017  1.636   -12.609 1.00 34.94 ? 134 TYR A O   1 
ATOM   1099 C  CB  . TYR A 1 135 ? 11.855  1.429   -9.581  1.00 32.23 ? 134 TYR A CB  1 
ATOM   1100 C  CG  . TYR A 1 135 ? 12.397  1.577   -8.179  1.00 30.85 ? 134 TYR A CG  1 
ATOM   1101 C  CD1 . TYR A 1 135 ? 12.842  2.794   -7.693  1.00 36.03 ? 134 TYR A CD1 1 
ATOM   1102 C  CD2 . TYR A 1 135 ? 12.442  0.477   -7.336  1.00 42.98 ? 134 TYR A CD2 1 
ATOM   1103 C  CE1 . TYR A 1 135 ? 13.290  2.923   -6.380  1.00 33.89 ? 134 TYR A CE1 1 
ATOM   1104 C  CE2 . TYR A 1 135 ? 12.920  0.585   -6.045  1.00 38.75 ? 134 TYR A CE2 1 
ATOM   1105 C  CZ  . TYR A 1 135 ? 13.349  1.806   -5.572  1.00 39.16 ? 134 TYR A CZ  1 
ATOM   1106 O  OH  . TYR A 1 135 ? 13.810  1.900   -4.278  1.00 41.42 ? 134 TYR A OH  1 
ATOM   1107 N  N   . LEU A 1 136 ? 10.771  1.675   -12.359 1.00 32.97 ? 135 LEU A N   1 
ATOM   1108 C  CA  . LEU A 1 136 ? 10.540  1.008   -13.639 1.00 33.06 ? 135 LEU A CA  1 
ATOM   1109 C  C   . LEU A 1 136 ? 11.000  1.928   -14.768 1.00 30.63 ? 135 LEU A C   1 
ATOM   1110 O  O   . LEU A 1 136 ? 11.647  1.488   -15.681 1.00 33.19 ? 135 LEU A O   1 
ATOM   1111 C  CB  . LEU A 1 136 ? 9.059   0.581   -13.797 1.00 32.93 ? 135 LEU A CB  1 
ATOM   1112 C  CG  . LEU A 1 136 ? 8.589   -0.537  -12.848 1.00 35.57 ? 135 LEU A CG  1 
ATOM   1113 C  CD1 . LEU A 1 136 ? 7.138   -0.986  -13.232 1.00 37.77 ? 135 LEU A CD1 1 
ATOM   1114 C  CD2 . LEU A 1 136 ? 9.510   -1.720  -12.696 1.00 34.36 ? 135 LEU A CD2 1 
ATOM   1115 N  N   . ASN A 1 137 ? 10.738  3.226   -14.655 1.00 30.76 ? 136 ASN A N   1 
ATOM   1116 C  CA  . ASN A 1 137 ? 11.236  4.175   -15.654 1.00 34.37 ? 136 ASN A CA  1 
ATOM   1117 C  C   . ASN A 1 137 ? 12.766  4.295   -15.666 1.00 33.32 ? 136 ASN A C   1 
ATOM   1118 O  O   . ASN A 1 137 ? 13.381  4.414   -16.740 1.00 33.89 ? 136 ASN A O   1 
ATOM   1119 C  CB  . ASN A 1 137 ? 10.604  5.541   -15.444 1.00 33.48 ? 136 ASN A CB  1 
ATOM   1120 C  CG  . ASN A 1 137 ? 9.180   5.620   -15.984 1.00 35.01 ? 136 ASN A CG  1 
ATOM   1121 O  OD1 . ASN A 1 137 ? 8.831   4.956   -16.967 1.00 39.19 ? 136 ASN A OD1 1 
ATOM   1122 N  ND2 . ASN A 1 137 ? 8.363   6.423   -15.332 1.00 33.87 ? 136 ASN A ND2 1 
ATOM   1123 N  N   . LEU A 1 138 ? 13.396  4.238   -14.502 1.00 31.24 ? 137 LEU A N   1 
ATOM   1124 C  CA  . LEU A 1 138 ? 14.872  4.115   -14.417 1.00 30.61 ? 137 LEU A CA  1 
ATOM   1125 C  C   . LEU A 1 138 ? 15.383  2.872   -15.165 1.00 31.06 ? 137 LEU A C   1 
ATOM   1126 O  O   . LEU A 1 138 ? 16.470  2.875   -15.733 1.00 31.73 ? 137 LEU A O   1 
ATOM   1127 C  CB  . LEU A 1 138 ? 15.333  4.017   -12.976 1.00 33.15 ? 137 LEU A CB  1 
ATOM   1128 C  CG  . LEU A 1 138 ? 15.446  5.366   -12.225 1.00 33.48 ? 137 LEU A CG  1 
ATOM   1129 C  CD1 . LEU A 1 138 ? 15.564  5.186   -10.704 1.00 36.00 ? 137 LEU A CD1 1 
ATOM   1130 C  CD2 . LEU A 1 138 ? 16.584  6.140   -12.719 1.00 31.94 ? 137 LEU A CD2 1 
ATOM   1131 N  N   . LEU A 1 139 ? 14.561  1.820   -15.193 1.00 28.62 ? 138 LEU A N   1 
ATOM   1132 C  CA  . LEU A 1 139 ? 14.919  0.577   -15.853 1.00 33.49 ? 138 LEU A CA  1 
ATOM   1133 C  C   . LEU A 1 139 ? 14.497  0.555   -17.331 1.00 33.47 ? 138 LEU A C   1 
ATOM   1134 O  O   . LEU A 1 139 ? 14.532  -0.486  -17.955 1.00 33.64 ? 138 LEU A O   1 
ATOM   1135 C  CB  . LEU A 1 139 ? 14.338  -0.612  -15.075 1.00 31.48 ? 138 LEU A CB  1 
ATOM   1136 C  CG  . LEU A 1 139 ? 14.960  -0.883  -13.690 1.00 37.96 ? 138 LEU A CG  1 
ATOM   1137 C  CD1 . LEU A 1 139 ? 14.119  -1.892  -12.850 1.00 35.27 ? 138 LEU A CD1 1 
ATOM   1138 C  CD2 . LEU A 1 139 ? 16.406  -1.363  -13.809 1.00 34.29 ? 138 LEU A CD2 1 
ATOM   1139 N  N   . GLY A 1 140 ? 14.083  1.694   -17.885 1.00 33.94 ? 139 GLY A N   1 
ATOM   1140 C  CA  . GLY A 1 140 ? 13.764  1.773   -19.318 1.00 34.17 ? 139 GLY A CA  1 
ATOM   1141 C  C   . GLY A 1 140 ? 12.380  1.313   -19.721 1.00 32.99 ? 139 GLY A C   1 
ATOM   1142 O  O   . GLY A 1 140 ? 12.122  1.118   -20.892 1.00 33.45 ? 139 GLY A O   1 
ATOM   1143 N  N   . TYR A 1 141 ? 11.443  1.189   -18.794 1.00 33.29 ? 140 TYR A N   1 
ATOM   1144 C  CA  . TYR A 1 141 ? 10.121  0.715   -19.157 1.00 33.65 ? 140 TYR A CA  1 
ATOM   1145 C  C   . TYR A 1 141 ? 9.266   1.808   -19.849 1.00 37.67 ? 140 TYR A C   1 
ATOM   1146 O  O   . TYR A 1 141 ? 8.251   1.496   -20.473 1.00 39.81 ? 140 TYR A O   1 
ATOM   1147 C  CB  . TYR A 1 141 ? 9.354   0.249   -17.922 1.00 35.76 ? 140 TYR A CB  1 
ATOM   1148 C  CG  . TYR A 1 141 ? 9.737   -1.093  -17.335 1.00 35.20 ? 140 TYR A CG  1 
ATOM   1149 C  CD1 . TYR A 1 141 ? 11.028  -1.359  -16.887 1.00 34.71 ? 140 TYR A CD1 1 
ATOM   1150 C  CD2 . TYR A 1 141 ? 8.776   -2.090  -17.176 1.00 42.77 ? 140 TYR A CD2 1 
ATOM   1151 C  CE1 . TYR A 1 141 ? 11.364  -2.601  -16.322 1.00 35.46 ? 140 TYR A CE1 1 
ATOM   1152 C  CE2 . TYR A 1 141 ? 9.086   -3.319  -16.605 1.00 42.44 ? 140 TYR A CE2 1 
ATOM   1153 C  CZ  . TYR A 1 141 ? 10.386  -3.572  -16.176 1.00 36.69 ? 140 TYR A CZ  1 
ATOM   1154 O  OH  . TYR A 1 141 ? 10.683  -4.787  -15.609 1.00 40.28 ? 140 TYR A OH  1 
ATOM   1155 N  N   . ASP A 1 142 ? 9.605   3.087   -19.679 1.00 39.31 ? 141 ASP A N   1 
ATOM   1156 C  CA  . ASP A 1 142 ? 8.901   4.167   -20.388 1.00 42.54 ? 141 ASP A CA  1 
ATOM   1157 C  C   . ASP A 1 142 ? 7.375   4.048   -20.197 1.00 44.92 ? 141 ASP A C   1 
ATOM   1158 O  O   . ASP A 1 142 ? 6.602   3.972   -21.163 1.00 43.03 ? 141 ASP A O   1 
ATOM   1159 C  CB  . ASP A 1 142 ? 9.291   4.116   -21.889 1.00 49.00 ? 141 ASP A CB  1 
ATOM   1160 C  CG  . ASP A 1 142 ? 8.755   5.301   -22.697 1.00 56.52 ? 141 ASP A CG  1 
ATOM   1161 O  OD1 . ASP A 1 142 ? 8.114   6.206   -22.114 1.00 63.78 ? 141 ASP A OD1 1 
ATOM   1162 O  OD2 . ASP A 1 142 ? 9.009   5.325   -23.926 1.00 57.81 ? 141 ASP A OD2 1 
ATOM   1163 N  N   . ILE A 1 143 ? 6.941   4.035   -18.949 1.00 44.32 ? 142 ILE A N   1 
ATOM   1164 C  CA  . ILE A 1 143 ? 5.522   3.728   -18.643 1.00 46.18 ? 142 ILE A CA  1 
ATOM   1165 C  C   . ILE A 1 143 ? 4.523   4.775   -19.147 1.00 54.72 ? 142 ILE A C   1 
ATOM   1166 O  O   . ILE A 1 143 ? 4.679   5.975   -18.910 1.00 54.55 ? 142 ILE A O   1 
ATOM   1167 C  CB  . ILE A 1 143 ? 5.336   3.423   -17.143 1.00 46.46 ? 142 ILE A CB  1 
ATOM   1168 C  CG1 . ILE A 1 143 ? 5.950   2.025   -16.866 1.00 43.13 ? 142 ILE A CG1 1 
ATOM   1169 C  CG2 . ILE A 1 143 ? 3.823   3.530   -16.677 1.00 40.45 ? 142 ILE A CG2 1 
ATOM   1170 C  CD1 . ILE A 1 143 ? 6.676   1.955   -15.620 1.00 47.80 ? 142 ILE A CD1 1 
ATOM   1171 N  N   . LYS A 1 144 ? 3.491   4.289   -19.854 1.00 61.45 ? 143 LYS A N   1 
ATOM   1172 C  CA  . LYS A 1 144 ? 2.461   5.131   -20.457 1.00 68.16 ? 143 LYS A CA  1 
ATOM   1173 C  C   . LYS A 1 144 ? 1.064   4.799   -19.867 1.00 71.60 ? 143 LYS A C   1 
ATOM   1174 O  O   . LYS A 1 144 ? 0.060   4.783   -20.590 1.00 74.22 ? 143 LYS A O   1 
ATOM   1175 C  CB  . LYS A 1 144 ? 2.449   4.963   -21.991 1.00 67.98 ? 143 LYS A CB  1 
ATOM   1176 C  CG  . LYS A 1 144 ? 3.830   5.057   -22.716 1.00 70.46 ? 143 LYS A CG  1 
ATOM   1177 C  CD  . LYS A 1 144 ? 4.430   6.465   -22.705 1.00 66.15 ? 143 LYS A CD  1 
ATOM   1178 N  N   . LEU A 1 145 ? 1.011   4.559   -18.557 1.00 73.81 ? 144 LEU A N   1 
ATOM   1179 C  CA  . LEU A 1 145 ? -0.228  4.201   -17.837 1.00 74.94 ? 144 LEU A CA  1 
ATOM   1180 C  C   . LEU A 1 145 ? -0.858  5.480   -17.270 1.00 78.22 ? 144 LEU A C   1 
ATOM   1181 O  O   . LEU A 1 145 ? -0.169  6.262   -16.606 1.00 79.43 ? 144 LEU A O   1 
ATOM   1182 C  CB  . LEU A 1 145 ? 0.121   3.263   -16.670 1.00 75.84 ? 144 LEU A CB  1 
ATOM   1183 C  CG  . LEU A 1 145 ? -0.688  2.015   -16.333 1.00 74.51 ? 144 LEU A CG  1 
ATOM   1184 C  CD1 . LEU A 1 145 ? 0.074   0.745   -16.764 1.00 65.06 ? 144 LEU A CD1 1 
ATOM   1185 C  CD2 . LEU A 1 145 ? -0.882  2.018   -14.847 1.00 69.73 ? 144 LEU A CD2 1 
ATOM   1186 N  N   . ASP A 1 146 ? -2.147  5.705   -17.510 1.00 80.25 ? 145 ASP A N   1 
ATOM   1187 C  CA  . ASP A 1 146 ? -2.814  6.875   -16.933 1.00 80.39 ? 145 ASP A CA  1 
ATOM   1188 C  C   . ASP A 1 146 ? -2.912  6.722   -15.393 1.00 79.05 ? 145 ASP A C   1 
ATOM   1189 O  O   . ASP A 1 146 ? -3.678  5.904   -14.872 1.00 77.81 ? 145 ASP A O   1 
ATOM   1190 C  CB  . ASP A 1 146 ? -4.204  7.102   -17.571 1.00 82.69 ? 145 ASP A CB  1 
ATOM   1191 C  CG  . ASP A 1 146 ? -4.804  8.488   -17.235 1.00 85.84 ? 145 ASP A CG  1 
ATOM   1192 O  OD1 . ASP A 1 146 ? -4.358  9.125   -16.242 1.00 96.19 ? 145 ASP A OD1 1 
ATOM   1193 O  OD2 . ASP A 1 146 ? -5.732  8.935   -17.963 1.00 96.33 ? 145 ASP A OD2 1 
ATOM   1194 N  N   . LEU A 1 147 ? -2.129  7.535   -14.690 1.00 78.36 ? 146 LEU A N   1 
ATOM   1195 C  CA  . LEU A 1 147 ? -1.965  7.443   -13.227 1.00 78.67 ? 146 LEU A CA  1 
ATOM   1196 C  C   . LEU A 1 147 ? -3.002  8.253   -12.433 1.00 76.64 ? 146 LEU A C   1 
ATOM   1197 O  O   . LEU A 1 147 ? -3.156  8.074   -11.224 1.00 69.83 ? 146 LEU A O   1 
ATOM   1198 C  CB  . LEU A 1 147 ? -0.552  7.913   -12.830 1.00 79.44 ? 146 LEU A CB  1 
ATOM   1199 C  CG  . LEU A 1 147 ? 0.663   7.242   -13.492 1.00 74.20 ? 146 LEU A CG  1 
ATOM   1200 C  CD1 . LEU A 1 147 ? 1.890   7.980   -13.014 1.00 70.75 ? 146 LEU A CD1 1 
ATOM   1201 C  CD2 . LEU A 1 147 ? 0.758   5.748   -13.191 1.00 61.63 ? 146 LEU A CD2 1 
ATOM   1202 N  N   . PHE A 1 148 ? -3.672  9.170   -13.123 1.00 79.22 ? 147 PHE A N   1 
ATOM   1203 C  CA  . PHE A 1 148 ? -4.776  9.945   -12.570 1.00 81.23 ? 147 PHE A CA  1 
ATOM   1204 C  C   . PHE A 1 148 ? -5.862  9.995   -13.650 1.00 83.55 ? 147 PHE A C   1 
ATOM   1205 O  O   . PHE A 1 148 ? -6.986  10.442  -13.411 1.00 88.11 ? 147 PHE A O   1 
ATOM   1206 C  CB  . PHE A 1 148 ? -4.314  11.366  -12.191 1.00 79.73 ? 147 PHE A CB  1 
ATOM   1207 C  CG  . PHE A 1 148 ? -3.335  11.420  -11.022 1.00 82.29 ? 147 PHE A CG  1 
ATOM   1208 C  CD1 . PHE A 1 148 ? -3.801  11.508  -9.695  1.00 78.35 ? 147 PHE A CD1 1 
ATOM   1209 C  CD2 . PHE A 1 148 ? -1.943  11.401  -11.248 1.00 76.43 ? 147 PHE A CD2 1 
ATOM   1210 C  CE1 . PHE A 1 148 ? -2.903  11.569  -8.640  1.00 69.69 ? 147 PHE A CE1 1 
ATOM   1211 C  CE2 . PHE A 1 148 ? -1.046  11.456  -10.192 1.00 63.06 ? 147 PHE A CE2 1 
ATOM   1212 C  CZ  . PHE A 1 148 ? -1.519  11.532  -8.887  1.00 69.38 ? 147 PHE A CZ  1 
HETATM 1213 NI NI  . NI  B 2 .   ? 6.388   3.172   3.403   1.00 30.62 ? 149 NI  A NI  1 
HETATM 1214 CL CL  . CL  C 3 .   ? 13.188  2.922   0.273   1.00 55.56 ? 150 CL  A CL  1 
HETATM 1215 CL CL  . CL  D 3 .   ? -11.193 -3.719  -7.685  1.00 77.43 ? 151 CL  A CL  1 
HETATM 1216 CL CL  . CL  E 3 .   ? 6.854   4.955   3.863   1.00 52.09 ? 152 CL  A CL  1 
HETATM 1217 O  O   . HOH F 4 .   ? 6.498   2.897   5.458   1.00 31.86 ? 153 HOH A O   1 
HETATM 1218 O  O   . HOH F 4 .   ? 7.449   4.909   6.762   1.00 64.65 ? 154 HOH A O   1 
HETATM 1219 O  O   . HOH F 4 .   ? 8.620   2.878   3.486   1.00 30.69 ? 155 HOH A O   1 
HETATM 1220 O  O   . HOH F 4 .   ? -6.444  13.985  11.431  1.00 32.09 ? 156 HOH A O   1 
HETATM 1221 O  O   . HOH F 4 .   ? 1.552   7.778   -7.069  1.00 30.18 ? 157 HOH A O   1 
HETATM 1222 O  O   . HOH F 4 .   ? -1.668  9.186   10.767  1.00 34.46 ? 158 HOH A O   1 
HETATM 1223 O  O   . HOH F 4 .   ? -1.814  -2.345  0.308   1.00 38.28 ? 159 HOH A O   1 
HETATM 1224 O  O   . HOH F 4 .   ? -6.411  9.798   -8.094  1.00 39.02 ? 160 HOH A O   1 
HETATM 1225 O  O   . HOH F 4 .   ? 10.674  4.759   2.193   1.00 39.11 ? 161 HOH A O   1 
HETATM 1226 O  O   . HOH F 4 .   ? -16.741 10.144  -7.053  1.00 40.36 ? 162 HOH A O   1 
HETATM 1227 O  O   . HOH F 4 .   ? 6.895   9.119   -10.258 1.00 42.32 ? 163 HOH A O   1 
HETATM 1228 O  O   . HOH F 4 .   ? -9.445  14.043  11.574  1.00 30.85 ? 164 HOH A O   1 
HETATM 1229 O  O   . HOH F 4 .   ? 16.988  0.865   -5.312  1.00 43.05 ? 165 HOH A O   1 
HETATM 1230 O  O   . HOH F 4 .   ? -17.984 13.788  3.321   1.00 43.57 ? 166 HOH A O   1 
HETATM 1231 O  O   . HOH F 4 .   ? 18.367  4.688   -16.069 1.00 42.94 ? 167 HOH A O   1 
HETATM 1232 O  O   . HOH F 4 .   ? -4.070  6.784   16.713  1.00 43.92 ? 168 HOH A O   1 
HETATM 1233 O  O   . HOH F 4 .   ? -10.383 9.304   -10.272 1.00 44.41 ? 169 HOH A O   1 
HETATM 1234 O  O   . HOH F 4 .   ? 11.948  4.812   -19.130 1.00 45.33 ? 170 HOH A O   1 
HETATM 1235 O  O   . HOH F 4 .   ? -11.757 4.652   -8.740  1.00 45.62 ? 171 HOH A O   1 
HETATM 1236 O  O   . HOH F 4 .   ? -11.314 8.945   15.563  1.00 45.07 ? 172 HOH A O   1 
HETATM 1237 O  O   . HOH F 4 .   ? -16.377 6.123   -4.894  1.00 44.66 ? 173 HOH A O   1 
HETATM 1238 O  O   . HOH F 4 .   ? 0.315   0.325   16.718  1.00 44.60 ? 174 HOH A O   1 
HETATM 1239 O  O   . HOH F 4 .   ? 9.001   8.508   -13.317 1.00 46.07 ? 175 HOH A O   1 
HETATM 1240 O  O   . HOH F 4 .   ? 20.572  4.802   -11.541 1.00 50.44 ? 176 HOH A O   1 
HETATM 1241 O  O   . HOH F 4 .   ? 3.200   0.074   6.258   1.00 48.02 ? 177 HOH A O   1 
HETATM 1242 O  O   . HOH F 4 .   ? 0.712   9.844   10.502  1.00 50.40 ? 178 HOH A O   1 
HETATM 1243 O  O   . HOH F 4 .   ? -0.063  -4.480  -16.694 1.00 48.21 ? 179 HOH A O   1 
HETATM 1244 O  O   . HOH F 4 .   ? 7.204   -5.037  -19.186 1.00 50.69 ? 180 HOH A O   1 
HETATM 1245 O  O   . HOH F 4 .   ? 0.573   11.961  16.965  1.00 49.59 ? 181 HOH A O   1 
HETATM 1246 O  O   . HOH F 4 .   ? 10.004  -3.840  2.269   1.00 51.99 ? 182 HOH A O   1 
HETATM 1247 O  O   . HOH F 4 .   ? 10.309  6.094   -0.772  1.00 49.46 ? 183 HOH A O   1 
HETATM 1248 O  O   . HOH F 4 .   ? 16.183  -9.942  -10.120 1.00 50.47 ? 184 HOH A O   1 
HETATM 1249 O  O   . HOH F 4 .   ? -22.214 8.808   -1.038  1.00 54.63 ? 185 HOH A O   1 
HETATM 1250 O  O   . HOH F 4 .   ? 3.717   -9.966  4.594   1.00 51.02 ? 186 HOH A O   1 
HETATM 1251 O  O   . HOH F 4 .   ? -11.644 7.233   -10.946 1.00 52.59 ? 187 HOH A O   1 
HETATM 1252 O  O   . HOH F 4 .   ? -12.386 10.367  12.335  1.00 47.21 ? 188 HOH A O   1 
HETATM 1253 O  O   . HOH F 4 .   ? 5.307   -6.408  20.810  1.00 53.00 ? 189 HOH A O   1 
HETATM 1254 O  O   . HOH F 4 .   ? -5.703  -3.236  -12.552 1.00 54.70 ? 190 HOH A O   1 
HETATM 1255 O  O   . HOH F 4 .   ? 5.834   6.702   -16.964 1.00 55.17 ? 191 HOH A O   1 
HETATM 1256 O  O   . HOH F 4 .   ? -6.393  -9.539  5.254   1.00 53.66 ? 192 HOH A O   1 
HETATM 1257 O  O   . HOH F 4 .   ? 1.408   -10.872 3.686   1.00 55.69 ? 193 HOH A O   1 
HETATM 1258 O  O   . HOH F 4 .   ? 3.153   4.357   7.873   1.00 58.38 ? 194 HOH A O   1 
HETATM 1259 O  O   . HOH F 4 .   ? 1.407   -13.174 2.533   1.00 59.15 ? 195 HOH A O   1 
HETATM 1260 O  O   . HOH F 4 .   ? -2.708  -5.212  -15.747 1.00 58.92 ? 196 HOH A O   1 
HETATM 1261 O  O   . HOH F 4 .   ? 14.670  -8.350  -3.460  1.00 61.47 ? 197 HOH A O   1 
HETATM 1262 O  O   . HOH F 4 .   ? -1.024  -12.981 -7.480  1.00 58.04 ? 198 HOH A O   1 
HETATM 1263 O  O   . HOH F 4 .   ? -14.682 4.427   8.820   1.00 59.86 ? 199 HOH A O   1 
HETATM 1264 O  O   . HOH F 4 .   ? 22.050  0.674   -6.875  1.00 57.79 ? 200 HOH A O   1 
HETATM 1265 O  O   . HOH F 4 .   ? -7.569  -6.514  -13.406 1.00 58.21 ? 201 HOH A O   1 
HETATM 1266 O  O   . HOH F 4 .   ? -8.649  -8.745  3.670   1.00 56.34 ? 202 HOH A O   1 
HETATM 1267 O  O   . HOH F 4 .   ? -16.906 7.736   -7.175  1.00 60.69 ? 203 HOH A O   1 
HETATM 1268 O  O   . HOH F 4 .   ? 14.629  -8.992  -0.636  1.00 61.26 ? 204 HOH A O   1 
HETATM 1269 O  O   . HOH F 4 .   ? 5.711   -8.735  3.952   1.00 63.30 ? 205 HOH A O   1 
HETATM 1270 O  O   . HOH F 4 .   ? 2.366   6.622   -16.981 1.00 61.01 ? 206 HOH A O   1 
HETATM 1271 O  O   . HOH F 4 .   ? 2.738   -8.745  21.316  1.00 67.57 ? 207 HOH A O   1 
HETATM 1272 O  O   . HOH F 4 .   ? -20.222 6.425   8.153   1.00 61.20 ? 208 HOH A O   1 
HETATM 1273 O  O   . HOH F 4 .   ? 1.078   -11.703 -8.411  1.00 64.71 ? 209 HOH A O   1 
HETATM 1274 O  O   . HOH F 4 .   ? -10.387 -3.464  -11.406 1.00 64.50 ? 210 HOH A O   1 
HETATM 1275 O  O   . HOH F 4 .   ? -18.491 -1.016  13.729  1.00 64.02 ? 211 HOH A O   1 
HETATM 1276 O  O   . HOH F 4 .   ? -8.457  -6.717  11.991  1.00 70.70 ? 212 HOH A O   1 
HETATM 1277 O  O   . HOH F 4 .   ? -6.462  -11.862 -2.086  1.00 68.78 ? 213 HOH A O   1 
HETATM 1278 O  O   . HOH F 4 .   ? -12.270 -5.548  -3.544  1.00 74.98 ? 214 HOH A O   1 
HETATM 1279 O  O   . HOH F 4 .   ? -8.572  8.574   -18.037 1.00 76.11 ? 215 HOH A O   1 
HETATM 1280 O  O   . HOH F 4 .   ? -12.841 2.282   -6.356  1.00 48.19 ? 216 HOH A O   1 
HETATM 1281 O  O   . HOH F 4 .   ? -2.787  5.368   -20.152 1.00 71.51 ? 217 HOH A O   1 
# 
